data_6PUK
#
_entry.id   6PUK
#
_cell.length_a   217.055
_cell.length_b   69.688
_cell.length_c   143.319
_cell.angle_alpha   90.000
_cell.angle_beta   104.352
_cell.angle_gamma   90.000
#
_symmetry.space_group_name_H-M   'C 1 2 1'
#
loop_
_entity.id
_entity.type
_entity.pdbx_description
1 polymer 'Major histocompatibility complex class I-related gene protein'
2 polymer 'TRA@ protein'
3 polymer 'Human TCR beta chain'
4 polymer Beta-2-microglobulin
5 non-polymer GLYCEROL
6 non-polymer 1,2-dideoxy-1-{2,6-dioxo-5-[(1E)-3-oxobut-1-en-1-yl]-1,2,3,6-tetrahydropyrimidin-4-yl}-D-ribo-hexitol
7 non-polymer 'ACETATE ION'
8 non-polymer 'SODIUM ION'
9 water water
#
loop_
_entity_poly.entity_id
_entity_poly.type
_entity_poly.pdbx_seq_one_letter_code
_entity_poly.pdbx_strand_id
1 'polypeptide(L)'
;MRTHSLRYFRLGVSDPIHGVPEFISVGYVDSHPITTYDSVTRQKEPRAPWMAENLAPDHWERYTQLLRGWQQMFKVELKR
LQRHYNHSGSHTYQRMIGCELLEDGSTTGFLQYAYDGQDFLIFNKDTLSWLAVDNVAHTIKQAWEANQHELLYQKNWLEE
ECIAWLKRFLEYGKDTLQRTEPPLVRVNRKETFPGVTALFCKAHGFYPPEIYMTWMKNGEEIVQEIDYGDILPSGDGTYQ
AWASIELDPQSSNLYSCHVEHSGVHMVLQVP
;
A,C
2 'polypeptide(L)'
;MGQNIDQPTEMTATEGAIVQINCTYQTSGFNGLFWYQQHAGEAPTFLSYNVLDGLEEKGRFSSFLSRSKGYSYLLLKELQ
MKDSASYLCAVKDSNYQLIWGAGTKLIIKPDIQNPDPAVYQLRDSKSSDKSVCLFTDFDSQTNVSQSKDSDVYITDKCVL
DMRSMDFKSNSAVAWSNKSDFACANAFNNSIIPEDTFFPSPESS
;
B,D
3 'polypeptide(L)'
;MNAGVTQTPKFQVLKTGQSMTLQCAQDMNHNSMYWYRQDPGMGLRLIYYSASEGTTDKGEVPNGYNVSRLNKREFSLRLE
SAAPSQTSVYFCASSVWTGEGSGELFFGEGSRLTVLEDLKNVFPPEVAVFEPSEAEISHTQKATLVCLATGFYPDHVELS
WWVNGKEVHSGVCTDPQPLKEQPALNDSRYALSSRLRVSATFWQNPRNHFRCQVQFYGLSENDEWTQDRAKPVTQIVSAE
AWGRAD
;
E,G
4 'polypeptide(L)'
;MIQRTPKIQVYSRHPAENGKSNFLNCYVSGFHPSDIEVDLLKNGERIEKVEHSDLSFSKDWSFYLLYYTEFTPTEKDEYA
CRVNHVTLSQPKIVKWDRDM
;
F,H
#
# COMPACT_ATOMS: atom_id res chain seq x y z
N MET A 1 15.89 -63.04 -14.02
CA MET A 1 15.68 -62.46 -15.34
C MET A 1 16.99 -62.39 -16.13
N ARG A 2 16.87 -62.09 -17.42
CA ARG A 2 18.05 -61.79 -18.22
C ARG A 2 18.58 -60.40 -17.87
N THR A 3 19.69 -60.03 -18.50
CA THR A 3 20.24 -58.69 -18.31
C THR A 3 19.37 -57.66 -19.00
N HIS A 4 19.05 -56.57 -18.29
CA HIS A 4 18.27 -55.48 -18.83
C HIS A 4 18.97 -54.16 -18.54
N SER A 5 18.65 -53.15 -19.35
CA SER A 5 19.29 -51.85 -19.21
C SER A 5 18.31 -50.73 -19.54
N LEU A 6 18.57 -49.56 -18.97
CA LEU A 6 17.86 -48.34 -19.27
C LEU A 6 18.87 -47.28 -19.65
N ARG A 7 18.64 -46.57 -20.75
CA ARG A 7 19.56 -45.57 -21.25
CA ARG A 7 19.55 -45.54 -21.18
C ARG A 7 18.78 -44.38 -21.79
N TYR A 8 19.33 -43.18 -21.59
CA TYR A 8 18.79 -41.95 -22.15
C TYR A 8 19.88 -41.27 -22.97
N PHE A 9 19.54 -40.86 -24.19
CA PHE A 9 20.44 -40.16 -25.07
C PHE A 9 19.99 -38.71 -25.26
N ARG A 10 20.96 -37.82 -25.45
CA ARG A 10 20.70 -36.45 -25.86
C ARG A 10 21.59 -36.12 -27.05
N LEU A 11 21.02 -35.43 -28.03
CA LEU A 11 21.76 -35.01 -29.21
C LEU A 11 21.55 -33.52 -29.43
N GLY A 12 22.64 -32.78 -29.55
CA GLY A 12 22.57 -31.36 -29.85
C GLY A 12 23.36 -31.00 -31.10
N VAL A 13 22.76 -30.21 -31.98
CA VAL A 13 23.39 -29.76 -33.21
C VAL A 13 23.42 -28.24 -33.21
N SER A 14 24.58 -27.67 -33.58
CA SER A 14 24.79 -26.23 -33.38
C SER A 14 24.18 -25.40 -34.51
N ASP A 15 24.31 -25.85 -35.75
CA ASP A 15 23.81 -25.10 -36.91
C ASP A 15 23.05 -26.06 -37.81
N PRO A 16 21.87 -26.52 -37.39
CA PRO A 16 21.18 -27.59 -38.10
C PRO A 16 20.56 -27.13 -39.41
N ILE A 17 20.47 -28.08 -40.34
CA ILE A 17 19.73 -27.86 -41.58
C ILE A 17 18.28 -27.50 -41.26
N HIS A 18 17.69 -26.65 -42.10
CA HIS A 18 16.31 -26.21 -41.94
C HIS A 18 15.37 -27.40 -41.70
N GLY A 19 14.55 -27.29 -40.66
CA GLY A 19 13.61 -28.33 -40.31
C GLY A 19 14.15 -29.42 -39.41
N VAL A 20 15.47 -29.55 -39.32
CA VAL A 20 16.10 -30.58 -38.48
C VAL A 20 16.23 -30.04 -37.06
N PRO A 21 15.83 -30.80 -36.04
CA PRO A 21 15.87 -30.28 -34.67
C PRO A 21 17.29 -30.08 -34.18
N GLU A 22 17.49 -29.03 -33.39
CA GLU A 22 18.79 -28.82 -32.76
C GLU A 22 18.96 -29.66 -31.51
N PHE A 23 17.89 -30.26 -30.98
CA PHE A 23 17.97 -31.05 -29.76
C PHE A 23 17.01 -32.22 -29.86
N ILE A 24 17.49 -33.42 -29.51
CA ILE A 24 16.68 -34.63 -29.49
C ILE A 24 17.07 -35.43 -28.25
N SER A 25 16.09 -36.00 -27.56
CA SER A 25 16.34 -36.86 -26.41
C SER A 25 15.43 -38.08 -26.49
N VAL A 26 16.03 -39.28 -26.45
CA VAL A 26 15.31 -40.54 -26.57
C VAL A 26 15.78 -41.48 -25.46
N GLY A 27 14.83 -42.17 -24.83
CA GLY A 27 15.13 -43.20 -23.84
C GLY A 27 14.93 -44.59 -24.40
N TYR A 28 15.69 -45.55 -23.87
CA TYR A 28 15.61 -46.95 -24.30
C TYR A 28 15.55 -47.87 -23.11
N VAL A 29 14.80 -48.97 -23.25
CA VAL A 29 14.89 -50.12 -22.37
C VAL A 29 15.32 -51.29 -23.26
N ASP A 30 16.53 -51.80 -23.02
CA ASP A 30 17.17 -52.78 -23.91
C ASP A 30 17.23 -52.15 -25.29
N SER A 31 16.68 -52.77 -26.33
CA SER A 31 16.71 -52.19 -27.66
CA SER A 31 16.69 -52.21 -27.68
C SER A 31 15.41 -51.45 -28.01
N HIS A 32 14.49 -51.32 -27.07
CA HIS A 32 13.20 -50.70 -27.34
C HIS A 32 13.22 -49.23 -26.99
N PRO A 33 12.89 -48.34 -27.92
CA PRO A 33 12.65 -46.94 -27.53
C PRO A 33 11.41 -46.84 -26.67
N ILE A 34 11.47 -45.97 -25.66
CA ILE A 34 10.36 -45.80 -24.71
C ILE A 34 9.85 -44.37 -24.68
N THR A 35 10.72 -43.38 -24.85
CA THR A 35 10.34 -41.98 -24.77
C THR A 35 11.07 -41.20 -25.86
N THR A 36 10.48 -40.06 -26.25
CA THR A 36 11.11 -39.20 -27.23
C THR A 36 10.75 -37.74 -26.94
N TYR A 37 11.69 -36.86 -27.27
CA TYR A 37 11.53 -35.42 -27.14
C TYR A 37 12.46 -34.75 -28.13
N ASP A 38 12.01 -33.63 -28.69
CA ASP A 38 12.88 -32.83 -29.55
C ASP A 38 12.48 -31.35 -29.45
N SER A 39 13.34 -30.50 -30.01
CA SER A 39 13.13 -29.07 -29.97
C SER A 39 12.01 -28.59 -30.89
N VAL A 40 11.50 -29.46 -31.76
CA VAL A 40 10.38 -29.09 -32.63
C VAL A 40 9.05 -29.34 -31.94
N THR A 41 8.83 -30.55 -31.43
CA THR A 41 7.59 -30.84 -30.73
C THR A 41 7.55 -30.17 -29.37
N ARG A 42 8.70 -30.07 -28.70
CA ARG A 42 8.81 -29.54 -27.33
C ARG A 42 7.89 -30.30 -26.37
N GLN A 43 7.65 -31.58 -26.66
CA GLN A 43 6.81 -32.45 -25.84
C GLN A 43 7.48 -33.79 -25.69
N LYS A 44 7.41 -34.36 -24.48
CA LYS A 44 7.88 -35.71 -24.24
C LYS A 44 6.74 -36.68 -24.52
N GLU A 45 6.97 -37.63 -25.42
CA GLU A 45 5.94 -38.54 -25.86
C GLU A 45 6.41 -39.98 -25.73
N PRO A 46 5.49 -40.91 -25.48
CA PRO A 46 5.88 -42.33 -25.42
C PRO A 46 6.24 -42.86 -26.79
N ARG A 47 7.15 -43.84 -26.79
CA ARG A 47 7.50 -44.56 -28.01
C ARG A 47 7.26 -46.07 -27.85
N ALA A 48 6.66 -46.49 -26.75
CA ALA A 48 6.24 -47.86 -26.54
C ALA A 48 4.83 -47.83 -25.96
N PRO A 49 3.95 -48.71 -26.42
CA PRO A 49 2.56 -48.67 -25.93
C PRO A 49 2.44 -48.94 -24.44
N TRP A 50 3.27 -49.83 -23.89
CA TRP A 50 3.20 -50.12 -22.46
C TRP A 50 3.74 -48.98 -21.61
N MET A 51 4.41 -47.99 -22.21
CA MET A 51 4.78 -46.79 -21.46
C MET A 51 3.59 -45.84 -21.35
N ALA A 52 2.86 -45.65 -22.44
CA ALA A 52 1.72 -44.74 -22.42
C ALA A 52 0.60 -45.25 -21.52
N GLU A 53 0.48 -46.57 -21.38
CA GLU A 53 -0.63 -47.14 -20.63
C GLU A 53 -0.39 -47.15 -19.13
N ASN A 54 0.86 -46.95 -18.69
CA ASN A 54 1.19 -47.05 -17.28
C ASN A 54 1.69 -45.76 -16.67
N LEU A 55 1.90 -44.70 -17.45
CA LEU A 55 2.38 -43.42 -16.95
C LEU A 55 1.29 -42.37 -17.15
N ALA A 56 0.83 -41.79 -16.04
CA ALA A 56 -0.23 -40.80 -16.09
C ALA A 56 0.24 -39.54 -16.82
N PRO A 57 -0.70 -38.73 -17.31
CA PRO A 57 -0.30 -37.48 -18.00
C PRO A 57 0.55 -36.56 -17.14
N ASP A 58 0.40 -36.61 -15.81
CA ASP A 58 1.25 -35.81 -14.93
C ASP A 58 2.73 -36.11 -15.14
N HIS A 59 3.06 -37.38 -15.42
CA HIS A 59 4.45 -37.76 -15.66
C HIS A 59 4.99 -37.10 -16.93
N TRP A 60 4.23 -37.17 -18.03
CA TRP A 60 4.69 -36.59 -19.28
C TRP A 60 4.74 -35.07 -19.22
N GLU A 61 3.80 -34.44 -18.50
CA GLU A 61 3.83 -32.99 -18.38
C GLU A 61 5.04 -32.52 -17.59
N ARG A 62 5.37 -33.23 -16.50
CA ARG A 62 6.50 -32.82 -15.67
C ARG A 62 7.82 -32.92 -16.42
N TYR A 63 8.09 -34.07 -17.04
CA TYR A 63 9.36 -34.25 -17.73
C TYR A 63 9.43 -33.44 -19.02
N THR A 64 8.28 -33.07 -19.60
CA THR A 64 8.31 -32.11 -20.70
C THR A 64 8.92 -30.79 -20.25
N GLN A 65 8.56 -30.32 -19.06
CA GLN A 65 9.14 -29.10 -18.53
C GLN A 65 10.64 -29.26 -18.27
N LEU A 66 11.03 -30.39 -17.69
CA LEU A 66 12.45 -30.62 -17.41
C LEU A 66 13.25 -30.71 -18.70
N LEU A 67 12.67 -31.33 -19.74
CA LEU A 67 13.39 -31.49 -21.00
C LEU A 67 13.54 -30.16 -21.72
N ARG A 68 12.55 -29.27 -21.62
CA ARG A 68 12.72 -27.92 -22.16
C ARG A 68 13.88 -27.20 -21.49
N GLY A 69 14.05 -27.40 -20.18
CA GLY A 69 15.21 -26.85 -19.50
C GLY A 69 16.50 -27.54 -19.90
N TRP A 70 16.47 -28.88 -20.00
CA TRP A 70 17.65 -29.62 -20.43
C TRP A 70 18.03 -29.28 -21.87
N GLN A 71 17.04 -28.97 -22.71
CA GLN A 71 17.33 -28.52 -24.06
C GLN A 71 18.12 -27.22 -24.06
N GLN A 72 17.73 -26.26 -23.22
CA GLN A 72 18.44 -24.98 -23.18
C GLN A 72 19.85 -25.15 -22.64
N MET A 73 20.02 -25.97 -21.59
CA MET A 73 21.35 -26.18 -21.04
C MET A 73 22.27 -26.87 -22.04
N PHE A 74 21.73 -27.82 -22.80
CA PHE A 74 22.52 -28.50 -23.82
C PHE A 74 23.02 -27.51 -24.86
N LYS A 75 22.17 -26.57 -25.24
CA LYS A 75 22.57 -25.55 -26.22
C LYS A 75 23.67 -24.66 -25.66
N VAL A 76 23.58 -24.28 -24.39
CA VAL A 76 24.61 -23.45 -23.78
C VAL A 76 25.93 -24.21 -23.69
N GLU A 77 25.87 -25.50 -23.36
CA GLU A 77 27.09 -26.29 -23.25
C GLU A 77 27.75 -26.49 -24.61
N LEU A 78 26.97 -26.82 -25.64
CA LEU A 78 27.53 -26.96 -26.98
C LEU A 78 28.10 -25.62 -27.46
N LYS A 79 27.39 -24.52 -27.17
CA LYS A 79 27.91 -23.20 -27.49
C LYS A 79 29.27 -22.98 -26.86
N ARG A 80 29.45 -23.45 -25.62
CA ARG A 80 30.72 -23.25 -24.92
C ARG A 80 31.83 -24.12 -25.51
N LEU A 81 31.51 -25.37 -25.84
CA LEU A 81 32.54 -26.26 -26.39
C LEU A 81 33.04 -25.76 -27.74
N GLN A 82 32.12 -25.38 -28.63
CA GLN A 82 32.51 -24.94 -29.96
C GLN A 82 33.31 -23.64 -29.90
N ARG A 83 33.06 -22.80 -28.89
CA ARG A 83 33.89 -21.62 -28.70
C ARG A 83 35.28 -21.99 -28.23
N HIS A 84 35.40 -22.97 -27.32
CA HIS A 84 36.70 -23.36 -26.81
C HIS A 84 37.52 -24.11 -27.87
N TYR A 85 36.85 -24.88 -28.73
CA TYR A 85 37.54 -25.53 -29.85
C TYR A 85 37.84 -24.56 -30.98
N ASN A 86 37.28 -23.35 -30.96
CA ASN A 86 37.43 -22.38 -32.04
C ASN A 86 36.95 -22.96 -33.37
N HIS A 87 35.87 -23.74 -33.31
CA HIS A 87 35.33 -24.44 -34.47
C HIS A 87 34.18 -23.65 -35.08
N SER A 88 34.18 -23.55 -36.40
CA SER A 88 33.08 -22.95 -37.15
C SER A 88 32.22 -24.04 -37.76
N GLY A 89 31.00 -23.66 -38.15
CA GLY A 89 30.09 -24.58 -38.79
C GLY A 89 29.20 -25.31 -37.80
N SER A 90 28.68 -26.45 -38.26
CA SER A 90 27.76 -27.25 -37.48
C SER A 90 28.51 -28.39 -36.80
N HIS A 91 28.29 -28.53 -35.49
CA HIS A 91 28.92 -29.58 -34.70
C HIS A 91 27.89 -30.21 -33.77
N THR A 92 28.19 -31.43 -33.33
CA THR A 92 27.24 -32.23 -32.57
C THR A 92 27.71 -32.42 -31.14
N TYR A 93 26.75 -32.44 -30.22
CA TYR A 93 26.99 -32.66 -28.80
C TYR A 93 26.08 -33.81 -28.36
N GLN A 94 26.64 -34.78 -27.66
CA GLN A 94 25.88 -35.98 -27.32
C GLN A 94 26.14 -36.36 -25.87
N ARG A 95 25.11 -36.96 -25.26
CA ARG A 95 25.16 -37.42 -23.89
C ARG A 95 24.45 -38.76 -23.78
N MET A 96 25.00 -39.66 -22.98
CA MET A 96 24.37 -40.96 -22.73
CA MET A 96 24.39 -40.96 -22.73
C MET A 96 24.51 -41.29 -21.26
N ILE A 97 23.38 -41.57 -20.61
CA ILE A 97 23.34 -41.99 -19.22
C ILE A 97 22.50 -43.24 -19.14
N GLY A 98 22.81 -44.10 -18.18
CA GLY A 98 21.99 -45.28 -17.99
C GLY A 98 22.60 -46.26 -17.01
N CYS A 99 21.94 -47.42 -16.91
CA CYS A 99 22.29 -48.44 -15.94
C CYS A 99 21.91 -49.81 -16.48
N GLU A 100 22.48 -50.85 -15.88
CA GLU A 100 22.17 -52.23 -16.21
C GLU A 100 21.86 -53.01 -14.94
N LEU A 101 20.82 -53.82 -15.00
CA LEU A 101 20.50 -54.80 -13.96
C LEU A 101 20.88 -56.16 -14.52
N LEU A 102 22.01 -56.70 -14.05
CA LEU A 102 22.54 -57.94 -14.59
C LEU A 102 21.75 -59.14 -14.07
N GLU A 103 21.94 -60.28 -14.73
CA GLU A 103 21.19 -61.48 -14.40
C GLU A 103 21.46 -61.95 -12.97
N ASP A 104 22.70 -61.81 -12.50
CA ASP A 104 23.07 -62.25 -11.16
C ASP A 104 22.65 -61.27 -10.08
N GLY A 105 22.03 -60.14 -10.43
CA GLY A 105 21.59 -59.16 -9.46
C GLY A 105 22.50 -57.96 -9.31
N SER A 106 23.72 -58.02 -9.83
CA SER A 106 24.62 -56.88 -9.76
C SER A 106 24.17 -55.80 -10.74
N THR A 107 24.68 -54.59 -10.52
CA THR A 107 24.28 -53.43 -11.30
C THR A 107 25.50 -52.70 -11.85
N THR A 108 25.30 -52.00 -12.97
CA THR A 108 26.30 -51.10 -13.53
C THR A 108 25.64 -49.76 -13.81
N GLY A 109 26.46 -48.73 -13.93
CA GLY A 109 25.97 -47.38 -14.18
C GLY A 109 26.99 -46.55 -14.94
N PHE A 110 26.52 -45.74 -15.88
CA PHE A 110 27.44 -45.03 -16.76
C PHE A 110 26.85 -43.68 -17.17
N LEU A 111 27.74 -42.73 -17.41
CA LEU A 111 27.39 -41.41 -17.91
C LEU A 111 28.59 -40.87 -18.67
N GLN A 112 28.36 -40.42 -19.90
CA GLN A 112 29.46 -39.92 -20.71
C GLN A 112 28.91 -38.95 -21.75
N TYR A 113 29.82 -38.17 -22.34
CA TYR A 113 29.51 -37.15 -23.31
C TYR A 113 30.39 -37.31 -24.53
N ALA A 114 29.93 -36.77 -25.66
CA ALA A 114 30.68 -36.83 -26.90
C ALA A 114 30.57 -35.51 -27.65
N TYR A 115 31.64 -35.18 -28.37
CA TYR A 115 31.69 -34.02 -29.26
C TYR A 115 32.08 -34.51 -30.64
N ASP A 116 31.22 -34.22 -31.63
CA ASP A 116 31.41 -34.71 -33.01
C ASP A 116 31.54 -36.23 -33.04
N GLY A 117 30.71 -36.91 -32.24
CA GLY A 117 30.67 -38.36 -32.27
C GLY A 117 31.84 -39.07 -31.66
N GLN A 118 32.71 -38.35 -30.93
CA GLN A 118 33.86 -38.95 -30.29
C GLN A 118 33.82 -38.68 -28.80
N ASP A 119 34.33 -39.65 -28.01
CA ASP A 119 34.34 -39.52 -26.55
C ASP A 119 34.91 -38.19 -26.12
N PHE A 120 34.23 -37.54 -25.17
CA PHE A 120 34.63 -36.22 -24.69
C PHE A 120 34.86 -36.22 -23.18
N LEU A 121 33.86 -36.63 -22.39
CA LEU A 121 33.98 -36.75 -20.95
C LEU A 121 33.29 -38.02 -20.49
N ILE A 122 33.95 -38.78 -19.63
CA ILE A 122 33.43 -40.05 -19.15
C ILE A 122 33.43 -40.02 -17.62
N PHE A 123 32.28 -40.31 -17.02
CA PHE A 123 32.13 -40.24 -15.57
C PHE A 123 32.50 -41.57 -14.92
N ASN A 124 33.27 -41.47 -13.83
CA ASN A 124 33.62 -42.61 -13.00
C ASN A 124 32.93 -42.41 -11.65
N LYS A 125 31.86 -43.17 -11.41
CA LYS A 125 31.06 -42.99 -10.21
C LYS A 125 31.66 -43.64 -8.98
N ASP A 126 32.79 -44.34 -9.11
CA ASP A 126 33.47 -44.88 -7.96
C ASP A 126 34.57 -43.95 -7.45
N THR A 127 35.37 -43.39 -8.35
CA THR A 127 36.33 -42.37 -7.96
C THR A 127 35.72 -40.97 -7.92
N LEU A 128 34.47 -40.81 -8.39
CA LEU A 128 33.77 -39.54 -8.42
C LEU A 128 34.60 -38.47 -9.12
N SER A 129 34.84 -38.72 -10.41
CA SER A 129 35.68 -37.84 -11.21
C SER A 129 35.32 -38.04 -12.68
N TRP A 130 35.77 -37.09 -13.50
CA TRP A 130 35.52 -37.08 -14.93
C TRP A 130 36.83 -37.31 -15.69
N LEU A 131 36.80 -38.19 -16.67
CA LEU A 131 37.94 -38.44 -17.54
C LEU A 131 37.83 -37.55 -18.78
N ALA A 132 38.85 -36.74 -19.01
CA ALA A 132 38.87 -35.81 -20.13
C ALA A 132 39.76 -36.33 -21.24
N VAL A 133 39.32 -36.15 -22.48
CA VAL A 133 40.06 -36.66 -23.63
C VAL A 133 41.04 -35.63 -24.19
N ASP A 134 40.74 -34.33 -24.07
CA ASP A 134 41.63 -33.28 -24.52
C ASP A 134 41.58 -32.14 -23.51
N ASN A 135 42.15 -31.00 -23.87
CA ASN A 135 42.22 -29.87 -22.96
CA ASN A 135 42.22 -29.86 -22.97
C ASN A 135 40.92 -29.07 -22.90
N VAL A 136 40.09 -29.14 -23.94
CA VAL A 136 38.77 -28.52 -23.85
C VAL A 136 37.91 -29.27 -22.84
N ALA A 137 37.96 -30.60 -22.89
CA ALA A 137 37.28 -31.40 -21.87
C ALA A 137 37.93 -31.23 -20.50
N HIS A 138 39.24 -31.00 -20.45
CA HIS A 138 39.91 -30.78 -19.18
C HIS A 138 39.37 -29.53 -18.48
N THR A 139 39.15 -28.45 -19.24
CA THR A 139 38.58 -27.25 -18.66
C THR A 139 37.18 -27.51 -18.11
N ILE A 140 36.37 -28.28 -18.84
CA ILE A 140 35.04 -28.61 -18.34
C ILE A 140 35.14 -29.52 -17.13
N LYS A 141 36.10 -30.46 -17.15
CA LYS A 141 36.30 -31.34 -16.00
C LYS A 141 36.59 -30.56 -14.74
N GLN A 142 37.43 -29.51 -14.82
CA GLN A 142 37.74 -28.70 -13.65
C GLN A 142 36.50 -28.03 -13.08
N ALA A 143 35.64 -27.50 -13.96
CA ALA A 143 34.46 -26.80 -13.49
C ALA A 143 33.44 -27.77 -12.89
N TRP A 144 33.28 -28.94 -13.50
CA TRP A 144 32.28 -29.89 -12.99
C TRP A 144 32.73 -30.53 -11.69
N GLU A 145 34.03 -30.80 -11.55
CA GLU A 145 34.53 -31.44 -10.34
C GLU A 145 34.62 -30.47 -9.16
N ALA A 146 34.56 -29.16 -9.42
CA ALA A 146 34.47 -28.20 -8.33
C ALA A 146 33.12 -28.25 -7.64
N ASN A 147 32.09 -28.75 -8.33
CA ASN A 147 30.75 -28.91 -7.75
C ASN A 147 30.62 -30.36 -7.29
N GLN A 148 31.21 -30.64 -6.13
CA GLN A 148 31.28 -32.01 -5.64
C GLN A 148 29.89 -32.58 -5.34
N HIS A 149 28.94 -31.73 -4.93
CA HIS A 149 27.61 -32.21 -4.59
C HIS A 149 26.91 -32.80 -5.81
N GLU A 150 27.13 -32.23 -6.99
CA GLU A 150 26.48 -32.76 -8.19
CA GLU A 150 26.48 -32.78 -8.18
C GLU A 150 27.10 -34.10 -8.60
N LEU A 151 28.39 -34.30 -8.31
CA LEU A 151 28.99 -35.61 -8.56
C LEU A 151 28.36 -36.68 -7.68
N LEU A 152 28.12 -36.35 -6.41
CA LEU A 152 27.45 -37.28 -5.51
C LEU A 152 26.03 -37.55 -5.95
N TYR A 153 25.34 -36.51 -6.44
CA TYR A 153 23.99 -36.70 -6.96
C TYR A 153 23.97 -37.68 -8.12
N GLN A 154 24.94 -37.57 -9.03
CA GLN A 154 24.99 -38.46 -10.19
C GLN A 154 25.22 -39.90 -9.77
N LYS A 155 26.08 -40.11 -8.76
CA LYS A 155 26.33 -41.46 -8.28
C LYS A 155 25.06 -42.08 -7.70
N ASN A 156 24.31 -41.31 -6.92
CA ASN A 156 23.07 -41.83 -6.36
C ASN A 156 22.03 -42.11 -7.44
N TRP A 157 21.92 -41.22 -8.43
CA TRP A 157 20.93 -41.46 -9.48
C TRP A 157 21.28 -42.69 -10.30
N LEU A 158 22.56 -42.87 -10.63
CA LEU A 158 22.97 -44.02 -11.42
C LEU A 158 22.77 -45.33 -10.67
N GLU A 159 23.14 -45.37 -9.39
CA GLU A 159 23.12 -46.62 -8.64
C GLU A 159 21.76 -46.92 -8.02
N GLU A 160 20.97 -45.91 -7.69
CA GLU A 160 19.70 -46.11 -7.02
C GLU A 160 18.51 -45.75 -7.89
N GLU A 161 18.43 -44.50 -8.36
CA GLU A 161 17.25 -44.06 -9.09
C GLU A 161 17.11 -44.76 -10.44
N CYS A 162 18.21 -44.84 -11.19
CA CYS A 162 18.17 -45.47 -12.50
C CYS A 162 17.70 -46.92 -12.41
N ILE A 163 18.21 -47.66 -11.42
CA ILE A 163 17.81 -49.06 -11.25
C ILE A 163 16.32 -49.15 -10.90
N ALA A 164 15.83 -48.22 -10.08
CA ALA A 164 14.41 -48.25 -9.72
C ALA A 164 13.53 -47.96 -10.93
N TRP A 165 13.91 -46.98 -11.75
CA TRP A 165 13.17 -46.73 -12.99
C TRP A 165 13.18 -47.95 -13.90
N LEU A 166 14.33 -48.62 -14.00
CA LEU A 166 14.44 -49.79 -14.86
C LEU A 166 13.49 -50.90 -14.42
N LYS A 167 13.52 -51.26 -13.14
CA LYS A 167 12.61 -52.28 -12.63
C LYS A 167 11.15 -51.87 -12.84
N ARG A 168 10.85 -50.57 -12.73
CA ARG A 168 9.50 -50.08 -12.95
C ARG A 168 9.10 -50.26 -14.41
N PHE A 169 9.94 -49.81 -15.34
CA PHE A 169 9.63 -50.00 -16.76
C PHE A 169 9.66 -51.46 -17.16
N LEU A 170 10.47 -52.28 -16.47
CA LEU A 170 10.54 -53.70 -16.78
CA LEU A 170 10.54 -53.70 -16.78
C LEU A 170 9.20 -54.39 -16.51
N GLU A 171 8.53 -54.00 -15.44
CA GLU A 171 7.22 -54.58 -15.13
C GLU A 171 6.16 -54.08 -16.10
N TYR A 172 6.21 -52.81 -16.48
CA TYR A 172 5.24 -52.25 -17.42
C TYR A 172 5.19 -53.05 -18.70
N GLY A 173 6.35 -53.32 -19.30
CA GLY A 173 6.39 -54.04 -20.56
C GLY A 173 6.96 -55.44 -20.48
N LYS A 174 6.63 -56.18 -19.43
CA LYS A 174 7.19 -57.52 -19.26
C LYS A 174 6.70 -58.48 -20.34
N ASP A 175 5.50 -58.27 -20.87
CA ASP A 175 5.01 -59.12 -21.95
C ASP A 175 5.90 -59.01 -23.19
N THR A 176 6.50 -57.84 -23.40
CA THR A 176 7.43 -57.64 -24.51
C THR A 176 8.87 -57.95 -24.11
N LEU A 177 9.31 -57.44 -22.97
CA LEU A 177 10.73 -57.45 -22.63
C LEU A 177 11.19 -58.80 -22.10
N GLN A 178 10.31 -59.56 -21.45
CA GLN A 178 10.71 -60.79 -20.78
C GLN A 178 10.23 -62.04 -21.51
N ARG A 179 9.75 -61.91 -22.74
CA ARG A 179 9.33 -63.07 -23.51
C ARG A 179 10.52 -63.70 -24.22
N THR A 180 10.30 -64.90 -24.75
CA THR A 180 11.34 -65.63 -25.47
C THR A 180 10.74 -66.22 -26.73
N GLU A 181 11.28 -65.82 -27.88
CA GLU A 181 10.93 -66.45 -29.15
C GLU A 181 12.17 -67.15 -29.68
N PRO A 182 12.19 -68.48 -29.75
CA PRO A 182 13.41 -69.17 -30.16
C PRO A 182 13.71 -68.93 -31.62
N PRO A 183 14.97 -69.02 -32.02
CA PRO A 183 15.31 -68.79 -33.44
C PRO A 183 15.02 -70.00 -34.31
N LEU A 184 14.75 -69.72 -35.58
CA LEU A 184 14.70 -70.75 -36.61
C LEU A 184 16.01 -70.71 -37.37
N VAL A 185 16.74 -71.83 -37.35
CA VAL A 185 18.11 -71.89 -37.84
C VAL A 185 18.20 -72.84 -39.02
N ARG A 186 18.90 -72.42 -40.07
CA ARG A 186 19.08 -73.23 -41.27
C ARG A 186 20.49 -73.00 -41.80
N VAL A 187 20.93 -73.91 -42.67
CA VAL A 187 22.24 -73.84 -43.30
C VAL A 187 22.08 -74.01 -44.80
N ASN A 188 22.71 -73.13 -45.58
CA ASN A 188 22.74 -73.25 -47.02
C ASN A 188 24.12 -72.85 -47.53
N ARG A 189 24.39 -73.20 -48.79
CA ARG A 189 25.69 -72.99 -49.41
C ARG A 189 25.59 -71.88 -50.44
N LYS A 190 26.64 -71.07 -50.53
CA LYS A 190 26.69 -69.96 -51.49
C LYS A 190 28.10 -69.87 -52.05
N GLU A 191 28.19 -69.54 -53.34
CA GLU A 191 29.47 -69.41 -54.02
C GLU A 191 29.84 -67.95 -54.24
N THR A 197 32.86 -70.80 -52.39
CA THR A 197 31.90 -71.68 -51.74
C THR A 197 32.02 -71.59 -50.22
N ALA A 198 30.94 -71.21 -49.57
CA ALA A 198 30.93 -71.03 -48.12
C ALA A 198 29.62 -71.55 -47.55
N LEU A 199 29.65 -71.87 -46.26
CA LEU A 199 28.48 -72.36 -45.54
C LEU A 199 27.88 -71.20 -44.73
N PHE A 200 26.67 -70.79 -45.09
CA PHE A 200 25.94 -69.76 -44.37
C PHE A 200 24.92 -70.41 -43.45
N CYS A 201 25.01 -70.13 -42.16
CA CYS A 201 24.04 -70.57 -41.17
CA CYS A 201 24.01 -70.58 -41.21
C CYS A 201 23.28 -69.36 -40.67
N LYS A 202 21.97 -69.32 -40.92
CA LYS A 202 21.14 -68.15 -40.64
C LYS A 202 20.09 -68.48 -39.60
N ALA A 203 19.84 -67.53 -38.71
CA ALA A 203 18.76 -67.60 -37.73
C ALA A 203 17.84 -66.40 -37.92
N HIS A 204 16.55 -66.61 -37.62
CA HIS A 204 15.59 -65.52 -37.75
C HIS A 204 14.42 -65.80 -36.82
N GLY A 205 13.62 -64.74 -36.59
CA GLY A 205 12.43 -64.86 -35.78
C GLY A 205 12.64 -64.95 -34.29
N PHE A 206 13.82 -64.56 -33.79
CA PHE A 206 14.14 -64.73 -32.39
C PHE A 206 14.06 -63.42 -31.63
N TYR A 207 13.72 -63.53 -30.33
CA TYR A 207 13.73 -62.45 -29.36
C TYR A 207 14.08 -63.10 -28.03
N PRO A 208 14.95 -62.49 -27.21
CA PRO A 208 15.63 -61.19 -27.37
C PRO A 208 16.70 -61.20 -28.46
N PRO A 209 17.15 -60.01 -28.89
CA PRO A 209 18.15 -59.97 -29.98
C PRO A 209 19.50 -60.57 -29.63
N GLU A 210 19.80 -60.74 -28.34
CA GLU A 210 21.09 -61.30 -27.93
C GLU A 210 21.18 -62.75 -28.37
N ILE A 211 22.07 -63.03 -29.33
CA ILE A 211 22.26 -64.38 -29.85
C ILE A 211 23.73 -64.56 -30.18
N TYR A 212 24.19 -65.81 -30.09
CA TYR A 212 25.59 -66.14 -30.35
C TYR A 212 25.63 -67.28 -31.37
N MET A 213 26.13 -66.99 -32.57
CA MET A 213 26.27 -67.97 -33.63
C MET A 213 27.74 -68.13 -33.98
N THR A 214 28.18 -69.37 -34.12
CA THR A 214 29.58 -69.62 -34.47
C THR A 214 29.68 -70.94 -35.23
N TRP A 215 30.72 -71.05 -36.03
CA TRP A 215 31.03 -72.28 -36.74
C TRP A 215 32.16 -73.02 -36.04
N MET A 216 32.13 -74.35 -36.12
CA MET A 216 33.20 -75.17 -35.58
C MET A 216 33.59 -76.23 -36.60
N LYS A 217 34.86 -76.61 -36.59
CA LYS A 217 35.41 -77.56 -37.54
C LYS A 217 36.01 -78.71 -36.74
N ASN A 218 35.38 -79.89 -36.83
CA ASN A 218 35.79 -81.08 -36.08
C ASN A 218 35.86 -80.78 -34.59
N GLY A 219 34.86 -80.05 -34.09
CA GLY A 219 34.75 -79.76 -32.67
C GLY A 219 35.68 -78.69 -32.15
N GLU A 220 36.24 -77.85 -33.01
CA GLU A 220 37.18 -76.81 -32.59
C GLU A 220 36.80 -75.48 -33.22
N GLU A 221 36.75 -74.44 -32.40
CA GLU A 221 36.46 -73.10 -32.88
C GLU A 221 37.60 -72.57 -33.73
N ILE A 222 37.25 -71.73 -34.70
CA ILE A 222 38.22 -71.04 -35.55
C ILE A 222 37.70 -69.64 -35.84
N VAL A 223 37.85 -68.75 -34.86
CA VAL A 223 37.18 -67.45 -34.92
C VAL A 223 37.72 -66.59 -36.05
N GLN A 224 39.03 -66.68 -36.33
CA GLN A 224 39.62 -65.87 -37.39
C GLN A 224 39.04 -66.23 -38.76
N GLU A 225 38.57 -67.47 -38.92
CA GLU A 225 38.05 -67.91 -40.21
C GLU A 225 36.58 -67.50 -40.39
N ILE A 226 35.85 -67.33 -39.30
CA ILE A 226 34.41 -67.13 -39.35
C ILE A 226 34.09 -65.68 -39.70
N ASP A 227 33.09 -65.49 -40.57
CA ASP A 227 32.56 -64.18 -40.89
C ASP A 227 31.23 -64.02 -40.15
N TYR A 228 31.16 -63.02 -39.28
CA TYR A 228 29.99 -62.80 -38.43
C TYR A 228 29.12 -61.70 -39.01
N GLY A 229 27.83 -62.01 -39.18
CA GLY A 229 26.87 -61.01 -39.59
C GLY A 229 26.23 -60.29 -38.41
N ASP A 230 25.70 -59.10 -38.68
CA ASP A 230 25.08 -58.29 -37.63
C ASP A 230 23.72 -58.84 -37.25
N ILE A 231 23.34 -58.62 -35.99
CA ILE A 231 21.99 -58.92 -35.53
C ILE A 231 21.08 -57.79 -36.00
N LEU A 232 20.15 -58.11 -36.90
CA LEU A 232 19.38 -57.07 -37.57
C LEU A 232 17.91 -57.19 -37.24
N PRO A 233 17.21 -56.06 -37.09
CA PRO A 233 15.76 -56.12 -36.84
C PRO A 233 14.99 -56.52 -38.09
N SER A 234 14.03 -57.42 -37.92
CA SER A 234 13.20 -57.86 -39.02
C SER A 234 11.99 -56.95 -39.25
N GLY A 235 11.66 -56.10 -38.28
CA GLY A 235 10.55 -55.18 -38.42
C GLY A 235 9.26 -55.60 -37.73
N ASP A 236 9.21 -56.82 -37.19
CA ASP A 236 8.01 -57.32 -36.52
C ASP A 236 8.25 -57.57 -35.04
N GLY A 237 9.32 -57.02 -34.48
CA GLY A 237 9.70 -57.27 -33.11
C GLY A 237 10.71 -58.37 -32.92
N THR A 238 11.03 -59.12 -33.96
CA THR A 238 12.03 -60.19 -33.90
C THR A 238 13.25 -59.80 -34.72
N TYR A 239 14.29 -60.62 -34.62
CA TYR A 239 15.59 -60.30 -35.19
C TYR A 239 16.11 -61.49 -35.99
N GLN A 240 17.13 -61.22 -36.79
CA GLN A 240 17.77 -62.23 -37.63
C GLN A 240 19.27 -61.99 -37.66
N ALA A 241 20.03 -63.06 -37.87
CA ALA A 241 21.48 -62.99 -37.90
C ALA A 241 22.01 -64.17 -38.70
N TRP A 242 23.30 -64.13 -39.01
CA TRP A 242 23.93 -65.18 -39.78
C TRP A 242 25.41 -65.24 -39.46
N ALA A 243 26.06 -66.30 -39.94
CA ALA A 243 27.49 -66.48 -39.79
C ALA A 243 27.96 -67.45 -40.87
N SER A 244 29.01 -67.08 -41.60
CA SER A 244 29.51 -67.89 -42.70
C SER A 244 30.94 -68.33 -42.44
N ILE A 245 31.35 -69.38 -43.16
CA ILE A 245 32.71 -69.89 -43.08
C ILE A 245 33.09 -70.46 -44.44
N GLU A 246 34.34 -70.24 -44.83
CA GLU A 246 34.80 -70.68 -46.14
C GLU A 246 35.04 -72.20 -46.14
N LEU A 247 34.68 -72.83 -47.25
CA LEU A 247 34.75 -74.28 -47.37
C LEU A 247 36.07 -74.69 -48.01
N ASP A 248 36.79 -75.60 -47.33
CA ASP A 248 38.06 -76.11 -47.82
C ASP A 248 37.82 -77.22 -48.85
N PRO A 249 38.18 -76.98 -50.12
CA PRO A 249 37.87 -77.97 -51.17
C PRO A 249 38.86 -79.12 -51.27
N GLN A 250 39.96 -79.09 -50.51
CA GLN A 250 40.99 -80.11 -50.63
C GLN A 250 40.92 -81.18 -49.54
N SER A 251 40.09 -80.99 -48.53
CA SER A 251 39.99 -81.95 -47.43
C SER A 251 38.59 -81.90 -46.85
N SER A 252 38.07 -83.06 -46.45
CA SER A 252 36.76 -83.13 -45.82
C SER A 252 36.87 -82.81 -44.34
N ASN A 253 35.95 -81.98 -43.86
CA ASN A 253 35.91 -81.62 -42.45
C ASN A 253 34.46 -81.62 -41.99
N LEU A 254 34.26 -81.84 -40.69
CA LEU A 254 32.92 -81.85 -40.10
C LEU A 254 32.62 -80.45 -39.60
N TYR A 255 31.85 -79.69 -40.37
CA TYR A 255 31.42 -78.36 -39.98
C TYR A 255 30.10 -78.42 -39.25
N SER A 256 29.93 -77.56 -38.24
CA SER A 256 28.70 -77.51 -37.49
C SER A 256 28.45 -76.09 -36.99
N CYS A 257 27.27 -75.56 -37.27
CA CYS A 257 26.86 -74.26 -36.76
C CYS A 257 26.33 -74.40 -35.35
N HIS A 258 26.85 -73.59 -34.43
CA HIS A 258 26.42 -73.60 -33.04
C HIS A 258 25.70 -72.29 -32.74
N VAL A 259 24.50 -72.39 -32.21
CA VAL A 259 23.68 -71.22 -31.88
C VAL A 259 23.27 -71.33 -30.42
N GLU A 260 23.53 -70.27 -29.66
CA GLU A 260 23.06 -70.16 -28.29
C GLU A 260 22.12 -68.96 -28.18
N HIS A 261 20.96 -69.17 -27.56
CA HIS A 261 19.99 -68.09 -27.41
C HIS A 261 19.14 -68.38 -26.19
N SER A 262 19.19 -67.48 -25.20
CA SER A 262 18.31 -67.48 -24.04
C SER A 262 18.36 -68.82 -23.30
N GLY A 263 19.58 -69.30 -23.04
CA GLY A 263 19.78 -70.49 -22.24
C GLY A 263 19.65 -71.81 -22.96
N VAL A 264 19.49 -71.80 -24.28
CA VAL A 264 19.34 -73.02 -25.08
C VAL A 264 20.44 -73.05 -26.13
N HIS A 265 21.13 -74.18 -26.23
CA HIS A 265 22.19 -74.37 -27.20
CA HIS A 265 22.19 -74.39 -27.20
C HIS A 265 21.68 -75.25 -28.34
N MET A 266 22.14 -74.94 -29.56
CA MET A 266 21.69 -75.66 -30.74
C MET A 266 22.87 -75.95 -31.65
N VAL A 267 22.89 -77.16 -32.21
CA VAL A 267 23.96 -77.61 -33.10
C VAL A 267 23.36 -78.13 -34.40
N LEU A 268 23.84 -77.60 -35.52
CA LEU A 268 23.43 -78.07 -36.85
C LEU A 268 24.67 -78.60 -37.56
N GLN A 269 24.81 -79.93 -37.59
CA GLN A 269 25.91 -80.56 -38.30
C GLN A 269 25.63 -80.57 -39.80
N VAL A 270 26.62 -80.15 -40.59
CA VAL A 270 26.50 -80.16 -42.04
C VAL A 270 26.95 -81.54 -42.53
N PRO A 271 26.07 -82.31 -43.20
CA PRO A 271 26.41 -83.65 -43.69
C PRO A 271 27.46 -83.63 -44.79
N GLY B 2 0.98 -41.36 0.23
CA GLY B 2 1.55 -40.20 -0.43
C GLY B 2 2.97 -39.91 0.01
N GLN B 3 3.42 -38.68 -0.24
CA GLN B 3 4.76 -38.24 0.13
C GLN B 3 4.65 -37.25 1.28
N ASN B 4 5.36 -37.52 2.37
CA ASN B 4 5.31 -36.71 3.58
CA ASN B 4 5.32 -36.66 3.54
C ASN B 4 6.73 -36.45 4.09
N ILE B 5 6.94 -35.26 4.64
CA ILE B 5 8.17 -34.88 5.30
C ILE B 5 7.80 -34.50 6.74
N ASP B 6 8.51 -35.05 7.71
CA ASP B 6 8.18 -34.83 9.12
C ASP B 6 9.39 -34.32 9.89
N GLN B 7 9.18 -33.23 10.62
CA GLN B 7 10.19 -32.68 11.52
C GLN B 7 9.47 -32.08 12.71
N PRO B 8 10.13 -32.00 13.87
CA PRO B 8 9.46 -31.46 15.06
C PRO B 8 9.05 -30.01 14.85
N THR B 9 7.94 -29.63 15.50
CA THR B 9 7.42 -28.28 15.34
C THR B 9 8.34 -27.24 15.98
N GLU B 10 8.93 -27.57 17.13
CA GLU B 10 9.68 -26.59 17.90
C GLU B 10 10.68 -27.31 18.78
N MET B 11 11.86 -26.72 18.93
CA MET B 11 12.89 -27.23 19.84
C MET B 11 13.48 -26.07 20.63
N THR B 12 13.79 -26.34 21.90
CA THR B 12 14.37 -25.34 22.79
C THR B 12 15.64 -25.90 23.40
N ALA B 13 16.73 -25.14 23.30
CA ALA B 13 18.01 -25.54 23.85
C ALA B 13 18.70 -24.33 24.48
N THR B 14 19.77 -24.59 25.21
CA THR B 14 20.49 -23.57 25.94
C THR B 14 21.68 -23.08 25.12
N GLU B 15 21.99 -21.79 25.27
CA GLU B 15 23.12 -21.19 24.60
C GLU B 15 24.41 -21.94 24.94
N GLY B 16 25.21 -22.23 23.91
CA GLY B 16 26.44 -22.96 24.07
C GLY B 16 26.31 -24.46 23.99
N ALA B 17 25.09 -24.99 23.97
CA ALA B 17 24.86 -26.43 23.95
C ALA B 17 24.78 -26.93 22.51
N ILE B 18 24.38 -28.19 22.35
CA ILE B 18 24.27 -28.83 21.05
C ILE B 18 22.83 -29.27 20.84
N VAL B 19 22.31 -29.07 19.63
CA VAL B 19 20.94 -29.45 19.31
C VAL B 19 20.95 -30.22 17.99
N GLN B 20 20.08 -31.23 17.90
CA GLN B 20 19.97 -32.09 16.72
C GLN B 20 18.53 -32.03 16.22
N ILE B 21 18.35 -31.52 15.00
CA ILE B 21 17.03 -31.34 14.42
C ILE B 21 16.79 -32.45 13.41
N ASN B 22 15.78 -33.27 13.67
CA ASN B 22 15.51 -34.47 12.87
C ASN B 22 14.58 -34.16 11.70
N CYS B 23 14.72 -34.95 10.64
CA CYS B 23 13.86 -34.85 9.46
C CYS B 23 13.72 -36.25 8.88
N THR B 24 12.50 -36.81 8.91
CA THR B 24 12.21 -38.10 8.30
C THR B 24 11.33 -37.89 7.08
N TYR B 25 11.53 -38.71 6.06
CA TYR B 25 10.82 -38.52 4.80
C TYR B 25 10.37 -39.86 4.23
N GLN B 26 9.16 -39.86 3.67
CA GLN B 26 8.62 -40.98 2.90
C GLN B 26 8.28 -40.41 1.52
N THR B 27 9.11 -40.71 0.52
CA THR B 27 8.95 -40.13 -0.80
C THR B 27 9.08 -41.20 -1.87
N SER B 28 8.51 -40.91 -3.04
CA SER B 28 8.64 -41.77 -4.21
CA SER B 28 8.64 -41.77 -4.21
C SER B 28 9.92 -41.36 -4.94
N GLY B 29 11.01 -42.06 -4.63
CA GLY B 29 12.31 -41.74 -5.17
C GLY B 29 13.03 -40.71 -4.32
N PHE B 30 14.33 -40.58 -4.56
CA PHE B 30 15.17 -39.71 -3.74
C PHE B 30 16.30 -39.15 -4.59
N ASN B 31 16.39 -37.82 -4.68
CA ASN B 31 17.47 -37.15 -5.40
C ASN B 31 18.19 -36.12 -4.53
N GLY B 32 18.06 -36.23 -3.21
CA GLY B 32 18.79 -35.36 -2.31
C GLY B 32 17.90 -34.70 -1.27
N LEU B 33 18.50 -34.36 -0.13
CA LEU B 33 17.81 -33.69 0.96
C LEU B 33 18.49 -32.37 1.25
N PHE B 34 17.69 -31.31 1.43
CA PHE B 34 18.19 -29.97 1.68
C PHE B 34 17.81 -29.52 3.09
N TRP B 35 18.66 -28.67 3.67
CA TRP B 35 18.33 -27.95 4.89
C TRP B 35 18.44 -26.46 4.60
N TYR B 36 17.44 -25.70 5.06
CA TYR B 36 17.40 -24.26 4.90
C TYR B 36 17.19 -23.61 6.26
N GLN B 37 17.77 -22.44 6.44
CA GLN B 37 17.57 -21.61 7.62
C GLN B 37 16.69 -20.42 7.24
N GLN B 38 15.69 -20.13 8.07
CA GLN B 38 14.80 -19.00 7.85
C GLN B 38 14.61 -18.26 9.17
N HIS B 39 15.25 -17.10 9.30
CA HIS B 39 14.97 -16.22 10.42
C HIS B 39 13.58 -15.64 10.31
N ALA B 40 12.99 -15.30 11.46
CA ALA B 40 11.63 -14.79 11.50
C ALA B 40 11.50 -13.53 10.63
N GLY B 41 10.50 -13.54 9.75
CA GLY B 41 10.27 -12.40 8.88
C GLY B 41 11.26 -12.25 7.75
N GLU B 42 12.07 -13.26 7.46
CA GLU B 42 13.10 -13.18 6.43
C GLU B 42 12.97 -14.37 5.49
N ALA B 43 13.84 -14.38 4.47
CA ALA B 43 13.82 -15.42 3.45
C ALA B 43 14.63 -16.63 3.89
N PRO B 44 14.24 -17.83 3.48
CA PRO B 44 15.08 -19.01 3.73
C PRO B 44 16.39 -18.90 2.98
N THR B 45 17.45 -19.43 3.58
CA THR B 45 18.76 -19.47 2.95
C THR B 45 19.31 -20.89 3.03
N PHE B 46 20.00 -21.29 1.96
CA PHE B 46 20.51 -22.66 1.85
C PHE B 46 21.57 -22.95 2.92
N LEU B 47 21.43 -24.09 3.59
CA LEU B 47 22.41 -24.55 4.56
C LEU B 47 23.24 -25.72 4.07
N SER B 48 22.60 -26.80 3.60
CA SER B 48 23.35 -28.01 3.27
C SER B 48 22.56 -28.90 2.32
N TYR B 49 23.28 -29.85 1.73
CA TYR B 49 22.71 -30.84 0.81
C TYR B 49 23.37 -32.19 1.08
N ASN B 50 22.56 -33.23 1.19
CA ASN B 50 23.04 -34.59 1.34
C ASN B 50 22.28 -35.50 0.38
N VAL B 51 22.98 -36.45 -0.24
CA VAL B 51 22.36 -37.37 -1.17
C VAL B 51 22.93 -38.77 -0.99
N LEU B 52 24.17 -38.86 -0.51
CA LEU B 52 24.76 -40.12 -0.09
C LEU B 52 24.78 -40.20 1.43
N ASP B 53 24.99 -41.41 1.94
CA ASP B 53 24.97 -41.63 3.38
C ASP B 53 26.21 -41.06 4.06
N GLY B 54 26.02 -40.51 5.26
CA GLY B 54 27.14 -40.05 6.05
C GLY B 54 26.90 -38.66 6.59
N LEU B 55 27.95 -38.10 7.18
CA LEU B 55 27.91 -36.80 7.85
C LEU B 55 28.82 -35.83 7.12
N GLU B 56 28.32 -34.63 6.85
CA GLU B 56 29.09 -33.55 6.25
C GLU B 56 29.10 -32.36 7.18
N GLU B 57 30.28 -31.79 7.42
CA GLU B 57 30.44 -30.66 8.32
C GLU B 57 30.59 -29.36 7.55
N LYS B 58 30.07 -28.27 8.13
CA LYS B 58 30.12 -26.94 7.56
C LYS B 58 30.13 -25.94 8.71
N GLY B 59 31.32 -25.69 9.24
CA GLY B 59 31.43 -24.81 10.40
C GLY B 59 30.80 -25.46 11.62
N ARG B 60 30.00 -24.68 12.35
CA ARG B 60 29.28 -25.20 13.51
C ARG B 60 28.15 -26.15 13.14
N PHE B 61 27.74 -26.19 11.87
CA PHE B 61 26.62 -27.02 11.44
C PHE B 61 27.13 -28.29 10.76
N SER B 62 26.48 -29.41 11.06
CA SER B 62 26.74 -30.67 10.40
C SER B 62 25.41 -31.29 9.97
N SER B 63 25.41 -31.97 8.84
CA SER B 63 24.22 -32.60 8.29
CA SER B 63 24.22 -32.60 8.31
C SER B 63 24.48 -34.06 8.00
N PHE B 64 23.60 -34.93 8.48
CA PHE B 64 23.72 -36.37 8.34
C PHE B 64 22.57 -36.89 7.49
N LEU B 65 22.81 -38.00 6.78
CA LEU B 65 21.78 -38.62 5.96
C LEU B 65 21.92 -40.14 6.01
N SER B 66 20.79 -40.82 6.15
CA SER B 66 20.71 -42.28 6.01
C SER B 66 19.58 -42.58 5.04
N ARG B 67 19.94 -42.99 3.82
CA ARG B 67 18.93 -43.27 2.81
C ARG B 67 18.07 -44.47 3.18
N SER B 68 18.68 -45.49 3.80
CA SER B 68 17.94 -46.71 4.13
C SER B 68 16.90 -46.44 5.20
N LYS B 69 17.25 -45.67 6.23
CA LYS B 69 16.28 -45.29 7.26
C LYS B 69 15.41 -44.12 6.84
N GLY B 70 15.77 -43.42 5.78
CA GLY B 70 14.97 -42.30 5.31
C GLY B 70 14.87 -41.16 6.30
N TYR B 71 15.98 -40.78 6.92
CA TYR B 71 15.97 -39.66 7.83
CA TYR B 71 15.97 -39.66 7.83
C TYR B 71 17.30 -38.93 7.77
N SER B 72 17.27 -37.67 8.18
CA SER B 72 18.43 -36.79 8.22
C SER B 72 18.34 -35.95 9.48
N TYR B 73 19.48 -35.45 9.93
CA TYR B 73 19.47 -34.49 11.03
C TYR B 73 20.46 -33.38 10.73
N LEU B 74 20.12 -32.19 11.22
CA LEU B 74 20.99 -31.02 11.18
C LEU B 74 21.51 -30.81 12.60
N LEU B 75 22.83 -30.82 12.75
CA LEU B 75 23.48 -30.76 14.06
C LEU B 75 24.10 -29.37 14.24
N LEU B 76 23.66 -28.66 15.27
CA LEU B 76 24.17 -27.33 15.59
C LEU B 76 24.95 -27.40 16.90
N LYS B 77 26.24 -27.11 16.83
CA LYS B 77 27.10 -27.09 18.01
C LYS B 77 27.40 -25.66 18.45
N GLU B 78 27.73 -25.51 19.73
CA GLU B 78 28.07 -24.23 20.34
C GLU B 78 27.01 -23.17 20.01
N LEU B 79 25.78 -23.46 20.43
CA LEU B 79 24.64 -22.65 20.06
C LEU B 79 24.81 -21.20 20.51
N GLN B 80 24.49 -20.28 19.60
CA GLN B 80 24.48 -18.86 19.88
C GLN B 80 23.06 -18.32 19.65
N MET B 81 22.82 -17.11 20.14
CA MET B 81 21.49 -16.52 20.03
C MET B 81 21.09 -16.31 18.58
N LYS B 82 22.04 -16.02 17.70
CA LYS B 82 21.70 -15.79 16.30
C LYS B 82 21.25 -17.06 15.59
N ASP B 83 21.42 -18.24 16.22
CA ASP B 83 20.89 -19.47 15.65
C ASP B 83 19.38 -19.59 15.82
N SER B 84 18.75 -18.68 16.56
CA SER B 84 17.31 -18.67 16.70
C SER B 84 16.65 -18.43 15.36
N ALA B 85 15.96 -19.44 14.83
CA ALA B 85 15.34 -19.37 13.51
C ALA B 85 14.52 -20.64 13.31
N SER B 86 13.82 -20.68 12.18
CA SER B 86 13.19 -21.93 11.73
C SER B 86 14.13 -22.62 10.76
N TYR B 87 14.15 -23.95 10.84
CA TYR B 87 15.01 -24.77 10.00
C TYR B 87 14.15 -25.71 9.17
N LEU B 88 14.21 -25.55 7.85
CA LEU B 88 13.33 -26.25 6.92
C LEU B 88 14.10 -27.35 6.21
N CYS B 89 13.55 -28.55 6.22
CA CYS B 89 14.13 -29.65 5.47
CA CYS B 89 14.10 -29.69 5.50
C CYS B 89 13.26 -29.94 4.26
N ALA B 90 13.91 -30.29 3.15
CA ALA B 90 13.20 -30.50 1.89
C ALA B 90 13.90 -31.60 1.09
N VAL B 91 13.10 -32.43 0.43
CA VAL B 91 13.60 -33.60 -0.30
C VAL B 91 13.15 -33.50 -1.76
N LYS B 92 14.08 -33.79 -2.67
CA LYS B 92 13.74 -33.94 -4.08
C LYS B 92 13.37 -35.39 -4.36
N ASP B 93 12.21 -35.58 -4.99
CA ASP B 93 11.73 -36.93 -5.28
C ASP B 93 12.25 -37.39 -6.64
N SER B 94 11.68 -38.47 -7.17
CA SER B 94 12.17 -39.04 -8.42
CA SER B 94 12.17 -39.04 -8.42
C SER B 94 11.93 -38.11 -9.60
N ASN B 95 10.93 -37.24 -9.51
CA ASN B 95 10.62 -36.30 -10.58
C ASN B 95 11.23 -34.92 -10.31
N TYR B 96 12.23 -34.85 -9.44
CA TYR B 96 12.96 -33.63 -9.14
C TYR B 96 12.07 -32.55 -8.54
N GLN B 97 10.94 -32.95 -7.96
CA GLN B 97 10.05 -32.01 -7.28
CA GLN B 97 10.06 -32.01 -7.29
C GLN B 97 10.47 -31.89 -5.82
N LEU B 98 10.42 -30.67 -5.30
CA LEU B 98 10.83 -30.40 -3.93
CA LEU B 98 10.82 -30.40 -3.92
C LEU B 98 9.63 -30.55 -3.00
N ILE B 99 9.78 -31.37 -1.97
CA ILE B 99 8.75 -31.59 -0.96
C ILE B 99 9.27 -31.04 0.36
N TRP B 100 8.58 -30.03 0.89
CA TRP B 100 9.06 -29.24 2.02
C TRP B 100 8.46 -29.73 3.32
N GLY B 101 9.30 -29.89 4.35
CA GLY B 101 8.80 -30.09 5.68
C GLY B 101 8.25 -28.81 6.28
N ALA B 102 7.45 -28.97 7.33
CA ALA B 102 6.79 -27.82 7.94
C ALA B 102 7.76 -26.90 8.66
N GLY B 103 8.95 -27.37 9.00
CA GLY B 103 9.94 -26.53 9.62
C GLY B 103 9.98 -26.70 11.12
N THR B 104 11.18 -26.56 11.69
CA THR B 104 11.40 -26.63 13.13
C THR B 104 11.86 -25.27 13.63
N LYS B 105 11.10 -24.70 14.57
CA LYS B 105 11.47 -23.44 15.20
C LYS B 105 12.42 -23.70 16.36
N LEU B 106 13.63 -23.17 16.28
CA LEU B 106 14.65 -23.37 17.30
C LEU B 106 14.69 -22.15 18.22
N ILE B 107 14.42 -22.37 19.51
CA ILE B 107 14.45 -21.32 20.52
C ILE B 107 15.68 -21.54 21.38
N ILE B 108 16.45 -20.48 21.60
CA ILE B 108 17.72 -20.56 22.33
C ILE B 108 17.56 -19.81 23.65
N LYS B 109 17.79 -20.51 24.76
CA LYS B 109 17.78 -19.88 26.07
C LYS B 109 19.11 -19.21 26.32
N PRO B 110 19.15 -17.90 26.56
CA PRO B 110 20.43 -17.25 26.87
C PRO B 110 20.92 -17.66 28.24
N ASP B 111 22.24 -17.67 28.40
CA ASP B 111 22.87 -17.95 29.68
C ASP B 111 22.98 -16.65 30.47
N ILE B 112 22.15 -16.50 31.49
CA ILE B 112 22.13 -15.30 32.32
C ILE B 112 23.09 -15.51 33.47
N GLN B 113 24.22 -14.80 33.44
CA GLN B 113 25.26 -15.04 34.44
C GLN B 113 24.84 -14.54 35.82
N ASN B 114 24.22 -13.37 35.89
CA ASN B 114 23.82 -12.75 37.16
C ASN B 114 22.35 -12.39 37.10
N PRO B 115 21.45 -13.34 37.40
CA PRO B 115 20.03 -13.05 37.36
C PRO B 115 19.65 -12.05 38.45
N ASP B 116 18.76 -11.12 38.09
CA ASP B 116 18.31 -10.06 39.00
C ASP B 116 16.84 -9.78 38.75
N PRO B 117 15.98 -10.79 38.92
CA PRO B 117 14.58 -10.65 38.51
C PRO B 117 13.86 -9.54 39.26
N ALA B 118 13.10 -8.75 38.52
CA ALA B 118 12.41 -7.60 39.09
C ALA B 118 11.25 -7.20 38.19
N VAL B 119 10.25 -6.57 38.79
CA VAL B 119 9.11 -6.01 38.08
C VAL B 119 9.11 -4.51 38.33
N TYR B 120 9.30 -3.73 37.27
CA TYR B 120 9.42 -2.29 37.37
C TYR B 120 8.20 -1.61 36.76
N GLN B 121 7.79 -0.50 37.37
CA GLN B 121 6.74 0.34 36.84
C GLN B 121 7.36 1.45 36.01
N LEU B 122 7.06 1.48 34.72
CA LEU B 122 7.56 2.55 33.88
C LEU B 122 6.71 3.81 34.07
N ARG B 123 7.31 4.95 33.78
CA ARG B 123 6.59 6.21 33.93
CA ARG B 123 6.61 6.22 33.92
C ARG B 123 5.48 6.32 32.89
N ASP B 124 4.37 6.90 33.31
CA ASP B 124 3.24 7.08 32.41
C ASP B 124 3.61 8.02 31.26
N SER B 125 2.86 7.89 30.17
CA SER B 125 2.97 8.83 29.05
C SER B 125 1.74 9.73 29.06
N LYS B 126 1.97 11.05 28.92
CA LYS B 126 0.85 11.99 28.92
C LYS B 126 -0.07 11.80 27.72
N SER B 127 0.35 11.04 26.71
CA SER B 127 -0.47 10.77 25.54
C SER B 127 -1.10 9.37 25.56
N SER B 128 -1.06 8.67 26.70
CA SER B 128 -1.60 7.33 26.79
C SER B 128 -2.22 7.11 28.16
N ASP B 129 -3.34 6.39 28.17
CA ASP B 129 -4.02 6.03 29.41
C ASP B 129 -3.51 4.72 30.00
N LYS B 130 -2.47 4.13 29.41
CA LYS B 130 -1.97 2.83 29.81
C LYS B 130 -0.95 2.94 30.94
N SER B 131 -0.98 1.98 31.85
CA SER B 131 0.09 1.76 32.81
C SER B 131 0.91 0.57 32.34
N VAL B 132 2.24 0.70 32.33
CA VAL B 132 3.13 -0.27 31.73
C VAL B 132 4.06 -0.84 32.79
N CYS B 133 4.20 -2.15 32.81
CA CYS B 133 5.08 -2.86 33.74
C CYS B 133 6.08 -3.69 32.96
N LEU B 134 7.29 -3.81 33.52
CA LEU B 134 8.38 -4.54 32.88
C LEU B 134 8.92 -5.59 33.86
N PHE B 135 8.77 -6.85 33.49
CA PHE B 135 9.39 -7.97 34.19
C PHE B 135 10.68 -8.31 33.46
N THR B 136 11.82 -8.17 34.14
CA THR B 136 13.09 -8.21 33.45
C THR B 136 14.17 -8.84 34.33
N ASP B 137 15.27 -9.22 33.67
CA ASP B 137 16.50 -9.70 34.30
C ASP B 137 16.32 -11.05 35.02
N PHE B 138 15.34 -11.84 34.62
CA PHE B 138 15.12 -13.15 35.20
C PHE B 138 15.88 -14.22 34.43
N ASP B 139 16.09 -15.36 35.09
CA ASP B 139 16.77 -16.49 34.47
C ASP B 139 15.94 -17.05 33.31
N SER B 140 16.64 -17.67 32.36
CA SER B 140 15.99 -18.17 31.16
C SER B 140 15.05 -19.35 31.43
N GLN B 141 15.14 -19.98 32.60
CA GLN B 141 14.23 -21.07 32.91
C GLN B 141 12.82 -20.58 33.23
N THR B 142 12.65 -19.27 33.47
CA THR B 142 11.35 -18.73 33.81
C THR B 142 10.50 -18.56 32.55
N ASN B 143 9.25 -19.01 32.63
CA ASN B 143 8.28 -18.86 31.55
C ASN B 143 7.29 -17.76 31.90
N VAL B 144 6.88 -16.99 30.90
CA VAL B 144 5.93 -15.89 31.07
C VAL B 144 4.58 -16.32 30.51
N SER B 145 3.59 -16.43 31.39
CA SER B 145 2.26 -16.83 30.97
C SER B 145 1.47 -15.64 30.44
N GLN B 146 0.63 -15.89 29.45
CA GLN B 146 -0.25 -14.87 28.93
C GLN B 146 -1.28 -14.46 29.98
N SER B 147 -1.91 -13.31 29.74
CA SER B 147 -2.84 -12.76 30.72
C SER B 147 -4.14 -13.56 30.75
N LYS B 148 -4.71 -13.69 31.94
CA LYS B 148 -6.04 -14.25 32.11
C LYS B 148 -7.11 -13.17 32.27
N ASP B 149 -6.73 -11.91 32.20
CA ASP B 149 -7.65 -10.78 32.24
C ASP B 149 -7.75 -10.19 30.85
N SER B 150 -8.99 -9.99 30.37
CA SER B 150 -9.18 -9.58 28.98
C SER B 150 -8.64 -8.17 28.71
N ASP B 151 -8.64 -7.29 29.73
CA ASP B 151 -8.15 -5.93 29.56
C ASP B 151 -6.71 -5.76 30.03
N VAL B 152 -6.00 -6.86 30.27
CA VAL B 152 -4.58 -6.84 30.58
C VAL B 152 -3.85 -7.57 29.46
N TYR B 153 -2.77 -6.97 28.97
CA TYR B 153 -2.01 -7.51 27.85
C TYR B 153 -0.58 -7.78 28.28
N ILE B 154 -0.13 -9.03 28.07
CA ILE B 154 1.20 -9.46 28.47
C ILE B 154 1.89 -10.09 27.28
N THR B 155 3.07 -9.59 26.94
CA THR B 155 3.83 -10.12 25.82
C THR B 155 4.78 -11.22 26.28
N ASP B 156 5.21 -12.05 25.34
CA ASP B 156 6.15 -13.11 25.66
C ASP B 156 7.54 -12.52 25.91
N LYS B 157 8.42 -13.34 26.47
CA LYS B 157 9.73 -12.84 26.87
C LYS B 157 10.61 -12.58 25.65
N CYS B 158 11.38 -11.51 25.73
CA CYS B 158 12.27 -11.07 24.66
C CYS B 158 13.70 -11.03 25.20
N VAL B 159 14.65 -11.47 24.39
CA VAL B 159 16.06 -11.50 24.80
C VAL B 159 16.74 -10.28 24.20
N LEU B 160 17.15 -9.36 25.07
CA LEU B 160 17.79 -8.11 24.67
C LEU B 160 19.30 -8.25 24.84
N ASP B 161 20.05 -7.69 23.88
CA ASP B 161 21.51 -7.78 23.86
C ASP B 161 22.10 -6.38 23.83
N MET B 162 22.75 -5.98 24.93
CA MET B 162 23.48 -4.71 24.99
C MET B 162 24.89 -5.00 24.52
N ARG B 163 25.19 -4.64 23.27
CA ARG B 163 26.41 -5.10 22.61
C ARG B 163 27.65 -4.51 23.28
N SER B 164 27.63 -3.22 23.59
CA SER B 164 28.81 -2.56 24.15
C SER B 164 29.23 -3.16 25.49
N MET B 165 28.27 -3.62 26.28
CA MET B 165 28.56 -4.21 27.58
C MET B 165 28.57 -5.73 27.56
N ASP B 166 28.33 -6.34 26.40
CA ASP B 166 28.24 -7.80 26.26
C ASP B 166 27.29 -8.38 27.31
N PHE B 167 26.08 -7.81 27.35
CA PHE B 167 25.10 -8.10 28.39
C PHE B 167 23.80 -8.52 27.75
N LYS B 168 23.23 -9.62 28.23
CA LYS B 168 21.95 -10.12 27.76
C LYS B 168 20.96 -10.17 28.92
N SER B 169 19.68 -9.93 28.62
CA SER B 169 18.65 -9.99 29.63
C SER B 169 17.31 -10.36 29.00
N ASN B 170 16.53 -11.17 29.72
CA ASN B 170 15.17 -11.47 29.33
C ASN B 170 14.23 -10.40 29.88
N SER B 171 13.13 -10.18 29.17
CA SER B 171 12.12 -9.25 29.67
C SER B 171 10.79 -9.50 28.98
N ALA B 172 9.71 -9.18 29.68
CA ALA B 172 8.37 -9.19 29.14
C ALA B 172 7.65 -7.95 29.63
N VAL B 173 6.63 -7.54 28.88
CA VAL B 173 5.90 -6.29 29.16
C VAL B 173 4.44 -6.62 29.42
N ALA B 174 3.85 -5.91 30.38
CA ALA B 174 2.43 -6.00 30.69
C ALA B 174 1.85 -4.60 30.81
N TRP B 175 0.67 -4.39 30.24
CA TRP B 175 0.05 -3.07 30.29
C TRP B 175 -1.46 -3.21 30.33
N SER B 176 -2.11 -2.16 30.82
CA SER B 176 -3.56 -2.10 30.94
C SER B 176 -3.94 -0.67 31.27
N ASN B 177 -5.22 -0.34 31.01
CA ASN B 177 -5.77 0.96 31.39
C ASN B 177 -6.80 0.83 32.50
N LYS B 178 -6.89 -0.32 33.15
CA LYS B 178 -7.81 -0.50 34.25
C LYS B 178 -7.34 0.26 35.48
N SER B 179 -8.31 0.69 36.31
CA SER B 179 -7.97 1.48 37.48
C SER B 179 -7.25 0.64 38.54
N ASP B 180 -7.60 -0.63 38.67
CA ASP B 180 -7.01 -1.49 39.69
C ASP B 180 -5.76 -2.21 39.20
N PHE B 181 -5.28 -1.91 38.00
CA PHE B 181 -4.09 -2.57 37.49
C PHE B 181 -2.85 -2.05 38.20
N ALA B 182 -2.03 -2.98 38.70
CA ALA B 182 -0.80 -2.63 39.41
C ALA B 182 0.29 -3.62 39.05
N CYS B 183 1.53 -3.13 38.97
CA CYS B 183 2.63 -3.99 38.58
C CYS B 183 2.89 -5.08 39.61
N ALA B 184 2.46 -4.89 40.85
CA ALA B 184 2.64 -5.94 41.86
C ALA B 184 1.86 -7.21 41.54
N ASN B 185 0.78 -7.11 40.77
CA ASN B 185 -0.04 -8.25 40.42
CA ASN B 185 -0.03 -8.26 40.41
C ASN B 185 -0.11 -8.48 38.91
N ALA B 186 0.64 -7.72 38.11
CA ALA B 186 0.55 -7.83 36.66
C ALA B 186 0.90 -9.23 36.19
N PHE B 187 1.97 -9.81 36.73
CA PHE B 187 2.43 -11.14 36.33
C PHE B 187 2.05 -12.22 37.33
N ASN B 188 0.89 -12.06 38.00
CA ASN B 188 0.47 -13.01 39.01
C ASN B 188 0.14 -14.39 38.41
N ASN B 189 -0.19 -14.44 37.13
CA ASN B 189 -0.53 -15.72 36.51
C ASN B 189 0.70 -16.49 36.05
N SER B 190 1.90 -15.92 36.18
CA SER B 190 3.14 -16.58 35.85
C SER B 190 3.81 -17.11 37.11
N ILE B 191 4.67 -18.11 36.92
CA ILE B 191 5.52 -18.63 38.00
C ILE B 191 6.82 -17.83 37.94
N ILE B 192 6.94 -16.83 38.81
CA ILE B 192 8.09 -15.94 38.79
C ILE B 192 9.05 -16.32 39.92
N PRO B 193 10.34 -15.99 39.82
CA PRO B 193 11.28 -16.38 40.87
C PRO B 193 10.90 -15.83 42.24
N GLU B 194 11.26 -16.58 43.28
CA GLU B 194 10.93 -16.20 44.66
C GLU B 194 11.60 -14.88 45.03
N ASP B 195 12.80 -14.64 44.52
CA ASP B 195 13.58 -13.47 44.87
C ASP B 195 13.30 -12.27 43.96
N THR B 196 12.17 -12.28 43.25
CA THR B 196 11.85 -11.18 42.35
C THR B 196 11.69 -9.88 43.14
N PHE B 197 12.33 -8.82 42.65
CA PHE B 197 12.36 -7.54 43.34
C PHE B 197 11.15 -6.71 42.90
N PHE B 198 10.34 -6.29 43.88
CA PHE B 198 9.20 -5.41 43.65
C PHE B 198 9.43 -4.10 44.38
N PRO B 199 9.90 -3.06 43.69
CA PRO B 199 10.14 -1.78 44.36
C PRO B 199 8.84 -1.15 44.85
N SER B 200 8.95 -0.34 45.89
CA SER B 200 7.78 0.26 46.51
C SER B 200 7.11 1.25 45.55
N PRO B 201 5.80 1.31 45.53
CA PRO B 201 5.09 2.29 44.71
C PRO B 201 5.16 3.68 45.35
N GLU B 202 4.61 4.67 44.64
CA GLU B 202 4.49 6.03 45.15
C GLU B 202 5.84 6.63 45.55
N MET C 1 17.02 17.84 5.28
CA MET C 1 17.55 18.79 6.24
C MET C 1 17.22 18.37 7.67
N ARG C 2 17.65 19.19 8.64
CA ARG C 2 17.46 18.87 10.03
C ARG C 2 15.98 18.93 10.41
N THR C 3 15.68 18.50 11.62
CA THR C 3 14.32 18.51 12.11
CA THR C 3 14.30 18.52 12.11
C THR C 3 13.87 19.94 12.43
N HIS C 4 12.64 20.27 12.04
CA HIS C 4 12.06 21.58 12.30
C HIS C 4 10.64 21.41 12.82
N SER C 5 10.13 22.45 13.47
CA SER C 5 8.80 22.39 14.07
C SER C 5 8.13 23.74 13.98
N LEU C 6 6.80 23.71 13.93
CA LEU C 6 5.95 24.89 13.99
C LEU C 6 4.92 24.67 15.07
N ARG C 7 4.74 25.64 15.96
CA ARG C 7 3.76 25.49 17.04
CA ARG C 7 3.79 25.48 17.05
C ARG C 7 3.23 26.85 17.44
N TYR C 8 1.97 26.86 17.87
CA TYR C 8 1.28 28.06 18.32
C TYR C 8 0.82 27.84 19.75
N PHE C 9 1.06 28.83 20.61
CA PHE C 9 0.59 28.80 21.99
C PHE C 9 -0.53 29.82 22.19
N ARG C 10 -1.45 29.49 23.09
CA ARG C 10 -2.45 30.43 23.58
C ARG C 10 -2.41 30.45 25.10
N LEU C 11 -2.53 31.64 25.67
CA LEU C 11 -2.53 31.83 27.11
C LEU C 11 -3.69 32.73 27.48
N GLY C 12 -4.59 32.21 28.31
CA GLY C 12 -5.73 32.95 28.82
C GLY C 12 -5.62 33.09 30.33
N VAL C 13 -5.82 34.31 30.81
CA VAL C 13 -5.72 34.64 32.23
C VAL C 13 -7.02 35.31 32.64
N SER C 14 -7.70 34.72 33.62
CA SER C 14 -8.92 35.30 34.17
C SER C 14 -8.57 36.22 35.33
N ASP C 15 -9.35 37.29 35.46
CA ASP C 15 -9.14 38.31 36.49
C ASP C 15 -7.70 38.80 36.49
N PRO C 16 -7.17 39.23 35.35
CA PRO C 16 -5.73 39.51 35.27
C PRO C 16 -5.34 40.74 36.07
N ILE C 17 -4.21 40.63 36.77
CA ILE C 17 -3.66 41.79 37.46
C ILE C 17 -3.22 42.84 36.45
N HIS C 18 -3.03 44.06 36.94
CA HIS C 18 -2.64 45.16 36.06
C HIS C 18 -1.27 44.88 35.45
N GLY C 19 -1.18 45.04 34.12
CA GLY C 19 0.04 44.78 33.39
C GLY C 19 0.09 43.43 32.71
N VAL C 20 -0.88 42.57 32.95
CA VAL C 20 -0.92 41.23 32.37
C VAL C 20 -2.12 41.13 31.44
N PRO C 21 -1.93 40.82 30.17
CA PRO C 21 -3.08 40.68 29.26
C PRO C 21 -3.88 39.44 29.60
N GLU C 22 -5.17 39.48 29.28
CA GLU C 22 -6.00 38.31 29.55
C GLU C 22 -5.94 37.28 28.43
N PHE C 23 -5.34 37.61 27.28
CA PHE C 23 -5.14 36.64 26.22
C PHE C 23 -3.86 36.97 25.47
N ILE C 24 -3.06 35.94 25.19
CA ILE C 24 -1.82 36.06 24.41
C ILE C 24 -1.71 34.84 23.52
N SER C 25 -1.32 35.06 22.25
CA SER C 25 -1.07 33.96 21.33
C SER C 25 0.21 34.24 20.56
N VAL C 26 1.13 33.28 20.58
CA VAL C 26 2.45 33.43 19.97
C VAL C 26 2.76 32.18 19.15
N GLY C 27 3.32 32.40 17.96
CA GLY C 27 3.76 31.31 17.10
C GLY C 27 5.26 31.21 17.08
N TYR C 28 5.76 29.98 16.89
CA TYR C 28 7.19 29.69 16.84
C TYR C 28 7.50 28.77 15.68
N VAL C 29 8.64 29.02 15.03
CA VAL C 29 9.30 28.04 14.18
C VAL C 29 10.62 27.72 14.86
N ASP C 30 10.78 26.46 15.29
CA ASP C 30 11.89 26.04 16.14
C ASP C 30 11.83 26.93 17.40
N SER C 31 12.93 27.58 17.78
CA SER C 31 12.94 28.45 18.96
CA SER C 31 12.93 28.45 18.96
C SER C 31 12.76 29.92 18.60
N HIS C 32 12.43 30.23 17.34
CA HIS C 32 12.29 31.61 16.90
C HIS C 32 10.82 32.02 16.96
N PRO C 33 10.47 33.10 17.67
CA PRO C 33 9.10 33.63 17.58
C PRO C 33 8.85 34.20 16.20
N ILE C 34 7.67 33.94 15.66
CA ILE C 34 7.32 34.39 14.31
C ILE C 34 6.12 35.32 14.32
N THR C 35 5.15 35.10 15.20
CA THR C 35 3.93 35.90 15.25
C THR C 35 3.55 36.15 16.70
N THR C 36 2.79 37.21 16.90
CA THR C 36 2.31 37.53 18.24
C THR C 36 0.96 38.23 18.16
N TYR C 37 0.15 38.01 19.19
CA TYR C 37 -1.16 38.64 19.33
C TYR C 37 -1.49 38.66 20.82
N ASP C 38 -2.07 39.76 21.28
CA ASP C 38 -2.57 39.83 22.65
C ASP C 38 -3.84 40.66 22.68
N SER C 39 -4.53 40.61 23.82
CA SER C 39 -5.81 41.28 24.00
C SER C 39 -5.68 42.79 24.19
N VAL C 40 -4.47 43.31 24.35
CA VAL C 40 -4.27 44.75 24.46
C VAL C 40 -4.10 45.40 23.09
N THR C 41 -3.22 44.83 22.25
CA THR C 41 -3.05 45.35 20.91
C THR C 41 -4.19 44.94 19.98
N ARG C 42 -4.73 43.73 20.17
CA ARG C 42 -5.78 43.18 19.33
C ARG C 42 -5.37 43.12 17.86
N GLN C 43 -4.06 43.01 17.61
CA GLN C 43 -3.49 42.93 16.28
C GLN C 43 -2.49 41.79 16.21
N LYS C 44 -2.48 41.08 15.10
CA LYS C 44 -1.46 40.07 14.85
C LYS C 44 -0.26 40.75 14.20
N GLU C 45 0.91 40.60 14.83
CA GLU C 45 2.11 41.26 14.37
C GLU C 45 3.23 40.25 14.15
N PRO C 46 4.12 40.51 13.20
CA PRO C 46 5.27 39.63 13.02
C PRO C 46 6.29 39.81 14.13
N ARG C 47 6.98 38.71 14.46
CA ARG C 47 8.08 38.75 15.41
CA ARG C 47 8.07 38.71 15.43
C ARG C 47 9.40 38.32 14.79
N ALA C 48 9.47 38.28 13.46
CA ALA C 48 10.68 37.97 12.72
C ALA C 48 10.62 38.78 11.44
N PRO C 49 11.73 39.42 11.04
CA PRO C 49 11.69 40.24 9.82
C PRO C 49 11.35 39.45 8.57
N TRP C 50 11.79 38.19 8.47
CA TRP C 50 11.48 37.40 7.29
C TRP C 50 10.01 36.95 7.25
N MET C 51 9.27 37.11 8.36
CA MET C 51 7.83 36.89 8.32
C MET C 51 7.11 38.10 7.73
N ALA C 52 7.50 39.31 8.16
CA ALA C 52 6.86 40.52 7.64
C ALA C 52 7.14 40.73 6.16
N GLU C 53 8.34 40.36 5.70
CA GLU C 53 8.71 40.63 4.31
C GLU C 53 7.96 39.72 3.33
N ASN C 54 7.52 38.54 3.78
CA ASN C 54 6.98 37.54 2.87
C ASN C 54 5.49 37.31 2.99
N LEU C 55 4.82 37.90 3.97
CA LEU C 55 3.37 37.74 4.14
C LEU C 55 2.70 39.09 3.91
N ALA C 56 1.79 39.13 2.94
CA ALA C 56 1.11 40.36 2.56
C ALA C 56 0.21 40.85 3.70
N PRO C 57 -0.20 42.12 3.66
CA PRO C 57 -1.10 42.63 4.71
C PRO C 57 -2.41 41.86 4.81
N ASP C 58 -2.90 41.27 3.71
CA ASP C 58 -4.13 40.48 3.77
C ASP C 58 -4.01 39.33 4.76
N HIS C 59 -2.81 38.76 4.89
CA HIS C 59 -2.61 37.68 5.85
C HIS C 59 -2.80 38.16 7.28
N TRP C 60 -2.14 39.28 7.63
CA TRP C 60 -2.21 39.78 8.99
C TRP C 60 -3.61 40.30 9.33
N GLU C 61 -4.28 40.92 8.36
CA GLU C 61 -5.63 41.40 8.58
C GLU C 61 -6.61 40.24 8.81
N ARG C 62 -6.44 39.15 8.06
CA ARG C 62 -7.37 38.03 8.16
C ARG C 62 -7.23 37.31 9.49
N TYR C 63 -6.01 37.01 9.90
CA TYR C 63 -5.81 36.28 11.14
C TYR C 63 -5.97 37.15 12.38
N THR C 64 -5.93 38.48 12.23
CA THR C 64 -6.32 39.35 13.33
C THR C 64 -7.77 39.10 13.72
N GLN C 65 -8.66 39.01 12.71
CA GLN C 65 -10.06 38.74 12.99
C GLN C 65 -10.25 37.37 13.62
N LEU C 66 -9.54 36.36 13.12
CA LEU C 66 -9.65 35.02 13.69
C LEU C 66 -9.14 35.00 15.13
N LEU C 67 -8.02 35.69 15.39
CA LEU C 67 -7.48 35.71 16.75
C LEU C 67 -8.39 36.47 17.70
N ARG C 68 -9.12 37.47 17.21
CA ARG C 68 -10.12 38.12 18.06
C ARG C 68 -11.24 37.16 18.44
N GLY C 69 -11.64 36.29 17.51
CA GLY C 69 -12.62 35.28 17.85
C GLY C 69 -12.06 34.21 18.76
N TRP C 70 -10.83 33.77 18.50
CA TRP C 70 -10.19 32.78 19.38
C TRP C 70 -9.98 33.32 20.77
N GLN C 71 -9.70 34.63 20.89
CA GLN C 71 -9.61 35.24 22.21
C GLN C 71 -10.92 35.12 22.96
N GLN C 72 -12.04 35.43 22.29
CA GLN C 72 -13.34 35.34 22.95
C GLN C 72 -13.69 33.91 23.33
N MET C 73 -13.35 32.95 22.47
CA MET C 73 -13.60 31.54 22.78
C MET C 73 -12.79 31.09 23.99
N PHE C 74 -11.53 31.52 24.06
CA PHE C 74 -10.70 31.18 25.22
C PHE C 74 -11.27 31.74 26.51
N LYS C 75 -11.83 32.96 26.45
CA LYS C 75 -12.39 33.58 27.64
C LYS C 75 -13.58 32.78 28.17
N VAL C 76 -14.44 32.32 27.28
CA VAL C 76 -15.64 31.59 27.70
C VAL C 76 -15.27 30.20 28.21
N GLU C 77 -14.33 29.52 27.53
CA GLU C 77 -13.95 28.18 27.96
C GLU C 77 -13.29 28.20 29.34
N LEU C 78 -12.48 29.22 29.62
CA LEU C 78 -11.88 29.34 30.95
C LEU C 78 -12.95 29.60 32.01
N LYS C 79 -14.00 30.35 31.67
CA LYS C 79 -15.11 30.53 32.61
C LYS C 79 -15.78 29.20 32.94
N ARG C 80 -16.02 28.37 31.93
CA ARG C 80 -16.69 27.09 32.16
C ARG C 80 -15.81 26.14 32.97
N LEU C 81 -14.50 26.17 32.73
CA LEU C 81 -13.60 25.33 33.52
C LEU C 81 -13.62 25.71 34.99
N GLN C 82 -13.55 27.02 35.28
CA GLN C 82 -13.60 27.46 36.66
C GLN C 82 -14.92 27.06 37.32
N ARG C 83 -16.02 27.13 36.58
CA ARG C 83 -17.30 26.69 37.14
C ARG C 83 -17.29 25.19 37.42
N HIS C 84 -16.68 24.40 36.53
CA HIS C 84 -16.59 22.97 36.75
C HIS C 84 -15.79 22.65 38.00
N TYR C 85 -14.69 23.39 38.23
CA TYR C 85 -13.84 23.18 39.39
C TYR C 85 -14.31 23.94 40.63
N ASN C 86 -15.34 24.79 40.50
CA ASN C 86 -15.77 25.67 41.58
C ASN C 86 -14.59 26.55 42.04
N HIS C 87 -13.90 27.13 41.07
CA HIS C 87 -12.73 27.95 41.33
C HIS C 87 -13.07 29.44 41.18
N SER C 88 -12.53 30.24 42.09
CA SER C 88 -12.62 31.69 42.00
C SER C 88 -11.20 32.27 41.93
N GLY C 89 -11.12 33.56 41.66
CA GLY C 89 -9.83 34.21 41.52
C GLY C 89 -9.24 34.04 40.13
N SER C 90 -7.93 34.24 40.06
CA SER C 90 -7.22 34.22 38.79
C SER C 90 -6.69 32.83 38.49
N HIS C 91 -7.03 32.33 37.30
CA HIS C 91 -6.55 31.03 36.84
C HIS C 91 -6.10 31.18 35.38
N THR C 92 -5.37 30.17 34.90
CA THR C 92 -4.78 30.22 33.57
C THR C 92 -5.28 29.06 32.72
N TYR C 93 -5.39 29.33 31.43
CA TYR C 93 -5.83 28.35 30.43
C TYR C 93 -4.84 28.43 29.29
N GLN C 94 -4.32 27.28 28.85
CA GLN C 94 -3.25 27.25 27.86
C GLN C 94 -3.55 26.21 26.79
N ARG C 95 -3.07 26.50 25.58
CA ARG C 95 -3.23 25.62 24.44
C ARG C 95 -1.94 25.60 23.64
N MET C 96 -1.55 24.41 23.18
CA MET C 96 -0.38 24.25 22.32
C MET C 96 -0.74 23.31 21.19
N ILE C 97 -0.64 23.80 19.96
CA ILE C 97 -0.85 22.99 18.76
C ILE C 97 0.39 23.13 17.89
N GLY C 98 0.73 22.08 17.15
CA GLY C 98 1.89 22.18 16.28
C GLY C 98 2.21 20.87 15.61
N CYS C 99 3.30 20.90 14.83
CA CYS C 99 3.73 19.78 14.03
C CYS C 99 5.24 19.82 13.89
N GLU C 100 5.81 18.66 13.53
CA GLU C 100 7.25 18.53 13.30
C GLU C 100 7.49 17.87 11.95
N LEU C 101 8.47 18.41 11.21
CA LEU C 101 8.97 17.79 9.99
C LEU C 101 10.34 17.20 10.33
N LEU C 102 10.40 15.87 10.41
CA LEU C 102 11.59 15.19 10.91
C LEU C 102 12.67 15.13 9.84
N GLU C 103 13.87 14.71 10.26
CA GLU C 103 15.00 14.64 9.35
C GLU C 103 14.77 13.61 8.24
N ASP C 104 14.09 12.50 8.55
CA ASP C 104 13.86 11.44 7.58
C ASP C 104 12.61 11.67 6.73
N GLY C 105 11.92 12.79 6.91
CA GLY C 105 10.75 13.12 6.14
C GLY C 105 9.43 12.78 6.81
N SER C 106 9.44 11.97 7.85
CA SER C 106 8.21 11.68 8.58
C SER C 106 7.77 12.90 9.38
N THR C 107 6.52 12.87 9.83
CA THR C 107 5.92 14.01 10.50
C THR C 107 5.28 13.58 11.81
N THR C 108 5.17 14.55 12.73
CA THR C 108 4.42 14.40 13.96
C THR C 108 3.47 15.59 14.10
N GLY C 109 2.47 15.43 14.94
CA GLY C 109 1.52 16.49 15.20
C GLY C 109 0.96 16.35 16.60
N PHE C 110 0.67 17.50 17.22
CA PHE C 110 0.23 17.50 18.61
C PHE C 110 -0.72 18.67 18.85
N LEU C 111 -1.66 18.45 19.77
CA LEU C 111 -2.59 19.48 20.22
C LEU C 111 -2.93 19.18 21.67
N GLN C 112 -2.64 20.13 22.56
CA GLN C 112 -2.74 19.90 24.00
C GLN C 112 -3.34 21.13 24.67
N TYR C 113 -4.01 20.90 25.79
CA TYR C 113 -4.59 21.95 26.62
C TYR C 113 -4.10 21.79 28.05
N ALA C 114 -4.00 22.91 28.75
CA ALA C 114 -3.58 22.90 30.15
C ALA C 114 -4.41 23.89 30.95
N TYR C 115 -4.66 23.55 32.21
CA TYR C 115 -5.37 24.40 33.15
C TYR C 115 -4.48 24.63 34.36
N ASP C 116 -4.22 25.91 34.67
CA ASP C 116 -3.31 26.29 35.74
C ASP C 116 -1.92 25.65 35.56
N GLY C 117 -1.48 25.56 34.30
CA GLY C 117 -0.16 25.07 33.99
C GLY C 117 0.03 23.58 34.09
N GLN C 118 -1.04 22.81 34.21
CA GLN C 118 -0.97 21.36 34.32
C GLN C 118 -1.76 20.72 33.18
N ASP C 119 -1.31 19.55 32.74
CA ASP C 119 -1.96 18.82 31.66
C ASP C 119 -3.45 18.69 31.92
N PHE C 120 -4.25 18.92 30.88
CA PHE C 120 -5.70 18.87 31.00
C PHE C 120 -6.30 17.94 29.95
N LEU C 121 -6.02 18.20 28.67
CA LEU C 121 -6.54 17.38 27.58
C LEU C 121 -5.46 17.21 26.51
N ILE C 122 -5.29 15.98 26.03
CA ILE C 122 -4.30 15.64 25.01
C ILE C 122 -5.02 14.98 23.84
N PHE C 123 -4.86 15.55 22.65
CA PHE C 123 -5.53 15.03 21.48
C PHE C 123 -4.74 13.87 20.87
N ASN C 124 -5.44 12.79 20.56
CA ASN C 124 -4.87 11.61 19.89
C ASN C 124 -5.41 11.63 18.46
N LYS C 125 -4.59 12.07 17.51
CA LYS C 125 -5.05 12.17 16.13
C LYS C 125 -5.07 10.84 15.41
N ASP C 126 -4.49 9.79 15.98
CA ASP C 126 -4.54 8.47 15.34
C ASP C 126 -5.78 7.69 15.71
N THR C 127 -6.45 8.04 16.81
CA THR C 127 -7.73 7.44 17.17
C THR C 127 -8.85 8.45 17.21
N LEU C 128 -8.56 9.74 16.98
CA LEU C 128 -9.56 10.81 17.00
C LEU C 128 -10.28 10.85 18.35
N SER C 129 -9.49 10.89 19.43
CA SER C 129 -10.04 10.94 20.78
C SER C 129 -9.20 11.90 21.61
N TRP C 130 -9.79 12.33 22.73
CA TRP C 130 -9.13 13.20 23.68
C TRP C 130 -8.83 12.44 24.96
N LEU C 131 -7.61 12.58 25.47
CA LEU C 131 -7.22 11.96 26.73
C LEU C 131 -7.42 12.99 27.85
N ALA C 132 -8.20 12.62 28.86
CA ALA C 132 -8.57 13.51 29.95
C ALA C 132 -7.86 13.11 31.23
N VAL C 133 -7.43 14.12 32.01
CA VAL C 133 -6.69 13.86 33.23
C VAL C 133 -7.60 13.67 34.43
N ASP C 134 -8.81 14.24 34.42
CA ASP C 134 -9.71 14.15 35.56
C ASP C 134 -11.15 14.19 35.06
N ASN C 135 -12.10 14.20 36.00
CA ASN C 135 -13.51 14.17 35.63
CA ASN C 135 -13.50 14.17 35.62
C ASN C 135 -13.94 15.44 34.91
N VAL C 136 -13.35 16.59 35.27
CA VAL C 136 -13.69 17.83 34.59
C VAL C 136 -13.27 17.76 33.12
N ALA C 137 -12.03 17.32 32.88
CA ALA C 137 -11.57 17.15 31.51
C ALA C 137 -12.37 16.08 30.78
N HIS C 138 -12.84 15.07 31.50
CA HIS C 138 -13.66 14.03 30.88
C HIS C 138 -14.98 14.61 30.37
N THR C 139 -15.55 15.56 31.13
CA THR C 139 -16.79 16.21 30.68
C THR C 139 -16.55 17.00 29.40
N ILE C 140 -15.42 17.71 29.32
CA ILE C 140 -15.08 18.44 28.09
C ILE C 140 -14.78 17.46 26.96
N LYS C 141 -14.12 16.34 27.29
CA LYS C 141 -13.80 15.33 26.29
C LYS C 141 -15.05 14.83 25.57
N GLN C 142 -16.09 14.48 26.33
CA GLN C 142 -17.30 13.92 25.71
C GLN C 142 -17.98 14.92 24.79
N ALA C 143 -17.93 16.21 25.13
CA ALA C 143 -18.51 17.22 24.25
C ALA C 143 -17.70 17.37 22.97
N TRP C 144 -16.37 17.39 23.10
CA TRP C 144 -15.53 17.55 21.91
C TRP C 144 -15.55 16.31 21.03
N GLU C 145 -15.59 15.12 21.65
CA GLU C 145 -15.62 13.88 20.89
C GLU C 145 -16.96 13.64 20.20
N ALA C 146 -17.99 14.41 20.53
CA ALA C 146 -19.28 14.25 19.88
C ALA C 146 -19.32 14.88 18.49
N ASN C 147 -18.38 15.77 18.17
CA ASN C 147 -18.33 16.44 16.88
C ASN C 147 -17.29 15.72 16.02
N GLN C 148 -17.75 14.72 15.27
CA GLN C 148 -16.84 13.88 14.49
C GLN C 148 -16.12 14.69 13.42
N HIS C 149 -16.85 15.53 12.68
CA HIS C 149 -16.24 16.33 11.64
C HIS C 149 -15.18 17.27 12.19
N GLU C 150 -15.38 17.77 13.42
CA GLU C 150 -14.38 18.63 14.05
CA GLU C 150 -14.38 18.63 14.05
C GLU C 150 -13.07 17.88 14.27
N LEU C 151 -13.15 16.64 14.73
CA LEU C 151 -11.95 15.84 14.95
C LEU C 151 -11.23 15.56 13.63
N LEU C 152 -12.00 15.31 12.56
CA LEU C 152 -11.39 15.06 11.25
C LEU C 152 -10.66 16.30 10.74
N TYR C 153 -11.28 17.47 10.90
CA TYR C 153 -10.62 18.71 10.50
C TYR C 153 -9.33 18.93 11.27
N GLN C 154 -9.33 18.59 12.56
CA GLN C 154 -8.13 18.79 13.37
C GLN C 154 -7.00 17.88 12.91
N LYS C 155 -7.32 16.61 12.62
CA LYS C 155 -6.30 15.70 12.09
C LYS C 155 -5.74 16.21 10.78
N ASN C 156 -6.61 16.72 9.90
CA ASN C 156 -6.15 17.25 8.62
C ASN C 156 -5.23 18.46 8.81
N TRP C 157 -5.57 19.33 9.76
CA TRP C 157 -4.74 20.52 9.95
C TRP C 157 -3.37 20.14 10.51
N LEU C 158 -3.33 19.20 11.45
CA LEU C 158 -2.06 18.79 12.05
C LEU C 158 -1.16 18.09 11.03
N GLU C 159 -1.74 17.29 10.14
CA GLU C 159 -0.93 16.45 9.27
C GLU C 159 -0.64 17.09 7.92
N GLU C 160 -1.51 17.97 7.44
CA GLU C 160 -1.36 18.56 6.11
C GLU C 160 -1.14 20.07 6.17
N GLU C 161 -2.06 20.82 6.76
CA GLU C 161 -1.95 22.28 6.76
C GLU C 161 -0.74 22.74 7.56
N CYS C 162 -0.56 22.20 8.77
CA CYS C 162 0.54 22.64 9.61
C CYS C 162 1.89 22.37 8.96
N ILE C 163 2.03 21.19 8.34
CA ILE C 163 3.28 20.87 7.65
C ILE C 163 3.49 21.82 6.47
N ALA C 164 2.41 22.15 5.75
CA ALA C 164 2.54 23.08 4.63
C ALA C 164 2.93 24.48 5.10
N TRP C 165 2.36 24.93 6.23
CA TRP C 165 2.78 26.22 6.79
C TRP C 165 4.25 26.18 7.19
N LEU C 166 4.69 25.08 7.81
CA LEU C 166 6.08 24.97 8.26
C LEU C 166 7.06 25.04 7.10
N LYS C 167 6.79 24.26 6.03
CA LYS C 167 7.66 24.33 4.86
C LYS C 167 7.67 25.74 4.26
N ARG C 168 6.53 26.43 4.31
CA ARG C 168 6.45 27.79 3.80
C ARG C 168 7.30 28.75 4.62
N PHE C 169 7.13 28.72 5.95
CA PHE C 169 7.93 29.58 6.82
C PHE C 169 9.41 29.20 6.78
N LEU C 170 9.70 27.91 6.61
CA LEU C 170 11.09 27.47 6.55
C LEU C 170 11.81 28.11 5.36
N GLU C 171 11.12 28.25 4.24
CA GLU C 171 11.70 28.90 3.08
C GLU C 171 11.87 30.41 3.30
N TYR C 172 10.89 31.03 3.97
CA TYR C 172 10.96 32.46 4.24
C TYR C 172 12.21 32.81 5.04
N GLY C 173 12.49 32.04 6.08
CA GLY C 173 13.62 32.34 6.94
C GLY C 173 14.77 31.35 6.85
N LYS C 174 15.02 30.82 5.64
CA LYS C 174 16.05 29.80 5.50
C LYS C 174 17.43 30.34 5.84
N ASP C 175 17.69 31.61 5.56
CA ASP C 175 18.98 32.20 5.91
C ASP C 175 19.24 32.19 7.41
N THR C 176 18.19 32.16 8.22
CA THR C 176 18.31 32.05 9.66
C THR C 176 18.13 30.61 10.15
N LEU C 177 17.07 29.94 9.71
CA LEU C 177 16.68 28.66 10.29
C LEU C 177 17.59 27.53 9.83
N GLN C 178 18.09 27.58 8.60
CA GLN C 178 18.86 26.49 8.03
C GLN C 178 20.35 26.76 8.02
N ARG C 179 20.82 27.79 8.73
CA ARG C 179 22.23 28.05 8.81
C ARG C 179 22.89 27.19 9.88
N THR C 180 24.22 27.15 9.86
CA THR C 180 25.00 26.41 10.85
C THR C 180 26.15 27.30 11.32
N GLU C 181 26.22 27.51 12.63
CA GLU C 181 27.37 28.15 13.24
C GLU C 181 28.01 27.15 14.20
N PRO C 182 29.20 26.64 13.90
CA PRO C 182 29.79 25.59 14.72
C PRO C 182 30.13 26.09 16.11
N PRO C 183 30.19 25.20 17.10
CA PRO C 183 30.50 25.64 18.46
C PRO C 183 31.99 25.88 18.69
N LEU C 184 32.27 26.82 19.59
CA LEU C 184 33.60 27.02 20.13
C LEU C 184 33.66 26.28 21.47
N VAL C 185 34.53 25.27 21.56
CA VAL C 185 34.56 24.36 22.70
C VAL C 185 35.93 24.42 23.33
N ARG C 186 35.96 24.53 24.65
CA ARG C 186 37.20 24.50 25.43
C ARG C 186 36.99 23.63 26.65
N VAL C 187 38.09 23.09 27.16
CA VAL C 187 38.10 22.25 28.35
C VAL C 187 38.92 22.95 29.42
N ASN C 188 38.34 23.09 30.61
CA ASN C 188 39.00 23.75 31.73
C ASN C 188 39.23 22.74 32.85
N ARG C 189 40.35 22.91 33.56
CA ARG C 189 40.76 22.02 34.63
C ARG C 189 41.17 22.84 35.84
N LYS C 190 40.77 22.39 37.02
CA LYS C 190 41.06 23.12 38.25
C LYS C 190 40.83 22.21 39.45
N GLU C 191 41.75 22.24 40.40
CA GLU C 191 41.52 21.62 41.70
C GLU C 191 40.60 22.52 42.52
N THR C 192 39.52 21.93 43.05
CA THR C 192 38.48 22.70 43.74
C THR C 192 38.58 22.40 45.22
N PHE C 193 37.78 21.49 45.76
CA PHE C 193 38.03 21.00 47.11
C PHE C 193 39.36 20.25 47.12
N PRO C 194 40.15 20.39 48.20
CA PRO C 194 41.46 19.71 48.24
C PRO C 194 41.39 18.23 47.87
N GLY C 195 42.13 17.84 46.82
CA GLY C 195 42.09 16.48 46.32
C GLY C 195 41.06 16.22 45.25
N VAL C 196 40.30 17.23 44.84
CA VAL C 196 39.21 17.08 43.87
C VAL C 196 39.51 17.97 42.69
N THR C 197 39.67 17.36 41.51
CA THR C 197 39.90 18.09 40.27
C THR C 197 38.62 18.08 39.44
N ALA C 198 38.15 19.26 39.06
CA ALA C 198 36.94 19.41 38.27
C ALA C 198 37.30 19.72 36.82
N LEU C 199 36.70 18.98 35.90
CA LEU C 199 36.89 19.20 34.46
C LEU C 199 35.60 19.79 33.89
N PHE C 200 35.72 20.94 33.23
CA PHE C 200 34.59 21.61 32.62
C PHE C 200 34.78 21.66 31.11
N CYS C 201 33.76 21.25 30.37
CA CYS C 201 33.75 21.31 28.92
C CYS C 201 32.66 22.30 28.51
N LYS C 202 33.07 23.48 28.02
CA LYS C 202 32.16 24.58 27.76
C LYS C 202 32.12 24.90 26.27
N ALA C 203 30.91 25.02 25.74
CA ALA C 203 30.69 25.36 24.33
C ALA C 203 29.83 26.61 24.23
N HIS C 204 30.11 27.43 23.22
CA HIS C 204 29.33 28.65 23.00
C HIS C 204 29.44 29.04 21.53
N GLY C 205 28.56 29.96 21.13
CA GLY C 205 28.58 30.48 19.78
C GLY C 205 27.98 29.59 18.72
N PHE C 206 27.20 28.59 19.10
CA PHE C 206 26.69 27.61 18.15
C PHE C 206 25.21 27.84 17.86
N TYR C 207 24.83 27.52 16.61
CA TYR C 207 23.45 27.48 16.15
C TYR C 207 23.40 26.36 15.12
N PRO C 208 22.34 25.51 15.14
CA PRO C 208 21.16 25.51 16.00
C PRO C 208 21.48 25.15 17.46
N PRO C 209 20.52 25.36 18.37
CA PRO C 209 20.78 25.07 19.79
C PRO C 209 20.97 23.59 20.09
N GLU C 210 20.50 22.69 19.23
CA GLU C 210 20.63 21.26 19.48
C GLU C 210 22.10 20.85 19.45
N ILE C 211 22.61 20.37 20.58
CA ILE C 211 24.01 19.97 20.71
C ILE C 211 24.08 18.78 21.66
N TYR C 212 25.08 17.94 21.45
CA TYR C 212 25.31 16.75 22.29
C TYR C 212 26.70 16.86 22.90
N MET C 213 26.76 16.78 24.23
CA MET C 213 28.02 16.86 24.96
C MET C 213 28.06 15.75 26.00
N THR C 214 29.22 15.11 26.13
CA THR C 214 29.38 14.05 27.12
C THR C 214 30.86 13.88 27.41
N TRP C 215 31.14 13.26 28.56
CA TRP C 215 32.49 12.93 28.98
C TRP C 215 32.70 11.42 28.86
N MET C 216 33.90 11.03 28.44
CA MET C 216 34.24 9.63 28.24
C MET C 216 35.56 9.31 28.90
N LYS C 217 35.66 8.10 29.45
CA LYS C 217 36.89 7.60 30.05
C LYS C 217 37.50 6.55 29.15
N ASN C 218 38.70 6.82 28.64
CA ASN C 218 39.41 5.94 27.71
C ASN C 218 38.63 5.69 26.42
N GLY C 219 37.67 6.56 26.10
CA GLY C 219 36.93 6.48 24.87
C GLY C 219 35.96 5.32 24.74
N GLU C 220 35.95 4.39 25.68
CA GLU C 220 35.10 3.19 25.58
C GLU C 220 34.08 3.11 26.70
N GLU C 221 33.87 4.20 27.45
CA GLU C 221 32.88 4.19 28.53
C GLU C 221 32.57 5.64 28.89
N ILE C 222 31.36 5.84 29.39
CA ILE C 222 30.90 7.17 29.81
C ILE C 222 31.16 7.32 31.30
N VAL C 223 31.60 8.52 31.70
CA VAL C 223 31.90 8.78 33.10
C VAL C 223 30.62 8.88 33.90
N GLN C 224 30.72 8.58 35.19
CA GLN C 224 29.57 8.62 36.10
C GLN C 224 29.52 9.94 36.85
N GLU C 225 28.29 10.38 37.15
CA GLU C 225 28.02 11.62 37.87
C GLU C 225 28.54 12.83 37.09
N ILE C 226 27.81 13.13 36.02
CA ILE C 226 28.07 14.29 35.16
C ILE C 226 26.96 15.29 35.39
N ASP C 227 27.31 16.56 35.57
CA ASP C 227 26.27 17.58 35.61
CA ASP C 227 26.36 17.66 35.68
C ASP C 227 26.33 18.43 34.36
N TYR C 228 25.15 18.85 33.92
CA TYR C 228 24.99 19.53 32.65
C TYR C 228 24.45 20.94 32.87
N GLY C 229 24.93 21.87 32.06
CA GLY C 229 24.37 23.21 32.02
C GLY C 229 23.30 23.31 30.95
N ASP C 230 22.34 24.19 31.20
CA ASP C 230 21.26 24.41 30.24
C ASP C 230 21.81 24.99 28.95
N ILE C 231 21.12 24.71 27.85
CA ILE C 231 21.41 25.36 26.58
C ILE C 231 20.80 26.76 26.65
N LEU C 232 21.64 27.78 26.80
CA LEU C 232 21.18 29.13 27.09
C LEU C 232 21.39 30.06 25.91
N PRO C 233 20.44 30.95 25.63
CA PRO C 233 20.64 31.92 24.55
C PRO C 233 21.64 32.99 24.96
N SER C 234 22.58 33.27 24.06
CA SER C 234 23.62 34.26 24.33
C SER C 234 23.19 35.68 23.96
N GLY C 235 22.05 35.85 23.29
CA GLY C 235 21.54 37.15 22.92
C GLY C 235 21.82 37.56 21.48
N ASP C 236 22.83 36.97 20.85
CA ASP C 236 23.20 37.29 19.49
C ASP C 236 22.69 36.27 18.48
N GLY C 237 21.78 35.39 18.88
CA GLY C 237 21.28 34.35 18.02
C GLY C 237 21.98 33.00 18.17
N THR C 238 23.06 32.95 18.93
CA THR C 238 23.78 31.71 19.21
C THR C 238 23.50 31.27 20.64
N TYR C 239 24.02 30.09 20.98
CA TYR C 239 23.72 29.45 22.26
C TYR C 239 25.00 28.96 22.92
N GLN C 240 24.89 28.59 24.19
CA GLN C 240 26.02 28.11 24.97
C GLN C 240 25.54 27.03 25.94
N ALA C 241 26.46 26.13 26.28
CA ALA C 241 26.17 25.00 27.17
C ALA C 241 27.49 24.45 27.70
N TRP C 242 27.39 23.55 28.67
CA TRP C 242 28.57 22.94 29.25
C TRP C 242 28.22 21.62 29.92
N ALA C 243 29.26 20.88 30.29
CA ALA C 243 29.15 19.62 31.02
C ALA C 243 30.43 19.41 31.80
N SER C 244 30.31 18.92 33.03
CA SER C 244 31.47 18.80 33.91
C SER C 244 31.46 17.47 34.65
N ILE C 245 32.65 17.03 35.05
CA ILE C 245 32.86 15.81 35.82
C ILE C 245 33.96 16.06 36.84
N GLU C 246 34.21 15.05 37.69
CA GLU C 246 35.33 15.03 38.61
C GLU C 246 36.39 14.07 38.09
N LEU C 247 37.66 14.48 38.20
CA LEU C 247 38.76 13.68 37.67
C LEU C 247 39.18 12.64 38.70
N ASP C 248 39.56 11.46 38.19
CA ASP C 248 40.15 10.40 39.00
C ASP C 248 39.23 9.93 40.12
N LEU C 254 42.43 8.62 31.41
CA LEU C 254 42.35 9.45 30.22
C LEU C 254 40.91 9.88 29.94
N TYR C 255 40.61 11.15 30.17
CA TYR C 255 39.28 11.71 29.99
C TYR C 255 39.23 12.58 28.73
N SER C 256 38.08 12.57 28.07
CA SER C 256 37.89 13.37 26.87
C SER C 256 36.45 13.84 26.79
N CYS C 257 36.26 15.07 26.31
CA CYS C 257 34.94 15.62 26.07
C CYS C 257 34.55 15.40 24.62
N HIS C 258 33.35 14.87 24.40
CA HIS C 258 32.83 14.61 23.06
C HIS C 258 31.66 15.54 22.78
N VAL C 259 31.72 16.24 21.65
CA VAL C 259 30.70 17.21 21.27
C VAL C 259 30.25 16.89 19.85
N GLU C 260 28.94 16.77 19.67
CA GLU C 260 28.35 16.49 18.36
C GLU C 260 27.39 17.62 18.03
N HIS C 261 27.61 18.28 16.89
CA HIS C 261 26.77 19.41 16.48
C HIS C 261 26.66 19.42 14.96
N SER C 262 25.42 19.30 14.47
CA SER C 262 25.11 19.50 13.05
C SER C 262 25.99 18.63 12.15
N GLY C 263 26.06 17.33 12.47
CA GLY C 263 26.79 16.39 11.65
C GLY C 263 28.30 16.44 11.77
N VAL C 264 28.83 17.15 12.76
CA VAL C 264 30.26 17.24 13.00
C VAL C 264 30.55 16.78 14.41
N HIS C 265 31.46 15.84 14.56
CA HIS C 265 31.86 15.32 15.87
C HIS C 265 33.20 15.95 16.27
N MET C 266 33.34 16.25 17.55
CA MET C 266 34.51 16.92 18.09
C MET C 266 34.94 16.24 19.38
N VAL C 267 36.24 16.02 19.52
CA VAL C 267 36.81 15.36 20.69
C VAL C 267 37.88 16.28 21.28
N LEU C 268 37.81 16.50 22.59
CA LEU C 268 38.79 17.31 23.30
C LEU C 268 39.38 16.46 24.41
N GLN C 269 40.61 15.99 24.20
CA GLN C 269 41.29 15.13 25.17
CA GLN C 269 41.28 15.13 25.17
C GLN C 269 41.92 15.97 26.28
N VAL C 270 41.91 15.42 27.49
CA VAL C 270 42.49 16.06 28.66
C VAL C 270 43.91 15.51 28.83
N PRO C 271 44.95 16.36 28.81
CA PRO C 271 46.34 15.91 28.95
C PRO C 271 46.67 15.50 30.39
N GLY D 2 -4.20 31.47 -8.08
CA GLY D 2 -5.53 32.03 -7.94
C GLY D 2 -6.55 31.01 -7.48
N GLN D 3 -7.23 31.30 -6.37
CA GLN D 3 -8.19 30.37 -5.82
C GLN D 3 -9.41 30.27 -6.72
N ASN D 4 -9.77 29.05 -7.10
CA ASN D 4 -10.84 28.83 -8.06
C ASN D 4 -11.58 27.53 -7.71
N ILE D 5 -12.90 27.56 -7.85
CA ILE D 5 -13.76 26.41 -7.62
C ILE D 5 -14.63 26.22 -8.84
N ASP D 6 -14.69 25.00 -9.37
CA ASP D 6 -15.38 24.72 -10.62
C ASP D 6 -16.35 23.57 -10.44
N GLN D 7 -17.62 23.83 -10.72
CA GLN D 7 -18.67 22.82 -10.81
C GLN D 7 -19.51 23.13 -12.02
N PRO D 8 -20.14 22.11 -12.62
CA PRO D 8 -20.91 22.36 -13.85
C PRO D 8 -22.06 23.33 -13.61
N THR D 9 -22.40 24.07 -14.66
CA THR D 9 -23.46 25.07 -14.55
C THR D 9 -24.83 24.41 -14.36
N GLU D 10 -25.08 23.32 -15.08
CA GLU D 10 -26.39 22.69 -15.09
C GLU D 10 -26.24 21.22 -15.42
N MET D 11 -27.04 20.38 -14.76
CA MET D 11 -27.10 18.95 -15.05
C MET D 11 -28.55 18.50 -15.09
N THR D 12 -28.84 17.55 -15.97
CA THR D 12 -30.19 17.02 -16.14
C THR D 12 -30.13 15.51 -16.07
N ALA D 13 -31.02 14.91 -15.27
CA ALA D 13 -31.10 13.47 -15.13
C ALA D 13 -32.56 13.07 -14.99
N THR D 14 -32.80 11.76 -15.04
CA THR D 14 -34.15 11.20 -15.04
C THR D 14 -34.56 10.82 -13.62
N GLU D 15 -35.84 11.06 -13.31
CA GLU D 15 -36.40 10.66 -12.03
C GLU D 15 -36.20 9.18 -11.79
N GLY D 16 -35.71 8.84 -10.59
CA GLY D 16 -35.44 7.47 -10.24
C GLY D 16 -34.04 6.99 -10.53
N ALA D 17 -33.26 7.74 -11.29
CA ALA D 17 -31.90 7.35 -11.65
C ALA D 17 -30.92 7.96 -10.64
N ILE D 18 -29.65 8.06 -11.02
CA ILE D 18 -28.63 8.66 -10.16
C ILE D 18 -27.99 9.82 -10.92
N VAL D 19 -27.36 10.72 -10.15
CA VAL D 19 -26.62 11.83 -10.72
C VAL D 19 -25.44 12.14 -9.81
N GLN D 20 -24.30 12.46 -10.43
CA GLN D 20 -23.07 12.79 -9.72
C GLN D 20 -22.64 14.19 -10.11
N ILE D 21 -22.56 15.08 -9.13
CA ILE D 21 -22.21 16.48 -9.36
C ILE D 21 -20.78 16.69 -8.90
N ASN D 22 -19.88 16.99 -9.84
CA ASN D 22 -18.46 17.13 -9.54
C ASN D 22 -18.13 18.55 -9.11
N CYS D 23 -17.11 18.65 -8.25
CA CYS D 23 -16.59 19.94 -7.81
C CYS D 23 -15.07 19.81 -7.68
N THR D 24 -14.33 20.56 -8.49
CA THR D 24 -12.88 20.62 -8.39
C THR D 24 -12.47 21.98 -7.85
N TYR D 25 -11.40 22.00 -7.07
CA TYR D 25 -10.94 23.22 -6.42
C TYR D 25 -9.44 23.36 -6.55
N GLN D 26 -9.00 24.58 -6.84
CA GLN D 26 -7.59 24.97 -6.82
C GLN D 26 -7.47 26.09 -5.79
N THR D 27 -7.10 25.73 -4.56
CA THR D 27 -7.02 26.69 -3.47
C THR D 27 -5.63 26.65 -2.85
N SER D 28 -5.29 27.74 -2.16
CA SER D 28 -4.08 27.80 -1.36
C SER D 28 -4.45 27.29 0.03
N GLY D 29 -4.24 26.00 0.25
CA GLY D 29 -4.62 25.37 1.49
C GLY D 29 -6.03 24.79 1.44
N PHE D 30 -6.32 23.93 2.41
CA PHE D 30 -7.58 23.19 2.42
C PHE D 30 -7.96 22.87 3.86
N ASN D 31 -9.15 23.30 4.27
CA ASN D 31 -9.65 23.00 5.61
C ASN D 31 -11.05 22.37 5.55
N GLY D 32 -11.43 21.82 4.41
CA GLY D 32 -12.71 21.14 4.27
C GLY D 32 -13.50 21.62 3.07
N LEU D 33 -14.39 20.77 2.59
CA LEU D 33 -15.25 21.06 1.46
C LEU D 33 -16.70 20.86 1.87
N PHE D 34 -17.55 21.83 1.53
CA PHE D 34 -18.96 21.82 1.89
C PHE D 34 -19.84 21.67 0.66
N TRP D 35 -20.99 21.03 0.84
CA TRP D 35 -22.06 21.00 -0.14
C TRP D 35 -23.32 21.61 0.47
N TYR D 36 -23.98 22.45 -0.30
CA TYR D 36 -25.22 23.09 0.13
C TYR D 36 -26.29 22.87 -0.92
N GLN D 37 -27.54 22.75 -0.47
CA GLN D 37 -28.69 22.68 -1.34
C GLN D 37 -29.48 23.98 -1.25
N GLN D 38 -29.90 24.50 -2.39
CA GLN D 38 -30.67 25.75 -2.44
C GLN D 38 -31.79 25.59 -3.47
N HIS D 39 -33.02 25.39 -2.99
CA HIS D 39 -34.17 25.42 -3.88
C HIS D 39 -34.41 26.84 -4.40
N ALA D 40 -35.12 26.91 -5.51
CA ALA D 40 -35.37 28.19 -6.16
C ALA D 40 -36.16 29.12 -5.23
N GLY D 41 -35.62 30.31 -5.00
CA GLY D 41 -36.25 31.28 -4.11
C GLY D 41 -36.04 31.02 -2.64
N GLU D 42 -35.32 29.98 -2.26
CA GLU D 42 -35.09 29.62 -0.87
C GLU D 42 -33.65 29.91 -0.48
N ALA D 43 -33.36 29.71 0.80
CA ALA D 43 -32.03 29.85 1.37
C ALA D 43 -31.24 28.55 1.22
N PRO D 44 -29.93 28.64 1.09
CA PRO D 44 -29.11 27.43 1.07
C PRO D 44 -29.13 26.74 2.43
N THR D 45 -29.08 25.40 2.40
CA THR D 45 -29.03 24.59 3.61
C THR D 45 -27.86 23.63 3.53
N PHE D 46 -27.22 23.38 4.67
CA PHE D 46 -26.04 22.53 4.72
C PHE D 46 -26.40 21.09 4.36
N LEU D 47 -25.60 20.48 3.48
CA LEU D 47 -25.77 19.08 3.12
C LEU D 47 -24.67 18.18 3.66
N SER D 48 -23.40 18.54 3.46
CA SER D 48 -22.32 17.63 3.85
C SER D 48 -21.03 18.41 4.03
N TYR D 49 -20.07 17.75 4.68
CA TYR D 49 -18.74 18.28 4.89
C TYR D 49 -17.73 17.15 4.78
N ASN D 50 -16.68 17.35 3.99
CA ASN D 50 -15.59 16.39 3.86
C ASN D 50 -14.27 17.13 4.02
N VAL D 51 -13.32 16.51 4.73
CA VAL D 51 -11.99 17.09 4.86
C VAL D 51 -10.92 16.02 4.68
N LEU D 52 -11.26 14.76 4.99
CA LEU D 52 -10.37 13.64 4.73
C LEU D 52 -10.91 12.79 3.58
N ASP D 53 -10.04 11.94 3.05
CA ASP D 53 -10.40 11.14 1.90
C ASP D 53 -11.43 10.08 2.30
N GLY D 54 -12.49 9.96 1.50
CA GLY D 54 -13.48 8.93 1.72
C GLY D 54 -14.83 9.36 1.20
N LEU D 55 -15.83 8.54 1.51
CA LEU D 55 -17.21 8.74 1.07
C LEU D 55 -18.12 8.66 2.28
N GLU D 56 -18.97 9.67 2.46
CA GLU D 56 -19.94 9.70 3.54
C GLU D 56 -21.35 9.73 2.98
N GLU D 57 -22.23 8.91 3.55
CA GLU D 57 -23.58 8.73 3.05
C GLU D 57 -24.58 9.29 4.05
N LYS D 58 -25.51 10.11 3.57
CA LYS D 58 -26.60 10.67 4.36
C LYS D 58 -27.89 10.44 3.58
N GLY D 59 -28.57 9.34 3.88
CA GLY D 59 -29.79 9.03 3.16
C GLY D 59 -29.49 8.66 1.72
N ARG D 60 -30.20 9.32 0.80
CA ARG D 60 -29.96 9.13 -0.63
C ARG D 60 -28.78 9.95 -1.13
N PHE D 61 -28.20 10.81 -0.29
CA PHE D 61 -27.13 11.70 -0.70
C PHE D 61 -25.80 11.17 -0.17
N SER D 62 -24.78 11.19 -1.02
CA SER D 62 -23.43 10.80 -0.63
C SER D 62 -22.45 11.85 -1.12
N SER D 63 -21.40 12.10 -0.34
CA SER D 63 -20.39 13.10 -0.67
CA SER D 63 -20.39 13.10 -0.67
C SER D 63 -19.01 12.46 -0.56
N PHE D 64 -18.23 12.59 -1.63
CA PHE D 64 -16.91 12.00 -1.74
C PHE D 64 -15.86 13.10 -1.82
N LEU D 65 -14.66 12.82 -1.31
CA LEU D 65 -13.56 13.77 -1.39
C LEU D 65 -12.26 13.03 -1.69
N SER D 66 -11.49 13.58 -2.62
CA SER D 66 -10.13 13.14 -2.90
C SER D 66 -9.21 14.35 -2.77
N ARG D 67 -8.41 14.38 -1.70
CA ARG D 67 -7.54 15.53 -1.46
C ARG D 67 -6.43 15.63 -2.49
N SER D 68 -5.92 14.50 -2.98
CA SER D 68 -4.80 14.55 -3.92
C SER D 68 -5.24 15.01 -5.30
N LYS D 69 -6.47 14.70 -5.70
CA LYS D 69 -7.00 15.13 -6.98
C LYS D 69 -7.71 16.49 -6.90
N GLY D 70 -7.84 17.06 -5.70
CA GLY D 70 -8.56 18.31 -5.53
C GLY D 70 -9.96 18.22 -6.09
N TYR D 71 -10.70 17.20 -5.66
CA TYR D 71 -11.93 16.82 -6.34
C TYR D 71 -12.91 16.25 -5.34
N SER D 72 -14.17 16.64 -5.49
CA SER D 72 -15.27 16.10 -4.69
C SER D 72 -16.47 15.90 -5.60
N TYR D 73 -17.35 14.97 -5.21
CA TYR D 73 -18.63 14.86 -5.90
C TYR D 73 -19.74 14.66 -4.88
N LEU D 74 -20.92 15.13 -5.25
CA LEU D 74 -22.17 14.88 -4.52
C LEU D 74 -22.99 13.91 -5.34
N LEU D 75 -23.34 12.78 -4.73
CA LEU D 75 -24.04 11.70 -5.41
C LEU D 75 -25.47 11.60 -4.88
N LEU D 76 -26.44 11.64 -5.78
CA LEU D 76 -27.85 11.53 -5.44
C LEU D 76 -28.41 10.27 -6.09
N LYS D 77 -28.97 9.39 -5.28
CA LYS D 77 -29.57 8.15 -5.75
C LYS D 77 -31.09 8.24 -5.63
N GLU D 78 -31.77 7.44 -6.45
CA GLU D 78 -33.23 7.37 -6.47
C GLU D 78 -33.83 8.76 -6.61
N LEU D 79 -33.47 9.43 -7.71
CA LEU D 79 -33.81 10.83 -7.90
C LEU D 79 -35.31 11.06 -7.87
N GLN D 80 -35.72 12.08 -7.10
CA GLN D 80 -37.09 12.51 -7.01
C GLN D 80 -37.23 13.92 -7.58
N MET D 81 -38.48 14.31 -7.87
CA MET D 81 -38.71 15.64 -8.42
C MET D 81 -38.33 16.73 -7.43
N LYS D 82 -38.51 16.47 -6.13
CA LYS D 82 -38.14 17.44 -5.11
C LYS D 82 -36.64 17.67 -5.04
N ASP D 83 -35.83 16.85 -5.72
CA ASP D 83 -34.39 17.08 -5.77
C ASP D 83 -34.01 18.18 -6.76
N SER D 84 -34.97 18.69 -7.54
CA SER D 84 -34.71 19.81 -8.43
C SER D 84 -34.33 21.05 -7.62
N ALA D 85 -33.07 21.46 -7.73
CA ALA D 85 -32.53 22.57 -6.95
C ALA D 85 -31.13 22.86 -7.47
N SER D 86 -30.54 23.93 -6.94
CA SER D 86 -29.14 24.25 -7.18
C SER D 86 -28.31 23.69 -6.03
N TYR D 87 -27.11 23.21 -6.36
CA TYR D 87 -26.22 22.60 -5.39
C TYR D 87 -24.89 23.34 -5.41
N LEU D 88 -24.51 23.89 -4.26
CA LEU D 88 -23.34 24.76 -4.15
C LEU D 88 -22.23 24.04 -3.43
N CYS D 89 -21.03 24.05 -3.99
N CYS D 89 -21.03 24.13 -3.98
CA CYS D 89 -19.86 23.52 -3.31
CA CYS D 89 -19.83 23.56 -3.39
C CYS D 89 -18.95 24.66 -2.89
C CYS D 89 -18.93 24.69 -2.90
N ALA D 90 -18.42 24.57 -1.67
CA ALA D 90 -17.60 25.61 -1.08
C ALA D 90 -16.43 24.99 -0.35
N VAL D 91 -15.26 25.64 -0.47
CA VAL D 91 -14.02 25.15 0.10
C VAL D 91 -13.47 26.20 1.05
N LYS D 92 -13.05 25.76 2.24
CA LYS D 92 -12.42 26.62 3.22
C LYS D 92 -10.90 26.54 3.04
N ASP D 93 -10.27 27.67 2.77
CA ASP D 93 -8.86 27.69 2.39
C ASP D 93 -7.97 27.76 3.64
N SER D 94 -6.67 28.01 3.43
CA SER D 94 -5.73 28.03 4.56
CA SER D 94 -5.73 28.03 4.55
C SER D 94 -6.06 29.13 5.55
N ASN D 95 -6.65 30.24 5.08
CA ASN D 95 -7.04 31.33 5.95
C ASN D 95 -8.48 31.21 6.44
N TYR D 96 -9.06 30.01 6.34
CA TYR D 96 -10.43 29.72 6.77
C TYR D 96 -11.47 30.57 6.04
N GLN D 97 -11.12 31.07 4.85
CA GLN D 97 -12.07 31.78 4.00
C GLN D 97 -12.86 30.78 3.16
N LEU D 98 -14.16 31.03 3.02
CA LEU D 98 -15.04 30.18 2.22
C LEU D 98 -15.01 30.65 0.77
N ILE D 99 -14.59 29.77 -0.13
CA ILE D 99 -14.59 30.03 -1.57
C ILE D 99 -15.79 29.29 -2.15
N TRP D 100 -16.72 30.03 -2.75
CA TRP D 100 -17.98 29.47 -3.22
C TRP D 100 -17.92 29.20 -4.71
N GLY D 101 -18.35 28.01 -5.12
CA GLY D 101 -18.59 27.74 -6.52
C GLY D 101 -19.87 28.39 -7.02
N ALA D 102 -19.94 28.56 -8.34
CA ALA D 102 -21.10 29.21 -8.94
C ALA D 102 -22.38 28.39 -8.84
N GLY D 103 -22.29 27.14 -8.39
CA GLY D 103 -23.50 26.35 -8.21
C GLY D 103 -23.87 25.55 -9.45
N THR D 104 -24.49 24.41 -9.22
CA THR D 104 -25.00 23.54 -10.27
C THR D 104 -26.51 23.44 -10.14
N LYS D 105 -27.22 23.86 -11.18
CA LYS D 105 -28.67 23.68 -11.22
C LYS D 105 -29.01 22.28 -11.72
N LEU D 106 -29.69 21.50 -10.88
CA LEU D 106 -30.06 20.12 -11.22
C LEU D 106 -31.50 20.09 -11.68
N ILE D 107 -31.72 19.58 -12.90
CA ILE D 107 -33.05 19.43 -13.47
C ILE D 107 -33.38 17.94 -13.54
N ILE D 108 -34.56 17.58 -13.06
CA ILE D 108 -35.01 16.19 -13.00
C ILE D 108 -36.13 16.00 -14.00
N LYS D 109 -35.92 15.10 -14.97
CA LYS D 109 -36.96 14.80 -15.95
C LYS D 109 -37.89 13.71 -15.41
N PRO D 110 -39.19 13.95 -15.36
CA PRO D 110 -40.09 12.90 -14.86
C PRO D 110 -40.25 11.77 -15.86
N ASP D 111 -40.58 10.59 -15.33
CA ASP D 111 -40.81 9.42 -16.15
C ASP D 111 -42.29 9.41 -16.54
N ILE D 112 -42.58 9.90 -17.74
CA ILE D 112 -43.96 9.97 -18.23
C ILE D 112 -44.40 8.57 -18.65
N GLN D 113 -45.40 8.04 -17.96
CA GLN D 113 -45.85 6.68 -18.24
C GLN D 113 -46.60 6.59 -19.55
N ASN D 114 -47.57 7.48 -19.76
CA ASN D 114 -48.43 7.47 -20.94
C ASN D 114 -48.38 8.83 -21.62
N PRO D 115 -47.42 9.04 -22.53
CA PRO D 115 -47.37 10.31 -23.27
C PRO D 115 -48.62 10.51 -24.11
N ASP D 116 -49.08 11.76 -24.18
CA ASP D 116 -50.27 12.11 -24.95
C ASP D 116 -50.16 13.55 -25.40
N PRO D 117 -49.25 13.83 -26.34
CA PRO D 117 -48.98 15.22 -26.72
C PRO D 117 -50.22 15.90 -27.31
N ALA D 118 -50.46 17.14 -26.87
CA ALA D 118 -51.62 17.89 -27.33
C ALA D 118 -51.39 19.37 -27.04
N VAL D 119 -52.09 20.21 -27.81
CA VAL D 119 -52.05 21.66 -27.66
C VAL D 119 -53.48 22.14 -27.60
N TYR D 120 -53.95 22.47 -26.40
CA TYR D 120 -55.32 22.95 -26.20
C TYR D 120 -55.33 24.48 -26.14
N GLN D 121 -56.53 25.04 -26.33
CA GLN D 121 -56.74 26.47 -26.23
C GLN D 121 -57.71 26.76 -25.09
N LEU D 122 -57.30 27.63 -24.18
CA LEU D 122 -58.12 28.05 -23.05
C LEU D 122 -58.66 29.46 -23.30
N ARG D 123 -59.82 29.74 -22.72
CA ARG D 123 -60.48 31.04 -22.87
C ARG D 123 -60.52 31.75 -21.53
N ASP D 124 -60.39 33.08 -21.57
CA ASP D 124 -60.45 33.88 -20.35
C ASP D 124 -61.82 33.77 -19.71
N SER D 125 -61.84 33.67 -18.38
CA SER D 125 -63.11 33.56 -17.65
C SER D 125 -63.97 34.81 -17.83
N LYS D 126 -63.34 35.96 -18.03
CA LYS D 126 -64.04 37.22 -18.25
C LYS D 126 -63.51 37.85 -19.53
N SER D 127 -64.32 37.80 -20.59
CA SER D 127 -63.96 38.36 -21.90
C SER D 127 -62.65 37.78 -22.42
N SER D 131 -57.30 32.76 -24.53
CA SER D 131 -56.35 33.47 -25.37
C SER D 131 -54.93 32.91 -25.17
N VAL D 132 -54.84 31.78 -24.49
CA VAL D 132 -53.57 31.11 -24.23
C VAL D 132 -53.62 29.71 -24.81
N CYS D 133 -52.45 29.18 -25.15
CA CYS D 133 -52.31 27.84 -25.69
C CYS D 133 -51.48 26.99 -24.73
N LEU D 134 -51.90 25.75 -24.54
CA LEU D 134 -51.29 24.86 -23.55
C LEU D 134 -50.77 23.60 -24.24
N PHE D 135 -49.46 23.54 -24.43
CA PHE D 135 -48.79 22.31 -24.83
C PHE D 135 -48.56 21.47 -23.58
N THR D 136 -49.14 20.27 -23.54
CA THR D 136 -49.11 19.47 -22.32
C THR D 136 -49.07 17.98 -22.65
N ASP D 137 -48.79 17.20 -21.61
CA ASP D 137 -48.84 15.73 -21.66
C ASP D 137 -47.83 15.14 -22.66
N PHE D 138 -46.76 15.87 -22.95
CA PHE D 138 -45.70 15.32 -23.77
C PHE D 138 -44.63 14.68 -22.89
N ASP D 139 -43.88 13.75 -23.48
CA ASP D 139 -42.87 13.05 -22.73
C ASP D 139 -41.66 13.95 -22.49
N SER D 140 -40.89 13.62 -21.44
CA SER D 140 -39.86 14.51 -20.94
C SER D 140 -38.70 14.73 -21.91
N GLN D 141 -38.62 13.95 -22.98
CA GLN D 141 -37.56 14.16 -23.96
C GLN D 141 -37.79 15.37 -24.84
N THR D 142 -38.99 15.94 -24.82
CA THR D 142 -39.31 17.09 -25.66
C THR D 142 -38.78 18.38 -25.02
N ASN D 143 -38.14 19.22 -25.84
CA ASN D 143 -37.63 20.51 -25.40
C ASN D 143 -38.47 21.62 -26.02
N VAL D 144 -38.95 22.53 -25.19
CA VAL D 144 -39.78 23.63 -25.64
C VAL D 144 -38.88 24.82 -25.94
N SER D 145 -38.78 25.18 -27.22
CA SER D 145 -37.94 26.30 -27.61
C SER D 145 -38.65 27.63 -27.36
N GLN D 146 -37.86 28.67 -27.19
CA GLN D 146 -38.40 30.00 -26.93
C GLN D 146 -38.91 30.64 -28.22
N SER D 147 -39.93 31.47 -28.08
CA SER D 147 -40.53 32.14 -29.22
C SER D 147 -39.55 33.14 -29.82
N LYS D 148 -39.30 33.00 -31.13
CA LYS D 148 -38.46 33.98 -31.82
C LYS D 148 -39.14 35.35 -31.88
N ASP D 149 -40.47 35.37 -31.91
CA ASP D 149 -41.20 36.62 -31.89
C ASP D 149 -41.09 37.28 -30.52
N SER D 150 -40.93 38.60 -30.52
CA SER D 150 -40.81 39.34 -29.27
C SER D 150 -42.17 39.67 -28.66
N ASP D 151 -43.25 39.60 -29.44
CA ASP D 151 -44.59 39.83 -28.94
C ASP D 151 -45.35 38.54 -28.64
N VAL D 152 -44.70 37.38 -28.79
CA VAL D 152 -45.28 36.09 -28.43
C VAL D 152 -44.49 35.54 -27.26
N TYR D 153 -45.19 35.14 -26.21
CA TYR D 153 -44.57 34.72 -24.96
C TYR D 153 -44.77 33.23 -24.76
N ILE D 154 -43.68 32.49 -24.71
CA ILE D 154 -43.69 31.05 -24.42
C ILE D 154 -42.87 30.82 -23.17
N THR D 155 -43.41 30.01 -22.26
CA THR D 155 -42.77 29.72 -20.99
C THR D 155 -41.96 28.43 -21.07
N ASP D 156 -41.06 28.26 -20.09
CA ASP D 156 -40.35 27.00 -19.95
C ASP D 156 -41.32 25.90 -19.51
N LYS D 157 -40.91 24.65 -19.71
CA LYS D 157 -41.79 23.53 -19.42
C LYS D 157 -41.88 23.29 -17.93
N CYS D 158 -43.10 23.06 -17.46
CA CYS D 158 -43.41 22.84 -16.05
C CYS D 158 -44.04 21.48 -15.87
N VAL D 159 -43.71 20.80 -14.77
CA VAL D 159 -44.24 19.48 -14.47
C VAL D 159 -45.01 19.56 -13.16
N LEU D 160 -46.29 19.19 -13.21
CA LEU D 160 -47.15 19.17 -12.03
C LEU D 160 -47.32 17.74 -11.53
N ASP D 161 -47.72 17.63 -10.27
CA ASP D 161 -47.90 16.33 -9.61
C ASP D 161 -49.28 16.29 -8.97
N MET D 162 -50.17 15.51 -9.55
CA MET D 162 -51.48 15.24 -8.94
C MET D 162 -51.29 14.08 -7.98
N ARG D 163 -51.14 14.39 -6.70
CA ARG D 163 -50.72 13.39 -5.72
C ARG D 163 -51.80 12.33 -5.49
N SER D 164 -53.08 12.72 -5.57
CA SER D 164 -54.14 11.77 -5.29
C SER D 164 -54.24 10.65 -6.31
N MET D 165 -53.71 10.84 -7.51
CA MET D 165 -53.79 9.85 -8.57
C MET D 165 -52.44 9.33 -9.04
N ASP D 166 -51.34 9.79 -8.44
CA ASP D 166 -49.98 9.38 -8.81
C ASP D 166 -49.75 9.60 -10.30
N PHE D 167 -49.95 10.85 -10.72
CA PHE D 167 -49.87 11.24 -12.12
C PHE D 167 -49.04 12.52 -12.23
N LYS D 168 -48.11 12.53 -13.18
CA LYS D 168 -47.28 13.69 -13.47
C LYS D 168 -47.30 13.98 -14.96
N SER D 169 -47.18 15.25 -15.31
CA SER D 169 -47.25 15.65 -16.72
C SER D 169 -46.50 16.95 -16.92
N ASN D 170 -45.90 17.09 -18.09
CA ASN D 170 -45.23 18.31 -18.49
C ASN D 170 -46.23 19.27 -19.15
N SER D 171 -45.86 20.54 -19.19
CA SER D 171 -46.72 21.54 -19.80
C SER D 171 -45.91 22.81 -20.08
N ALA D 172 -46.32 23.52 -21.12
CA ALA D 172 -45.75 24.82 -21.47
C ALA D 172 -46.86 25.71 -22.00
N VAL D 173 -46.87 26.97 -21.56
CA VAL D 173 -47.93 27.91 -21.88
C VAL D 173 -47.41 28.94 -22.88
N ALA D 174 -48.24 29.28 -23.86
CA ALA D 174 -47.93 30.29 -24.85
C ALA D 174 -49.11 31.24 -25.01
N TRP D 175 -48.83 32.53 -25.15
CA TRP D 175 -49.89 33.52 -25.35
C TRP D 175 -49.29 34.74 -26.02
N SER D 176 -50.16 35.47 -26.72
CA SER D 176 -49.74 36.69 -27.41
C SER D 176 -50.97 37.56 -27.64
N ASN D 177 -50.72 38.86 -27.78
CA ASN D 177 -51.77 39.83 -28.02
C ASN D 177 -51.95 40.15 -29.51
N LYS D 178 -51.11 39.58 -30.38
CA LYS D 178 -51.28 39.78 -31.82
C LYS D 178 -52.58 39.14 -32.29
N SER D 179 -53.23 39.79 -33.25
CA SER D 179 -54.49 39.27 -33.78
C SER D 179 -54.31 38.03 -34.64
N ASP D 180 -53.10 37.80 -35.16
CA ASP D 180 -52.83 36.67 -36.02
C ASP D 180 -52.35 35.44 -35.25
N PHE D 181 -52.20 35.55 -33.93
CA PHE D 181 -51.69 34.43 -33.15
C PHE D 181 -52.76 33.35 -32.99
N ALA D 182 -52.39 32.12 -33.31
CA ALA D 182 -53.28 30.97 -33.16
C ALA D 182 -52.49 29.81 -32.57
N CYS D 183 -53.19 28.92 -31.87
CA CYS D 183 -52.53 27.79 -31.22
C CYS D 183 -51.96 26.78 -32.22
N ALA D 184 -52.35 26.86 -33.49
CA ALA D 184 -51.79 25.94 -34.48
C ALA D 184 -50.31 26.19 -34.70
N ASN D 185 -49.91 27.46 -34.71
CA ASN D 185 -48.52 27.85 -34.95
C ASN D 185 -47.84 28.35 -33.69
N ALA D 186 -48.39 28.05 -32.51
CA ALA D 186 -47.85 28.60 -31.26
C ALA D 186 -46.45 28.08 -30.99
N PHE D 187 -46.24 26.78 -31.12
CA PHE D 187 -44.96 26.14 -30.80
C PHE D 187 -44.26 25.65 -32.05
N ASN D 188 -44.30 26.44 -33.13
CA ASN D 188 -43.70 26.00 -34.39
C ASN D 188 -42.18 25.90 -34.29
N ASN D 189 -41.54 26.78 -33.51
CA ASN D 189 -40.09 26.71 -33.38
C ASN D 189 -39.67 25.47 -32.60
N SER D 190 -40.47 25.06 -31.61
CA SER D 190 -40.14 23.87 -30.85
C SER D 190 -40.36 22.62 -31.71
N ILE D 191 -39.52 21.61 -31.49
CA ILE D 191 -39.64 20.34 -32.19
C ILE D 191 -40.58 19.47 -31.37
N ILE D 192 -41.85 19.42 -31.78
CA ILE D 192 -42.90 18.75 -31.02
C ILE D 192 -43.14 17.36 -31.61
N PRO D 193 -43.72 16.43 -30.86
CA PRO D 193 -43.96 15.09 -31.40
C PRO D 193 -44.87 15.12 -32.62
N GLU D 194 -44.61 14.20 -33.55
CA GLU D 194 -45.37 14.14 -34.79
C GLU D 194 -46.82 13.76 -34.57
N ASP D 195 -47.15 13.13 -33.44
CA ASP D 195 -48.50 12.71 -33.12
C ASP D 195 -49.19 13.67 -32.15
N THR D 196 -48.78 14.94 -32.15
CA THR D 196 -49.38 15.92 -31.25
C THR D 196 -50.82 16.20 -31.64
N PHE D 197 -51.71 16.21 -30.66
CA PHE D 197 -53.14 16.37 -30.89
C PHE D 197 -53.48 17.86 -30.92
N PHE D 198 -53.94 18.34 -32.07
CA PHE D 198 -54.44 19.71 -32.22
C PHE D 198 -55.94 19.68 -32.42
N PRO D 199 -56.73 19.77 -31.35
CA PRO D 199 -58.19 19.71 -31.50
C PRO D 199 -58.71 20.92 -32.25
N SER D 200 -59.63 20.66 -33.18
CA SER D 200 -60.19 21.72 -34.01
C SER D 200 -61.13 22.62 -33.22
N ALA E 3 -36.07 28.82 15.20
CA ALA E 3 -36.17 29.94 14.28
C ALA E 3 -34.91 30.07 13.42
N GLY E 4 -33.75 29.90 14.05
CA GLY E 4 -32.49 29.99 13.36
C GLY E 4 -32.06 31.42 13.11
N VAL E 5 -32.01 31.81 11.83
CA VAL E 5 -31.58 33.14 11.43
C VAL E 5 -32.79 33.88 10.88
N THR E 6 -33.05 35.07 11.42
CA THR E 6 -34.17 35.91 11.01
C THR E 6 -33.63 37.20 10.43
N GLN E 7 -33.96 37.47 9.17
CA GLN E 7 -33.53 38.70 8.52
C GLN E 7 -34.73 39.39 7.87
N THR E 8 -34.66 40.70 7.80
CA THR E 8 -35.72 41.54 7.27
C THR E 8 -35.10 42.67 6.46
N PRO E 9 -35.79 43.16 5.42
CA PRO E 9 -37.09 42.70 4.93
C PRO E 9 -36.98 41.63 3.85
N LYS E 10 -38.07 40.97 3.52
CA LYS E 10 -38.05 39.97 2.45
C LYS E 10 -37.99 40.65 1.08
N PHE E 11 -38.63 41.80 0.93
CA PHE E 11 -38.64 42.55 -0.32
C PHE E 11 -38.56 44.03 -0.01
N GLN E 12 -37.90 44.78 -0.91
CA GLN E 12 -37.77 46.22 -0.73
C GLN E 12 -37.42 46.86 -2.07
N VAL E 13 -38.16 47.90 -2.42
CA VAL E 13 -37.89 48.69 -3.62
C VAL E 13 -37.22 49.99 -3.19
N LEU E 14 -36.14 50.37 -3.86
CA LEU E 14 -35.36 51.53 -3.49
C LEU E 14 -35.16 52.45 -4.68
N LYS E 15 -35.29 53.75 -4.43
CA LYS E 15 -34.89 54.78 -5.37
C LYS E 15 -33.40 55.05 -5.20
N THR E 16 -32.72 55.34 -6.31
CA THR E 16 -31.28 55.57 -6.26
C THR E 16 -30.95 56.73 -5.33
N GLY E 17 -30.03 56.48 -4.39
CA GLY E 17 -29.66 57.46 -3.40
C GLY E 17 -30.26 57.25 -2.03
N GLN E 18 -31.29 56.42 -1.92
CA GLN E 18 -31.92 56.15 -0.63
C GLN E 18 -30.96 55.38 0.28
N SER E 19 -31.12 55.60 1.58
CA SER E 19 -30.45 54.79 2.59
C SER E 19 -31.33 53.60 2.95
N MET E 20 -30.69 52.54 3.44
CA MET E 20 -31.39 51.31 3.73
CA MET E 20 -31.42 51.33 3.78
C MET E 20 -30.58 50.50 4.74
N THR E 21 -31.27 49.87 5.69
CA THR E 21 -30.63 49.02 6.70
C THR E 21 -31.35 47.68 6.71
N LEU E 22 -30.61 46.62 6.40
CA LEU E 22 -31.11 45.26 6.50
C LEU E 22 -30.77 44.70 7.87
N GLN E 23 -31.73 44.06 8.51
CA GLN E 23 -31.53 43.50 9.84
C GLN E 23 -31.35 41.99 9.76
N CYS E 24 -30.61 41.45 10.74
CA CYS E 24 -30.35 40.03 10.84
C CYS E 24 -30.15 39.68 12.30
N ALA E 25 -30.88 38.69 12.79
CA ALA E 25 -30.77 38.27 14.18
C ALA E 25 -30.76 36.74 14.23
N GLN E 26 -29.85 36.20 15.04
CA GLN E 26 -29.79 34.77 15.28
C GLN E 26 -29.82 34.51 16.79
N ASP E 27 -30.54 33.46 17.17
CA ASP E 27 -30.71 33.07 18.56
CA ASP E 27 -30.69 33.07 18.56
C ASP E 27 -30.17 31.66 18.80
N MET E 28 -29.07 31.33 18.14
CA MET E 28 -28.40 30.04 18.30
C MET E 28 -27.09 30.17 19.06
N ASN E 29 -26.84 31.32 19.69
CA ASN E 29 -25.61 31.60 20.44
C ASN E 29 -24.37 31.50 19.55
N HIS E 30 -24.54 31.78 18.26
CA HIS E 30 -23.41 31.77 17.34
C HIS E 30 -22.57 33.03 17.51
N ASN E 31 -21.27 32.90 17.21
CA ASN E 31 -20.34 34.01 17.35
C ASN E 31 -20.04 34.71 16.03
N SER E 32 -20.05 33.98 14.93
CA SER E 32 -19.71 34.54 13.62
C SER E 32 -20.97 34.80 12.82
N MET E 33 -21.00 35.95 12.15
CA MET E 33 -22.11 36.32 11.28
C MET E 33 -21.57 36.91 10.00
N TYR E 34 -22.36 36.79 8.93
CA TYR E 34 -21.90 37.12 7.58
C TYR E 34 -23.03 37.79 6.81
N TRP E 35 -22.65 38.61 5.83
CA TRP E 35 -23.60 39.19 4.88
C TRP E 35 -23.13 38.86 3.47
N TYR E 36 -23.95 38.13 2.74
CA TYR E 36 -23.68 37.73 1.36
C TYR E 36 -24.66 38.39 0.41
N ARG E 37 -24.26 38.50 -0.85
CA ARG E 37 -25.17 38.83 -1.93
C ARG E 37 -25.04 37.75 -3.00
N GLN E 38 -26.17 37.37 -3.59
CA GLN E 38 -26.21 36.32 -4.60
C GLN E 38 -26.68 36.94 -5.91
N ASP E 39 -25.85 36.79 -6.94
CA ASP E 39 -26.15 37.30 -8.28
C ASP E 39 -26.05 36.17 -9.28
N PRO E 40 -26.83 36.23 -10.35
CA PRO E 40 -26.85 35.12 -11.31
C PRO E 40 -25.51 34.90 -11.98
N GLY E 41 -25.11 33.64 -12.10
CA GLY E 41 -23.91 33.26 -12.81
C GLY E 41 -22.62 33.33 -12.00
N MET E 42 -22.70 33.46 -10.68
CA MET E 42 -21.51 33.53 -9.86
C MET E 42 -21.82 33.03 -8.46
N GLY E 43 -20.78 32.63 -7.74
CA GLY E 43 -20.95 32.15 -6.39
C GLY E 43 -21.25 33.28 -5.42
N LEU E 44 -21.62 32.89 -4.21
CA LEU E 44 -21.89 33.86 -3.16
C LEU E 44 -20.66 34.73 -2.94
N ARG E 45 -20.88 36.04 -2.80
CA ARG E 45 -19.82 37.00 -2.56
C ARG E 45 -20.03 37.65 -1.20
N LEU E 46 -19.03 37.53 -0.34
CA LEU E 46 -19.11 38.08 1.00
C LEU E 46 -18.98 39.61 0.96
N ILE E 47 -19.92 40.30 1.61
CA ILE E 47 -19.89 41.76 1.68
C ILE E 47 -19.08 42.17 2.90
N TYR E 48 -19.61 41.87 4.09
CA TYR E 48 -18.89 42.02 5.34
C TYR E 48 -19.16 40.79 6.19
N TYR E 49 -18.30 40.59 7.20
CA TYR E 49 -18.51 39.52 8.16
C TYR E 49 -18.05 39.99 9.52
N SER E 50 -18.44 39.24 10.55
CA SER E 50 -18.09 39.54 11.93
C SER E 50 -17.66 38.23 12.59
N ALA E 51 -16.35 38.05 12.76
CA ALA E 51 -15.83 36.78 13.29
C ALA E 51 -16.36 36.50 14.68
N SER E 52 -16.53 37.54 15.49
CA SER E 52 -17.11 37.41 16.82
C SER E 52 -17.66 38.77 17.23
N GLU E 53 -18.38 38.77 18.36
CA GLU E 53 -18.93 40.01 18.89
C GLU E 53 -17.80 40.96 19.23
N GLY E 54 -17.84 42.17 18.67
CA GLY E 54 -16.84 43.19 18.93
C GLY E 54 -15.86 43.42 17.80
N THR E 55 -16.01 42.73 16.67
CA THR E 55 -15.12 42.97 15.54
C THR E 55 -15.86 42.67 14.24
N THR E 56 -15.56 43.47 13.22
CA THR E 56 -16.08 43.27 11.87
C THR E 56 -14.96 43.53 10.88
N ASP E 57 -15.13 43.04 9.66
CA ASP E 57 -14.12 43.29 8.63
C ASP E 57 -14.75 43.16 7.26
N LYS E 58 -14.10 43.78 6.28
CA LYS E 58 -14.58 43.75 4.91
C LYS E 58 -14.54 42.35 4.34
N GLY E 59 -15.46 42.07 3.42
CA GLY E 59 -15.46 40.84 2.65
C GLY E 59 -14.85 41.04 1.28
N GLU E 60 -15.49 40.46 0.27
CA GLU E 60 -15.00 40.59 -1.09
C GLU E 60 -15.52 41.84 -1.78
N VAL E 61 -16.76 42.25 -1.50
CA VAL E 61 -17.37 43.40 -2.15
C VAL E 61 -17.89 44.38 -1.12
N PRO E 62 -17.02 45.05 -0.35
CA PRO E 62 -17.51 45.94 0.72
C PRO E 62 -17.93 47.32 0.25
N ASN E 63 -17.49 47.77 -0.92
CA ASN E 63 -17.74 49.15 -1.34
C ASN E 63 -19.23 49.40 -1.53
N GLY E 64 -19.71 50.49 -0.95
CA GLY E 64 -21.12 50.82 -0.97
C GLY E 64 -21.90 50.31 0.22
N TYR E 65 -21.26 49.57 1.12
CA TYR E 65 -21.92 49.00 2.29
C TYR E 65 -21.12 49.31 3.54
N ASN E 66 -21.79 49.16 4.68
CA ASN E 66 -21.14 49.08 5.98
C ASN E 66 -22.03 48.25 6.89
N VAL E 67 -21.46 47.78 8.00
CA VAL E 67 -22.16 46.89 8.90
C VAL E 67 -21.94 47.31 10.35
N SER E 68 -22.80 46.80 11.22
CA SER E 68 -22.68 47.00 12.66
C SER E 68 -23.00 45.69 13.35
N ARG E 69 -22.05 45.18 14.14
CA ARG E 69 -22.30 44.05 15.01
C ARG E 69 -22.82 44.62 16.33
N LEU E 70 -24.14 44.85 16.39
CA LEU E 70 -24.73 45.51 17.54
C LEU E 70 -24.52 44.73 18.82
N ASN E 71 -24.72 43.42 18.77
CA ASN E 71 -24.48 42.54 19.90
C ASN E 71 -24.19 41.15 19.35
N LYS E 72 -24.24 40.14 20.22
CA LYS E 72 -23.97 38.78 19.75
C LYS E 72 -25.08 38.27 18.84
N ARG E 73 -26.30 38.78 18.99
CA ARG E 73 -27.42 38.28 18.21
C ARG E 73 -27.55 38.98 16.86
N GLU E 74 -27.19 40.25 16.78
CA GLU E 74 -27.61 41.11 15.68
C GLU E 74 -26.42 41.61 14.87
N PHE E 75 -26.61 41.66 13.54
CA PHE E 75 -25.58 42.07 12.60
C PHE E 75 -26.31 42.70 11.42
N SER E 76 -26.37 44.03 11.39
CA SER E 76 -27.14 44.74 10.38
CA SER E 76 -27.14 44.74 10.38
C SER E 76 -26.25 45.22 9.24
N LEU E 77 -26.82 45.26 8.05
CA LEU E 77 -26.13 45.70 6.84
C LEU E 77 -26.75 47.00 6.37
N ARG E 78 -25.90 47.96 5.99
CA ARG E 78 -26.35 49.30 5.65
C ARG E 78 -25.94 49.65 4.23
N LEU E 79 -26.89 50.16 3.45
CA LEU E 79 -26.63 50.77 2.15
C LEU E 79 -26.71 52.28 2.31
N GLU E 80 -25.56 52.95 2.26
CA GLU E 80 -25.51 54.38 2.51
C GLU E 80 -26.25 55.16 1.43
N SER E 81 -25.86 54.96 0.17
CA SER E 81 -26.48 55.62 -0.98
C SER E 81 -26.72 54.54 -2.03
N ALA E 82 -27.97 54.08 -2.13
CA ALA E 82 -28.28 52.92 -2.96
C ALA E 82 -27.96 53.20 -4.42
N ALA E 83 -27.50 52.15 -5.11
CA ALA E 83 -27.18 52.20 -6.53
C ALA E 83 -27.83 51.03 -7.24
N PRO E 84 -28.17 51.19 -8.53
CA PRO E 84 -28.81 50.09 -9.26
C PRO E 84 -27.99 48.81 -9.30
N SER E 85 -26.66 48.90 -9.22
CA SER E 85 -25.84 47.71 -9.19
C SER E 85 -26.04 46.89 -7.92
N GLN E 86 -26.52 47.52 -6.85
CA GLN E 86 -26.80 46.83 -5.61
C GLN E 86 -28.11 46.06 -5.63
N THR E 87 -28.84 46.08 -6.74
CA THR E 87 -29.99 45.21 -6.94
C THR E 87 -29.52 43.75 -6.90
N SER E 88 -29.92 43.01 -5.88
CA SER E 88 -29.42 41.66 -5.67
C SER E 88 -30.29 40.97 -4.63
N VAL E 89 -29.99 39.70 -4.37
CA VAL E 89 -30.58 38.96 -3.27
C VAL E 89 -29.53 38.88 -2.16
N TYR E 90 -29.88 39.39 -0.99
CA TYR E 90 -28.95 39.47 0.12
C TYR E 90 -29.27 38.38 1.14
N PHE E 91 -28.24 37.63 1.54
CA PHE E 91 -28.37 36.57 2.53
C PHE E 91 -27.45 36.86 3.71
N CYS E 92 -28.00 36.83 4.90
CA CYS E 92 -27.22 36.86 6.13
CA CYS E 92 -27.18 36.85 6.11
C CYS E 92 -27.08 35.44 6.67
N ALA E 93 -25.93 35.14 7.26
CA ALA E 93 -25.66 33.80 7.77
C ALA E 93 -24.91 33.89 9.08
N SER E 94 -24.88 32.76 9.80
CA SER E 94 -24.17 32.68 11.07
C SER E 94 -23.60 31.27 11.22
N SER E 95 -22.51 31.18 11.98
CA SER E 95 -21.90 29.90 12.32
C SER E 95 -21.38 30.00 13.75
N VAL E 96 -21.15 28.83 14.35
CA VAL E 96 -20.71 28.78 15.74
C VAL E 96 -19.41 29.56 15.92
N TRP E 97 -18.38 29.18 15.16
CA TRP E 97 -17.13 29.92 15.12
C TRP E 97 -16.60 29.87 13.69
N THR E 98 -16.00 30.96 13.24
CA THR E 98 -15.42 30.98 11.89
C THR E 98 -14.02 30.38 11.85
N GLY E 99 -13.32 30.34 12.98
CA GLY E 99 -11.99 29.75 13.01
C GLY E 99 -11.94 28.25 13.02
N GLU E 100 -13.07 27.56 12.83
CA GLU E 100 -13.10 26.11 12.81
CA GLU E 100 -13.15 26.11 12.82
C GLU E 100 -13.49 25.63 11.42
N GLY E 101 -12.85 24.53 11.00
CA GLY E 101 -13.00 24.08 9.63
C GLY E 101 -14.37 23.49 9.31
N SER E 102 -14.93 22.69 10.23
CA SER E 102 -16.12 21.92 9.92
C SER E 102 -17.43 22.67 10.19
N GLY E 103 -17.39 23.77 10.93
CA GLY E 103 -18.62 24.49 11.25
C GLY E 103 -19.34 25.02 10.02
N GLU E 104 -20.60 24.62 9.84
CA GLU E 104 -21.35 25.02 8.67
C GLU E 104 -22.07 26.35 8.90
N LEU E 105 -22.63 26.88 7.82
CA LEU E 105 -23.37 28.13 7.85
C LEU E 105 -24.86 27.88 7.96
N PHE E 106 -25.55 28.80 8.65
CA PHE E 106 -27.00 28.81 8.75
C PHE E 106 -27.50 30.10 8.12
N PHE E 107 -28.27 29.99 7.05
CA PHE E 107 -28.66 31.16 6.26
C PHE E 107 -30.03 31.67 6.67
N GLY E 108 -30.20 33.00 6.56
CA GLY E 108 -31.52 33.59 6.66
C GLY E 108 -32.30 33.40 5.36
N GLU E 109 -33.56 33.86 5.39
CA GLU E 109 -34.46 33.62 4.27
C GLU E 109 -34.12 34.46 3.04
N GLY E 110 -33.31 35.50 3.19
CA GLY E 110 -32.91 36.29 2.05
C GLY E 110 -33.73 37.55 1.90
N SER E 111 -33.11 38.58 1.33
CA SER E 111 -33.73 39.89 1.13
C SER E 111 -33.57 40.30 -0.32
N ARG E 112 -34.69 40.49 -1.01
CA ARG E 112 -34.70 40.90 -2.42
C ARG E 112 -34.76 42.42 -2.48
N LEU E 113 -33.68 43.04 -2.95
CA LEU E 113 -33.59 44.49 -3.09
C LEU E 113 -33.54 44.86 -4.56
N THR E 114 -34.37 45.81 -4.96
CA THR E 114 -34.37 46.34 -6.33
C THR E 114 -34.20 47.85 -6.26
N VAL E 115 -33.10 48.35 -6.81
CA VAL E 115 -32.80 49.78 -6.82
C VAL E 115 -33.12 50.32 -8.21
N LEU E 116 -33.90 51.39 -8.26
CA LEU E 116 -34.33 51.99 -9.52
C LEU E 116 -33.99 53.48 -9.52
N GLU E 117 -33.71 54.00 -10.71
CA GLU E 117 -33.47 55.44 -10.83
C GLU E 117 -34.71 56.24 -10.45
N ASP E 118 -35.89 55.74 -10.83
CA ASP E 118 -37.15 56.33 -10.38
C ASP E 118 -38.16 55.20 -10.20
N LEU E 119 -39.27 55.52 -9.55
CA LEU E 119 -40.27 54.53 -9.19
C LEU E 119 -41.46 54.52 -10.14
N LYS E 120 -41.37 55.20 -11.28
CA LYS E 120 -42.52 55.34 -12.17
C LYS E 120 -42.77 54.11 -13.04
N ASN E 121 -41.82 53.19 -13.14
CA ASN E 121 -42.02 51.95 -13.87
C ASN E 121 -42.51 50.81 -12.97
N VAL E 122 -42.75 51.08 -11.70
CA VAL E 122 -43.26 50.05 -10.79
C VAL E 122 -44.75 49.84 -11.08
N PHE E 123 -45.12 48.62 -11.42
CA PHE E 123 -46.48 48.28 -11.78
C PHE E 123 -46.92 47.00 -11.08
N PRO E 124 -48.15 46.97 -10.56
CA PRO E 124 -48.71 45.71 -10.05
C PRO E 124 -49.09 44.80 -11.20
N PRO E 125 -49.30 43.51 -10.94
CA PRO E 125 -49.67 42.60 -12.01
C PRO E 125 -51.17 42.59 -12.30
N GLU E 126 -51.49 42.31 -13.55
CA GLU E 126 -52.86 41.97 -13.95
C GLU E 126 -52.99 40.45 -13.97
N VAL E 127 -53.96 39.92 -13.24
CA VAL E 127 -54.14 38.49 -13.07
C VAL E 127 -55.38 38.05 -13.83
N ALA E 128 -55.26 36.95 -14.57
CA ALA E 128 -56.37 36.40 -15.34
C ALA E 128 -56.31 34.88 -15.30
N VAL E 129 -57.45 34.26 -15.00
CA VAL E 129 -57.57 32.80 -14.96
C VAL E 129 -58.22 32.35 -16.26
N PHE E 130 -57.67 31.30 -16.87
CA PHE E 130 -58.17 30.75 -18.11
C PHE E 130 -58.76 29.38 -17.84
N GLU E 131 -60.02 29.18 -18.20
CA GLU E 131 -60.73 27.97 -17.86
C GLU E 131 -60.29 26.81 -18.75
N PRO E 132 -60.37 25.57 -18.25
CA PRO E 132 -59.85 24.43 -19.03
C PRO E 132 -60.58 24.23 -20.34
N SER E 133 -59.86 23.71 -21.32
CA SER E 133 -60.43 23.44 -22.63
C SER E 133 -61.34 22.21 -22.56
N GLU E 134 -62.47 22.30 -23.26
CA GLU E 134 -63.38 21.15 -23.33
C GLU E 134 -62.73 19.97 -24.05
N ALA E 135 -61.77 20.25 -24.94
CA ALA E 135 -61.07 19.17 -25.63
C ALA E 135 -60.19 18.38 -24.68
N GLU E 136 -59.53 19.06 -23.74
CA GLU E 136 -58.73 18.36 -22.74
C GLU E 136 -59.60 17.50 -21.84
N ILE E 137 -60.81 17.99 -21.52
CA ILE E 137 -61.72 17.23 -20.68
C ILE E 137 -62.16 15.95 -21.38
N SER E 138 -62.40 16.02 -22.69
CA SER E 138 -62.86 14.86 -23.43
C SER E 138 -61.72 13.91 -23.80
N HIS E 139 -60.49 14.41 -23.86
CA HIS E 139 -59.37 13.59 -24.29
C HIS E 139 -58.64 12.92 -23.14
N THR E 140 -58.59 13.55 -21.97
CA THR E 140 -57.86 13.02 -20.83
C THR E 140 -58.66 12.90 -19.54
N GLN E 141 -59.90 13.40 -19.51
CA GLN E 141 -60.72 13.47 -18.31
C GLN E 141 -60.05 14.29 -17.20
N LYS E 142 -59.13 15.17 -17.58
CA LYS E 142 -58.47 16.07 -16.66
C LYS E 142 -58.65 17.50 -17.14
N ALA E 143 -58.75 18.44 -16.20
CA ALA E 143 -58.98 19.84 -16.49
C ALA E 143 -57.79 20.65 -15.98
N THR E 144 -57.25 21.52 -16.82
CA THR E 144 -56.09 22.34 -16.47
C THR E 144 -56.51 23.81 -16.51
N LEU E 145 -56.34 24.49 -15.38
CA LEU E 145 -56.56 25.93 -15.27
C LEU E 145 -55.21 26.65 -15.35
N VAL E 146 -55.17 27.72 -16.12
CA VAL E 146 -53.95 28.49 -16.34
C VAL E 146 -54.15 29.90 -15.80
N CYS E 147 -53.19 30.37 -15.01
CA CYS E 147 -53.20 31.71 -14.46
C CYS E 147 -52.07 32.53 -15.06
N LEU E 148 -52.34 33.80 -15.33
CA LEU E 148 -51.35 34.70 -15.92
C LEU E 148 -51.27 35.98 -15.11
N ALA E 149 -50.09 36.28 -14.61
CA ALA E 149 -49.78 37.57 -14.00
C ALA E 149 -48.85 38.31 -14.96
N THR E 150 -49.32 39.42 -15.50
CA THR E 150 -48.62 40.10 -16.58
C THR E 150 -48.38 41.57 -16.24
N GLY E 151 -47.34 42.13 -16.84
CA GLY E 151 -47.09 43.56 -16.79
C GLY E 151 -46.64 44.11 -15.45
N PHE E 152 -46.11 43.28 -14.57
CA PHE E 152 -45.67 43.76 -13.26
C PHE E 152 -44.18 44.07 -13.27
N TYR E 153 -43.78 44.96 -12.35
CA TYR E 153 -42.40 45.41 -12.21
C TYR E 153 -42.22 46.05 -10.84
N PRO E 154 -41.16 45.69 -10.09
CA PRO E 154 -40.16 44.68 -10.45
C PRO E 154 -40.69 43.25 -10.26
N ASP E 155 -39.81 42.26 -10.40
CA ASP E 155 -40.19 40.85 -10.27
CA ASP E 155 -40.21 40.85 -10.27
C ASP E 155 -40.23 40.50 -8.78
N HIS E 156 -41.32 40.92 -8.12
CA HIS E 156 -41.54 40.68 -6.70
C HIS E 156 -42.94 40.07 -6.54
N VAL E 157 -43.10 38.81 -6.93
CA VAL E 157 -44.41 38.17 -6.90
C VAL E 157 -44.31 36.80 -6.24
N GLU E 158 -45.44 36.36 -5.68
CA GLU E 158 -45.59 35.01 -5.13
C GLU E 158 -46.99 34.54 -5.51
N LEU E 159 -47.07 33.53 -6.38
CA LEU E 159 -48.33 33.05 -6.90
C LEU E 159 -48.79 31.81 -6.13
N SER E 160 -50.10 31.70 -5.92
CA SER E 160 -50.67 30.58 -5.20
C SER E 160 -52.08 30.33 -5.68
N TRP E 161 -52.53 29.09 -5.58
CA TRP E 161 -53.88 28.67 -5.96
C TRP E 161 -54.72 28.43 -4.72
N TRP E 162 -55.98 28.82 -4.78
CA TRP E 162 -56.92 28.67 -3.67
C TRP E 162 -58.21 28.07 -4.20
N VAL E 163 -58.60 26.93 -3.65
CA VAL E 163 -59.82 26.22 -4.05
C VAL E 163 -60.76 26.18 -2.86
N ASN E 164 -61.94 26.77 -3.01
CA ASN E 164 -62.96 26.81 -1.96
C ASN E 164 -62.42 27.46 -0.69
N GLY E 165 -61.61 28.50 -0.86
CA GLY E 165 -61.04 29.22 0.25
C GLY E 165 -59.81 28.59 0.88
N LYS E 166 -59.37 27.43 0.38
CA LYS E 166 -58.21 26.74 0.92
C LYS E 166 -57.12 26.67 -0.14
N GLU E 167 -55.88 26.93 0.27
CA GLU E 167 -54.76 26.87 -0.66
C GLU E 167 -54.39 25.43 -0.97
N VAL E 168 -54.14 25.15 -2.24
CA VAL E 168 -53.85 23.81 -2.73
C VAL E 168 -52.46 23.80 -3.38
N HIS E 169 -51.74 22.69 -3.19
CA HIS E 169 -50.43 22.52 -3.80
C HIS E 169 -50.35 21.33 -4.75
N SER E 170 -51.33 20.43 -4.72
CA SER E 170 -51.33 19.27 -5.61
C SER E 170 -51.84 19.65 -6.98
N GLY E 171 -51.21 19.09 -8.02
CA GLY E 171 -51.57 19.44 -9.38
C GLY E 171 -51.20 20.85 -9.78
N VAL E 172 -50.23 21.46 -9.10
CA VAL E 172 -49.86 22.85 -9.32
C VAL E 172 -48.41 22.92 -9.76
N CYS E 173 -48.13 23.75 -10.76
CA CYS E 173 -46.77 24.02 -11.21
CA CYS E 173 -46.77 24.02 -11.20
C CYS E 173 -46.69 25.46 -11.68
N THR E 174 -45.85 26.25 -11.03
CA THR E 174 -45.67 27.66 -11.37
C THR E 174 -44.27 27.87 -11.91
N ASP E 175 -44.16 28.73 -12.93
CA ASP E 175 -42.86 29.04 -13.50
C ASP E 175 -41.90 29.48 -12.40
N PRO E 176 -40.71 28.89 -12.31
CA PRO E 176 -39.75 29.33 -11.28
C PRO E 176 -39.28 30.75 -11.47
N GLN E 177 -39.15 31.20 -12.72
CA GLN E 177 -38.75 32.56 -13.01
C GLN E 177 -39.68 33.17 -14.06
N PRO E 178 -40.09 34.41 -13.89
CA PRO E 178 -40.93 35.06 -14.90
C PRO E 178 -40.10 35.46 -16.11
N LEU E 179 -40.81 35.69 -17.22
CA LEU E 179 -40.18 36.10 -18.46
C LEU E 179 -40.37 37.60 -18.67
N LYS E 180 -39.53 38.16 -19.53
CA LYS E 180 -39.56 39.58 -19.84
C LYS E 180 -40.51 39.84 -21.00
N GLU E 181 -41.44 40.77 -20.81
CA GLU E 181 -42.37 41.10 -21.88
C GLU E 181 -41.69 41.90 -22.99
N GLN E 182 -40.63 42.64 -22.67
CA GLN E 182 -39.87 43.43 -23.64
CA GLN E 182 -39.87 43.41 -23.65
C GLN E 182 -38.38 43.14 -23.41
N PRO E 183 -37.90 41.98 -23.86
CA PRO E 183 -36.51 41.59 -23.55
C PRO E 183 -35.45 42.59 -24.00
N ALA E 184 -35.75 43.46 -24.97
CA ALA E 184 -34.75 44.41 -25.42
C ALA E 184 -34.54 45.53 -24.41
N LEU E 185 -35.57 45.89 -23.65
CA LEU E 185 -35.48 47.01 -22.72
C LEU E 185 -34.86 46.58 -21.40
N ASN E 186 -34.08 47.48 -20.80
CA ASN E 186 -33.45 47.20 -19.52
C ASN E 186 -34.43 47.22 -18.36
N ASP E 187 -35.55 47.94 -18.50
CA ASP E 187 -36.58 48.02 -17.47
C ASP E 187 -37.84 47.27 -17.89
N SER E 188 -37.66 46.14 -18.58
CA SER E 188 -38.79 45.36 -19.06
C SER E 188 -39.68 44.91 -17.90
N ARG E 189 -40.98 44.96 -18.12
CA ARG E 189 -41.93 44.39 -17.17
C ARG E 189 -41.98 42.86 -17.37
N TYR E 190 -42.63 42.19 -16.43
CA TYR E 190 -42.53 40.74 -16.33
C TYR E 190 -43.90 40.08 -16.46
N ALA E 191 -43.87 38.78 -16.74
CA ALA E 191 -45.06 37.95 -16.86
C ALA E 191 -44.79 36.58 -16.25
N LEU E 192 -45.78 36.05 -15.54
CA LEU E 192 -45.65 34.77 -14.84
C LEU E 192 -46.89 33.92 -15.11
N SER E 193 -46.68 32.62 -15.30
CA SER E 193 -47.76 31.68 -15.56
C SER E 193 -47.74 30.55 -14.53
N SER E 194 -48.90 29.91 -14.38
CA SER E 194 -49.03 28.79 -13.45
C SER E 194 -50.18 27.92 -13.92
N ARG E 195 -50.16 26.66 -13.48
CA ARG E 195 -51.16 25.68 -13.88
C ARG E 195 -51.69 24.95 -12.66
N LEU E 196 -53.02 24.79 -12.62
CA LEU E 196 -53.70 23.96 -11.63
C LEU E 196 -54.52 22.93 -12.39
N ARG E 197 -54.12 21.66 -12.31
CA ARG E 197 -54.80 20.58 -13.01
C ARG E 197 -55.60 19.76 -12.01
N VAL E 198 -56.91 19.62 -12.28
CA VAL E 198 -57.79 18.83 -11.43
C VAL E 198 -58.46 17.77 -12.30
N SER E 199 -59.30 16.94 -11.68
CA SER E 199 -60.10 15.99 -12.43
C SER E 199 -61.27 16.68 -13.09
N ALA E 200 -61.73 16.10 -14.21
CA ALA E 200 -62.90 16.65 -14.90
C ALA E 200 -64.13 16.65 -14.00
N THR E 201 -64.24 15.65 -13.12
CA THR E 201 -65.35 15.60 -12.17
C THR E 201 -65.31 16.80 -11.23
N PHE E 202 -64.11 17.16 -10.75
CA PHE E 202 -63.99 18.27 -9.81
C PHE E 202 -64.29 19.60 -10.50
N TRP E 203 -63.87 19.76 -11.76
CA TRP E 203 -64.12 21.01 -12.47
C TRP E 203 -65.59 21.14 -12.87
N GLN E 204 -66.27 20.02 -13.17
CA GLN E 204 -67.66 20.08 -13.58
C GLN E 204 -68.61 20.37 -12.43
N ASN E 205 -68.15 20.28 -11.19
CA ASN E 205 -68.99 20.60 -10.05
C ASN E 205 -69.02 22.12 -9.86
N PRO E 206 -70.18 22.77 -10.01
CA PRO E 206 -70.24 24.23 -9.85
C PRO E 206 -70.11 24.70 -8.41
N ARG E 207 -70.03 23.78 -7.44
CA ARG E 207 -69.85 24.17 -6.04
C ARG E 207 -68.39 24.46 -5.70
N ASN E 208 -67.48 24.32 -6.65
CA ASN E 208 -66.05 24.53 -6.42
C ASN E 208 -65.63 25.89 -6.95
N HIS E 209 -64.99 26.68 -6.10
CA HIS E 209 -64.52 28.02 -6.43
C HIS E 209 -63.00 27.99 -6.57
N PHE E 210 -62.50 28.38 -7.73
CA PHE E 210 -61.07 28.43 -8.00
C PHE E 210 -60.61 29.88 -8.03
N ARG E 211 -59.54 30.18 -7.30
CA ARG E 211 -59.01 31.53 -7.26
C ARG E 211 -57.49 31.48 -7.37
N CYS E 212 -56.94 32.24 -8.32
CA CYS E 212 -55.51 32.43 -8.46
C CYS E 212 -55.13 33.72 -7.75
N GLN E 213 -54.16 33.64 -6.83
CA GLN E 213 -53.75 34.77 -6.02
C GLN E 213 -52.29 35.11 -6.30
N VAL E 214 -52.01 36.39 -6.49
CA VAL E 214 -50.67 36.87 -6.77
C VAL E 214 -50.35 37.98 -5.77
N GLN E 215 -49.43 37.70 -4.85
CA GLN E 215 -48.92 38.71 -3.93
C GLN E 215 -47.84 39.53 -4.63
N PHE E 216 -48.01 40.85 -4.63
CA PHE E 216 -47.06 41.76 -5.26
C PHE E 216 -46.38 42.60 -4.19
N TYR E 217 -45.06 42.74 -4.31
CA TYR E 217 -44.26 43.53 -3.38
C TYR E 217 -43.75 44.76 -4.12
N GLY E 218 -44.32 45.92 -3.82
CA GLY E 218 -43.93 47.14 -4.48
C GLY E 218 -43.58 48.26 -3.52
N LEU E 219 -44.21 49.42 -3.70
CA LEU E 219 -43.94 50.58 -2.87
C LEU E 219 -44.62 50.44 -1.50
N SER E 220 -44.05 51.14 -0.52
CA SER E 220 -44.61 51.18 0.82
C SER E 220 -45.32 52.51 1.04
N GLU E 221 -45.76 52.74 2.29
CA GLU E 221 -46.54 53.95 2.58
C GLU E 221 -45.70 55.21 2.46
N ASN E 222 -44.44 55.15 2.85
CA ASN E 222 -43.60 56.35 2.90
C ASN E 222 -43.17 56.84 1.52
N ASP E 223 -43.32 56.00 0.48
CA ASP E 223 -42.89 56.40 -0.86
C ASP E 223 -43.82 57.46 -1.42
N GLU E 224 -43.24 58.51 -2.00
CA GLU E 224 -44.03 59.56 -2.61
C GLU E 224 -44.60 59.11 -3.96
N TRP E 225 -45.78 59.60 -4.28
CA TRP E 225 -46.45 59.24 -5.52
C TRP E 225 -47.31 60.40 -5.98
N THR E 226 -47.09 60.87 -7.21
CA THR E 226 -47.84 61.99 -7.77
C THR E 226 -48.59 61.62 -9.04
N GLN E 227 -48.47 60.39 -9.53
CA GLN E 227 -49.03 60.01 -10.81
C GLN E 227 -50.56 59.87 -10.73
N ASP E 228 -51.20 59.96 -11.88
CA ASP E 228 -52.65 59.80 -11.95
C ASP E 228 -53.06 58.35 -11.67
N ARG E 229 -52.30 57.39 -12.21
CA ARG E 229 -52.59 56.00 -11.91
C ARG E 229 -52.33 55.70 -10.44
N ALA E 230 -53.03 54.69 -9.92
CA ALA E 230 -52.96 54.37 -8.51
C ALA E 230 -51.53 54.03 -8.10
N LYS E 231 -51.19 54.40 -6.86
CA LYS E 231 -49.87 54.11 -6.32
C LYS E 231 -49.62 52.61 -6.30
N PRO E 232 -48.56 52.11 -6.93
CA PRO E 232 -48.32 50.66 -7.01
C PRO E 232 -47.73 50.10 -5.73
N VAL E 233 -48.55 50.08 -4.67
CA VAL E 233 -48.12 49.61 -3.36
C VAL E 233 -48.13 48.09 -3.33
N THR E 234 -47.55 47.53 -2.26
CA THR E 234 -47.68 46.10 -2.00
C THR E 234 -49.15 45.73 -1.87
N GLN E 235 -49.58 44.73 -2.65
CA GLN E 235 -50.99 44.41 -2.74
C GLN E 235 -51.17 42.98 -3.22
N ILE E 236 -52.41 42.53 -3.24
CA ILE E 236 -52.80 41.23 -3.75
C ILE E 236 -53.76 41.44 -4.92
N VAL E 237 -53.47 40.80 -6.04
CA VAL E 237 -54.32 40.82 -7.22
C VAL E 237 -54.74 39.39 -7.52
N SER E 238 -56.04 39.18 -7.72
CA SER E 238 -56.58 37.84 -7.87
C SER E 238 -57.53 37.78 -9.07
N ALA E 239 -57.69 36.57 -9.59
CA ALA E 239 -58.69 36.26 -10.60
C ALA E 239 -59.31 34.92 -10.25
N GLU E 240 -60.61 34.78 -10.53
CA GLU E 240 -61.36 33.62 -10.08
C GLU E 240 -62.12 33.01 -11.24
N ALA E 241 -62.62 31.79 -11.01
CA ALA E 241 -63.43 31.07 -11.98
C ALA E 241 -64.18 29.96 -11.26
N TRP E 242 -65.45 29.78 -11.62
CA TRP E 242 -66.30 28.76 -11.02
C TRP E 242 -66.39 27.54 -11.93
N GLY E 243 -66.84 26.44 -11.35
CA GLY E 243 -67.02 25.22 -12.12
C GLY E 243 -68.21 25.33 -13.07
N ARG E 244 -68.02 24.79 -14.28
CA ARG E 244 -69.04 24.84 -15.33
C ARG E 244 -69.24 23.44 -15.89
N ALA E 245 -70.20 23.32 -16.80
CA ALA E 245 -70.52 22.04 -17.43
C ALA E 245 -71.09 22.25 -18.83
N MET F 1 -3.63 24.13 43.70
CA MET F 1 -2.91 24.76 42.59
C MET F 1 -1.40 24.63 42.79
N ILE F 2 -0.67 24.54 41.69
CA ILE F 2 0.78 24.37 41.70
C ILE F 2 1.42 25.59 41.05
N GLN F 3 2.23 26.31 41.82
CA GLN F 3 3.01 27.43 41.31
C GLN F 3 4.48 27.04 41.24
N ARG F 4 5.16 27.50 40.20
CA ARG F 4 6.55 27.16 39.95
C ARG F 4 7.39 28.43 40.01
N THR F 5 8.39 28.45 40.90
CA THR F 5 9.22 29.63 41.08
C THR F 5 10.26 29.73 39.96
N PRO F 6 10.62 30.95 39.56
CA PRO F 6 11.48 31.11 38.40
C PRO F 6 12.91 30.65 38.66
N LYS F 7 13.49 30.00 37.65
CA LYS F 7 14.92 29.73 37.61
C LYS F 7 15.63 30.94 37.01
N ILE F 8 16.70 31.38 37.66
CA ILE F 8 17.38 32.63 37.29
C ILE F 8 18.83 32.33 37.04
N GLN F 9 19.30 32.57 35.80
CA GLN F 9 20.68 32.30 35.42
C GLN F 9 21.27 33.57 34.83
N VAL F 10 22.43 33.97 35.34
CA VAL F 10 23.09 35.21 34.95
C VAL F 10 24.45 34.86 34.36
N TYR F 11 24.70 35.33 33.14
CA TYR F 11 25.87 34.90 32.39
C TYR F 11 26.15 35.93 31.29
N SER F 12 27.40 35.97 30.86
CA SER F 12 27.82 36.88 29.80
C SER F 12 27.67 36.24 28.44
N ARG F 13 27.48 37.08 27.42
CA ARG F 13 27.33 36.58 26.05
C ARG F 13 28.59 35.86 25.60
N HIS F 14 29.75 36.47 25.80
CA HIS F 14 31.04 35.91 25.48
C HIS F 14 31.84 35.66 26.76
N PRO F 15 32.88 34.81 26.70
CA PRO F 15 33.76 34.65 27.87
C PRO F 15 34.26 35.99 28.39
N ALA F 16 34.02 36.26 29.67
CA ALA F 16 34.23 37.59 30.21
C ALA F 16 35.70 37.88 30.45
N GLU F 17 36.10 39.12 30.15
CA GLU F 17 37.44 39.61 30.44
C GLU F 17 37.31 41.09 30.81
N ASN F 18 37.94 41.48 31.91
CA ASN F 18 37.81 42.85 32.39
C ASN F 18 38.37 43.84 31.37
N GLY F 19 37.58 44.87 31.08
CA GLY F 19 37.99 45.93 30.18
C GLY F 19 37.51 45.77 28.76
N LYS F 20 36.91 44.63 28.40
CA LYS F 20 36.42 44.38 27.05
C LYS F 20 34.90 44.37 27.07
N SER F 21 34.29 45.10 26.14
CA SER F 21 32.84 45.20 26.07
CA SER F 21 32.84 45.20 26.07
C SER F 21 32.22 43.81 25.86
N ASN F 22 31.05 43.61 26.46
CA ASN F 22 30.36 42.33 26.42
C ASN F 22 28.87 42.59 26.61
N PHE F 23 28.11 41.51 26.75
CA PHE F 23 26.69 41.57 27.06
C PHE F 23 26.40 40.69 28.26
N LEU F 24 25.60 41.21 29.19
CA LEU F 24 25.21 40.47 30.39
C LEU F 24 23.78 39.98 30.22
N ASN F 25 23.59 38.67 30.33
CA ASN F 25 22.28 38.05 30.12
C ASN F 25 21.70 37.61 31.46
N CYS F 26 20.38 37.74 31.57
CA CYS F 26 19.62 37.13 32.67
C CYS F 26 18.50 36.32 32.07
N TYR F 27 18.62 34.99 32.15
CA TYR F 27 17.63 34.07 31.60
C TYR F 27 16.75 33.58 32.75
N VAL F 28 15.47 33.94 32.70
CA VAL F 28 14.51 33.60 33.74
C VAL F 28 13.49 32.64 33.13
N SER F 29 13.36 31.46 33.71
CA SER F 29 12.64 30.38 33.05
C SER F 29 11.96 29.48 34.06
N GLY F 30 11.04 28.66 33.56
CA GLY F 30 10.42 27.62 34.35
C GLY F 30 9.42 28.10 35.38
N PHE F 31 8.90 29.31 35.23
CA PHE F 31 7.96 29.85 36.21
C PHE F 31 6.54 29.78 35.69
N HIS F 32 5.59 29.82 36.64
CA HIS F 32 4.16 29.82 36.40
C HIS F 32 3.48 30.30 37.67
N PRO F 33 2.54 31.26 37.59
CA PRO F 33 1.99 31.92 36.40
C PRO F 33 2.94 32.93 35.75
N SER F 34 2.40 33.74 34.83
CA SER F 34 3.22 34.49 33.88
C SER F 34 3.67 35.86 34.39
N ASP F 35 2.96 36.47 35.32
CA ASP F 35 3.34 37.80 35.80
C ASP F 35 4.69 37.74 36.49
N ILE F 36 5.63 38.56 36.02
CA ILE F 36 6.98 38.56 36.56
C ILE F 36 7.59 39.93 36.34
N GLU F 37 8.56 40.28 37.18
CA GLU F 37 9.27 41.55 37.10
C GLU F 37 10.76 41.28 37.16
N VAL F 38 11.51 41.80 36.19
CA VAL F 38 12.95 41.55 36.08
C VAL F 38 13.66 42.87 35.88
N ASP F 39 14.76 43.06 36.63
CA ASP F 39 15.63 44.22 36.49
C ASP F 39 17.08 43.77 36.56
N LEU F 40 17.94 44.42 35.78
CA LEU F 40 19.37 44.22 35.86
C LEU F 40 20.00 45.33 36.71
N LEU F 41 20.94 44.96 37.57
CA LEU F 41 21.53 45.88 38.53
C LEU F 41 23.02 46.00 38.30
N LYS F 42 23.54 47.22 38.45
CA LYS F 42 24.97 47.48 38.50
C LYS F 42 25.27 48.11 39.86
N ASN F 43 26.01 47.39 40.71
CA ASN F 43 26.35 47.85 42.05
C ASN F 43 25.11 48.19 42.86
N GLY F 44 24.06 47.39 42.70
CA GLY F 44 22.83 47.55 43.43
C GLY F 44 21.81 48.48 42.81
N GLU F 45 22.21 49.29 41.83
CA GLU F 45 21.32 50.25 41.19
C GLU F 45 20.80 49.71 39.88
N ARG F 46 19.53 50.03 39.57
CA ARG F 46 18.89 49.52 38.37
C ARG F 46 19.52 50.11 37.11
N ILE F 47 19.73 49.26 36.12
CA ILE F 47 20.28 49.68 34.83
C ILE F 47 19.14 50.17 33.95
N GLU F 48 19.34 51.32 33.31
CA GLU F 48 18.26 51.96 32.55
C GLU F 48 18.04 51.28 31.20
N LYS F 49 19.08 51.21 30.38
CA LYS F 49 18.97 50.65 29.03
C LYS F 49 19.12 49.14 29.11
N VAL F 50 18.00 48.44 29.19
CA VAL F 50 17.97 46.98 29.27
C VAL F 50 16.98 46.47 28.24
N GLU F 51 17.46 45.61 27.35
CA GLU F 51 16.60 44.95 26.36
C GLU F 51 16.05 43.65 26.94
N HIS F 52 14.94 43.19 26.36
CA HIS F 52 14.37 41.92 26.78
C HIS F 52 13.46 41.38 25.68
N SER F 53 13.40 40.05 25.61
CA SER F 53 12.48 39.39 24.70
C SER F 53 11.07 39.40 25.27
N ASP F 54 10.10 39.08 24.43
CA ASP F 54 8.73 38.94 24.90
C ASP F 54 8.59 37.67 25.73
N LEU F 55 7.49 37.59 26.48
CA LEU F 55 7.19 36.38 27.23
C LEU F 55 7.11 35.19 26.29
N SER F 56 7.80 34.11 26.66
CA SER F 56 7.90 32.93 25.80
C SER F 56 7.30 31.71 26.50
N PHE F 57 6.95 30.71 25.70
CA PHE F 57 6.17 29.56 26.16
C PHE F 57 6.96 28.27 25.97
N SER F 58 6.98 27.46 27.03
CA SER F 58 7.61 26.14 26.98
C SER F 58 6.54 25.06 26.90
N LYS F 59 6.94 23.90 26.38
CA LYS F 59 6.03 22.77 26.20
C LYS F 59 5.48 22.24 27.52
N ASP F 60 6.19 22.45 28.63
CA ASP F 60 5.72 22.02 29.93
C ASP F 60 4.79 23.04 30.58
N TRP F 61 4.34 24.04 29.82
CA TRP F 61 3.37 25.09 30.17
C TRP F 61 3.98 26.19 31.03
N SER F 62 5.27 26.14 31.34
CA SER F 62 5.92 27.24 32.03
C SER F 62 6.34 28.31 31.01
N PHE F 63 6.94 29.40 31.52
CA PHE F 63 7.31 30.53 30.69
C PHE F 63 8.77 30.86 30.90
N TYR F 64 9.33 31.61 29.95
CA TYR F 64 10.71 32.05 30.06
C TYR F 64 10.89 33.38 29.33
N LEU F 65 11.99 34.05 29.63
N LEU F 65 11.99 34.05 29.66
CA LEU F 65 12.32 35.28 28.94
CA LEU F 65 12.32 35.37 29.15
C LEU F 65 13.77 35.65 29.25
C LEU F 65 13.83 35.54 29.16
N LEU F 66 14.32 36.51 28.39
CA LEU F 66 15.74 36.87 28.42
C LEU F 66 15.87 38.38 28.55
N TYR F 67 16.60 38.82 29.56
CA TYR F 67 16.96 40.22 29.74
C TYR F 67 18.46 40.38 29.55
N TYR F 68 18.86 41.43 28.84
CA TYR F 68 20.29 41.64 28.60
C TYR F 68 20.58 43.12 28.43
N THR F 69 21.85 43.46 28.68
CA THR F 69 22.35 44.81 28.50
C THR F 69 23.82 44.74 28.12
N GLU F 70 24.27 45.75 27.38
CA GLU F 70 25.67 45.84 27.00
C GLU F 70 26.47 46.45 28.15
N PHE F 71 27.60 45.82 28.47
CA PHE F 71 28.41 46.30 29.59
C PHE F 71 29.87 45.95 29.34
N THR F 72 30.74 46.59 30.11
CA THR F 72 32.17 46.28 30.11
C THR F 72 32.57 45.90 31.53
N PRO F 73 32.83 44.62 31.80
CA PRO F 73 33.08 44.20 33.19
C PRO F 73 34.39 44.76 33.72
N THR F 74 34.38 45.14 34.99
CA THR F 74 35.58 45.58 35.71
C THR F 74 35.70 44.77 36.99
N GLU F 75 36.86 44.91 37.65
CA GLU F 75 37.11 44.15 38.86
C GLU F 75 36.24 44.64 40.02
N LYS F 76 35.87 45.93 40.02
CA LYS F 76 35.14 46.52 41.13
C LYS F 76 33.63 46.55 40.92
N ASP F 77 33.16 46.42 39.69
CA ASP F 77 31.72 46.49 39.42
C ASP F 77 31.05 45.15 39.66
N GLU F 78 29.97 45.17 40.43
CA GLU F 78 29.18 43.97 40.73
C GLU F 78 27.85 44.07 40.02
N TYR F 79 27.48 42.99 39.31
CA TYR F 79 26.25 42.95 38.54
C TYR F 79 25.34 41.85 39.09
N ALA F 80 24.03 42.07 38.96
CA ALA F 80 23.06 41.12 39.48
C ALA F 80 21.78 41.22 38.67
N CYS F 81 20.88 40.25 38.89
CA CYS F 81 19.57 40.22 38.26
C CYS F 81 18.52 40.10 39.37
N ARG F 82 17.59 41.05 39.41
CA ARG F 82 16.56 41.11 40.44
C ARG F 82 15.23 40.71 39.84
N VAL F 83 14.61 39.69 40.42
CA VAL F 83 13.38 39.10 39.88
C VAL F 83 12.34 39.03 40.98
N ASN F 84 11.09 39.35 40.63
CA ASN F 84 9.97 39.19 41.55
C ASN F 84 8.87 38.38 40.89
N HIS F 85 8.24 37.49 41.66
CA HIS F 85 7.23 36.57 41.18
C HIS F 85 6.33 36.24 42.36
N VAL F 86 5.12 35.78 42.05
CA VAL F 86 4.13 35.55 43.10
C VAL F 86 4.62 34.48 44.06
N THR F 87 5.51 33.61 43.59
CA THR F 87 6.09 32.59 44.46
C THR F 87 7.11 33.14 45.44
N LEU F 88 7.55 34.38 45.26
CA LEU F 88 8.58 34.98 46.09
C LEU F 88 7.94 36.02 47.01
N SER F 89 8.26 35.95 48.30
CA SER F 89 7.74 36.94 49.23
C SER F 89 8.43 38.28 49.11
N GLN F 90 9.65 38.32 48.56
CA GLN F 90 10.40 39.54 48.31
C GLN F 90 11.21 39.34 47.04
N PRO F 91 11.59 40.42 46.37
CA PRO F 91 12.42 40.27 45.16
C PRO F 91 13.72 39.55 45.47
N LYS F 92 14.09 38.63 44.58
CA LYS F 92 15.31 37.87 44.70
C LYS F 92 16.39 38.50 43.84
N ILE F 93 17.56 38.74 44.44
CA ILE F 93 18.70 39.34 43.76
C ILE F 93 19.74 38.27 43.54
N VAL F 94 20.02 37.96 42.27
CA VAL F 94 20.92 36.88 41.90
C VAL F 94 22.19 37.50 41.30
N LYS F 95 23.32 37.27 41.96
CA LYS F 95 24.57 37.88 41.55
C LYS F 95 25.22 37.14 40.39
N TRP F 96 25.94 37.88 39.56
CA TRP F 96 26.69 37.29 38.46
C TRP F 96 28.02 36.74 38.98
N ASP F 97 28.34 35.52 38.57
CA ASP F 97 29.52 34.82 39.08
C ASP F 97 30.82 35.21 38.37
N ARG F 98 30.77 36.19 37.46
CA ARG F 98 31.96 36.68 36.76
C ARG F 98 32.65 35.58 35.96
N ASP F 99 31.87 34.63 35.43
CA ASP F 99 32.37 33.56 34.59
C ASP F 99 33.47 32.73 35.28
N ASN G 2 24.54 -9.51 -7.47
CA ASN G 2 24.64 -8.52 -6.40
C ASN G 2 23.33 -8.39 -5.62
N ALA G 3 22.25 -8.08 -6.33
CA ALA G 3 20.96 -7.91 -5.66
C ALA G 3 20.31 -9.24 -5.32
N GLY G 4 20.60 -10.29 -6.09
CA GLY G 4 19.96 -11.58 -5.86
C GLY G 4 18.54 -11.61 -6.40
N VAL G 5 17.58 -11.91 -5.55
CA VAL G 5 16.17 -11.99 -5.95
C VAL G 5 15.44 -10.79 -5.33
N THR G 6 14.81 -9.99 -6.18
CA THR G 6 14.08 -8.79 -5.76
C THR G 6 12.61 -8.96 -6.09
N GLN G 7 11.77 -9.01 -5.05
CA GLN G 7 10.34 -9.11 -5.24
C GLN G 7 9.63 -7.98 -4.52
N THR G 8 8.49 -7.57 -5.07
CA THR G 8 7.68 -6.46 -4.57
C THR G 8 6.22 -6.81 -4.78
N PRO G 9 5.32 -6.25 -3.94
CA PRO G 9 5.59 -5.37 -2.80
C PRO G 9 5.84 -6.15 -1.51
N LYS G 10 6.38 -5.47 -0.51
CA LYS G 10 6.66 -6.10 0.77
C LYS G 10 5.37 -6.46 1.50
N PHE G 11 4.39 -5.55 1.52
CA PHE G 11 3.10 -5.77 2.13
C PHE G 11 1.99 -5.32 1.18
N GLN G 12 0.80 -5.89 1.35
CA GLN G 12 -0.35 -5.49 0.55
C GLN G 12 -1.63 -5.95 1.21
N VAL G 13 -2.57 -5.02 1.40
CA VAL G 13 -3.93 -5.32 1.82
C VAL G 13 -4.81 -5.35 0.58
N LEU G 14 -5.72 -6.32 0.51
CA LEU G 14 -6.59 -6.47 -0.65
C LEU G 14 -8.02 -6.73 -0.18
N LYS G 15 -8.97 -6.23 -0.96
CA LYS G 15 -10.37 -6.57 -0.80
C LYS G 15 -10.70 -7.78 -1.67
N THR G 16 -11.65 -8.59 -1.21
CA THR G 16 -12.07 -9.75 -2.00
C THR G 16 -12.50 -9.32 -3.40
N GLY G 17 -11.91 -9.95 -4.41
CA GLY G 17 -12.19 -9.63 -5.79
C GLY G 17 -11.21 -8.68 -6.44
N GLN G 18 -10.33 -8.04 -5.65
CA GLN G 18 -9.36 -7.11 -6.20
C GLN G 18 -8.25 -7.86 -6.94
N SER G 19 -7.68 -7.21 -7.95
CA SER G 19 -6.57 -7.76 -8.70
C SER G 19 -5.24 -7.37 -8.06
N MET G 20 -4.23 -8.20 -8.29
CA MET G 20 -2.91 -7.96 -7.72
CA MET G 20 -2.92 -7.97 -7.69
C MET G 20 -1.85 -8.69 -8.53
N THR G 21 -0.73 -8.01 -8.75
CA THR G 21 0.42 -8.59 -9.45
C THR G 21 1.63 -8.44 -8.56
N LEU G 22 2.30 -9.56 -8.26
CA LEU G 22 3.55 -9.56 -7.52
C LEU G 22 4.71 -9.64 -8.51
N GLN G 23 5.68 -8.76 -8.34
CA GLN G 23 6.84 -8.71 -9.23
C GLN G 23 7.99 -9.51 -8.63
N CYS G 24 8.79 -10.12 -9.50
CA CYS G 24 9.99 -10.83 -9.08
C CYS G 24 11.03 -10.73 -10.18
N ALA G 25 12.25 -10.36 -9.81
CA ALA G 25 13.36 -10.31 -10.74
C ALA G 25 14.60 -10.87 -10.08
N GLN G 26 15.41 -11.58 -10.85
CA GLN G 26 16.69 -12.08 -10.39
C GLN G 26 17.78 -11.64 -11.34
N ASP G 27 18.92 -11.22 -10.79
CA ASP G 27 20.05 -10.76 -11.58
C ASP G 27 21.23 -11.72 -11.53
N MET G 28 20.98 -12.99 -11.21
CA MET G 28 22.02 -13.99 -11.11
C MET G 28 22.15 -14.84 -12.37
N ASN G 29 21.47 -14.44 -13.45
CA ASN G 29 21.49 -15.17 -14.72
C ASN G 29 21.01 -16.61 -14.54
N HIS G 30 20.04 -16.79 -13.64
CA HIS G 30 19.44 -18.10 -13.42
C HIS G 30 18.42 -18.40 -14.50
N ASN G 31 18.13 -19.69 -14.68
CA ASN G 31 17.16 -20.13 -15.67
C ASN G 31 15.83 -20.54 -15.08
N SER G 32 15.81 -21.04 -13.85
CA SER G 32 14.61 -21.57 -13.23
C SER G 32 14.12 -20.59 -12.16
N MET G 33 12.82 -20.32 -12.17
CA MET G 33 12.20 -19.41 -11.20
C MET G 33 10.91 -20.04 -10.68
N TYR G 34 10.55 -19.66 -9.46
CA TYR G 34 9.46 -20.32 -8.73
C TYR G 34 8.67 -19.28 -7.94
N TRP G 35 7.41 -19.62 -7.66
CA TRP G 35 6.57 -18.84 -6.77
C TRP G 35 6.00 -19.77 -5.71
N TYR G 36 6.30 -19.49 -4.45
CA TYR G 36 5.84 -20.26 -3.31
C TYR G 36 4.89 -19.43 -2.46
N ARG G 37 4.06 -20.13 -1.67
CA ARG G 37 3.31 -19.51 -0.60
C ARG G 37 3.60 -20.27 0.69
N GLN G 38 3.80 -19.53 1.77
CA GLN G 38 4.12 -20.09 3.08
C GLN G 38 2.98 -19.80 4.03
N ASP G 39 2.49 -20.84 4.69
CA ASP G 39 1.36 -20.75 5.61
C ASP G 39 1.72 -21.45 6.92
N PRO G 40 1.14 -21.01 8.03
CA PRO G 40 1.46 -21.64 9.32
C PRO G 40 1.06 -23.11 9.34
N GLY G 41 1.93 -23.92 9.93
CA GLY G 41 1.63 -25.33 10.13
C GLY G 41 1.87 -26.23 8.94
N MET G 42 2.48 -25.73 7.87
CA MET G 42 2.71 -26.56 6.70
C MET G 42 3.95 -26.06 5.97
N GLY G 43 4.54 -26.95 5.17
CA GLY G 43 5.70 -26.59 4.39
C GLY G 43 5.35 -25.74 3.18
N LEU G 44 6.39 -25.16 2.57
CA LEU G 44 6.21 -24.36 1.37
C LEU G 44 5.46 -25.16 0.30
N ARG G 45 4.52 -24.49 -0.35
CA ARG G 45 3.74 -25.08 -1.44
C ARG G 45 4.00 -24.30 -2.72
N LEU G 46 4.35 -25.02 -3.79
CA LEU G 46 4.63 -24.41 -5.08
C LEU G 46 3.34 -24.02 -5.78
N ILE G 47 3.26 -22.78 -6.23
CA ILE G 47 2.08 -22.27 -6.93
C ILE G 47 2.29 -22.48 -8.42
N TYR G 48 3.37 -21.91 -8.95
CA TYR G 48 3.77 -22.06 -10.34
C TYR G 48 5.29 -22.03 -10.41
N TYR G 49 5.82 -22.54 -11.52
CA TYR G 49 7.27 -22.48 -11.71
C TYR G 49 7.58 -22.33 -13.19
N SER G 50 8.83 -21.99 -13.46
CA SER G 50 9.33 -21.76 -14.82
C SER G 50 10.69 -22.43 -14.94
N ALA G 51 10.72 -23.63 -15.55
CA ALA G 51 11.95 -24.40 -15.61
C ALA G 51 13.04 -23.65 -16.37
N SER G 52 12.66 -22.92 -17.41
CA SER G 52 13.57 -22.07 -18.15
C SER G 52 12.75 -21.01 -18.86
N GLU G 53 13.45 -20.04 -19.44
CA GLU G 53 12.78 -18.98 -20.19
C GLU G 53 11.97 -19.58 -21.33
N GLY G 54 10.71 -19.16 -21.44
CA GLY G 54 9.85 -19.64 -22.50
C GLY G 54 8.91 -20.76 -22.14
N THR G 55 8.89 -21.19 -20.88
CA THR G 55 7.98 -22.25 -20.46
C THR G 55 7.60 -22.04 -19.00
N THR G 56 6.33 -22.31 -18.69
CA THR G 56 5.83 -22.27 -17.32
C THR G 56 4.88 -23.45 -17.13
N ASP G 57 4.63 -23.80 -15.87
CA ASP G 57 3.71 -24.89 -15.59
C ASP G 57 3.19 -24.74 -14.16
N LYS G 58 2.03 -25.35 -13.93
CA LYS G 58 1.39 -25.27 -12.62
C LYS G 58 2.17 -26.08 -11.58
N GLY G 59 2.07 -25.63 -10.34
CA GLY G 59 2.65 -26.32 -9.20
C GLY G 59 1.63 -27.14 -8.45
N GLU G 60 1.71 -27.09 -7.13
CA GLU G 60 0.75 -27.83 -6.29
C GLU G 60 -0.54 -27.06 -6.11
N VAL G 61 -0.48 -25.74 -6.05
CA VAL G 61 -1.70 -24.98 -5.79
C VAL G 61 -1.88 -23.89 -6.83
N PRO G 62 -2.16 -24.25 -8.06
CA PRO G 62 -2.22 -23.21 -9.09
C PRO G 62 -3.52 -22.44 -9.08
N ASN G 63 -4.56 -22.93 -8.41
CA ASN G 63 -5.89 -22.38 -8.66
C ASN G 63 -6.01 -21.00 -8.02
N GLY G 64 -6.52 -20.02 -8.78
CA GLY G 64 -6.57 -18.66 -8.29
C GLY G 64 -5.39 -17.79 -8.69
N TYR G 65 -4.39 -18.36 -9.36
CA TYR G 65 -3.17 -17.65 -9.72
C TYR G 65 -2.84 -17.83 -11.18
N ASN G 66 -2.02 -16.92 -11.69
CA ASN G 66 -1.41 -17.02 -13.01
C ASN G 66 -0.03 -16.40 -12.95
N VAL G 67 0.83 -16.82 -13.87
CA VAL G 67 2.20 -16.34 -13.89
C VAL G 67 2.59 -15.93 -15.31
N SER G 68 3.67 -15.17 -15.41
N SER G 68 3.66 -15.14 -15.40
CA SER G 68 4.22 -14.72 -16.68
CA SER G 68 4.22 -14.73 -16.68
C SER G 68 5.73 -14.67 -16.57
C SER G 68 5.72 -14.68 -16.56
N ARG G 69 6.41 -15.54 -17.32
CA ARG G 69 7.87 -15.50 -17.42
C ARG G 69 8.20 -14.47 -18.50
N LEU G 70 8.17 -13.20 -18.11
CA LEU G 70 8.29 -12.11 -19.07
C LEU G 70 9.61 -12.19 -19.83
N ASN G 71 10.69 -12.55 -19.13
CA ASN G 71 11.99 -12.74 -19.75
C ASN G 71 12.80 -13.66 -18.84
N LYS G 72 14.11 -13.74 -19.09
CA LYS G 72 14.96 -14.60 -18.27
C LYS G 72 15.08 -14.10 -16.84
N ARG G 73 14.90 -12.81 -16.60
CA ARG G 73 15.08 -12.23 -15.28
CA ARG G 73 15.09 -12.25 -15.27
C ARG G 73 13.80 -12.14 -14.47
N GLU G 74 12.66 -11.96 -15.12
CA GLU G 74 11.42 -11.62 -14.43
C GLU G 74 10.39 -12.73 -14.50
N PHE G 75 9.64 -12.89 -13.40
CA PHE G 75 8.65 -13.96 -13.27
C PHE G 75 7.56 -13.42 -12.33
N SER G 76 6.49 -12.90 -12.91
CA SER G 76 5.45 -12.24 -12.13
C SER G 76 4.32 -13.22 -11.78
N LEU G 77 3.72 -12.98 -10.61
CA LEU G 77 2.58 -13.76 -10.13
C LEU G 77 1.34 -12.89 -10.13
N ARG G 78 0.24 -13.41 -10.65
CA ARG G 78 -0.98 -12.65 -10.85
C ARG G 78 -2.11 -13.27 -10.06
N LEU G 79 -2.77 -12.46 -9.23
CA LEU G 79 -4.00 -12.81 -8.53
C LEU G 79 -5.12 -12.00 -9.18
N GLU G 80 -5.96 -12.67 -9.97
CA GLU G 80 -6.96 -11.95 -10.73
C GLU G 80 -8.14 -11.54 -9.86
N SER G 81 -8.63 -12.44 -9.01
CA SER G 81 -9.76 -12.17 -8.11
C SER G 81 -9.34 -12.64 -6.71
N ALA G 82 -8.83 -11.71 -5.91
CA ALA G 82 -8.28 -12.08 -4.60
C ALA G 82 -9.36 -12.69 -3.71
N ALA G 83 -8.97 -13.74 -2.99
CA ALA G 83 -9.84 -14.45 -2.08
C ALA G 83 -9.19 -14.52 -0.70
N PRO G 84 -9.99 -14.58 0.36
CA PRO G 84 -9.41 -14.64 1.72
C PRO G 84 -8.46 -15.80 1.93
N SER G 85 -8.67 -16.93 1.24
CA SER G 85 -7.75 -18.06 1.37
C SER G 85 -6.37 -17.74 0.81
N GLN G 86 -6.25 -16.71 -0.01
CA GLN G 86 -4.96 -16.31 -0.56
C GLN G 86 -4.17 -15.40 0.38
N THR G 87 -4.67 -15.16 1.59
CA THR G 87 -3.89 -14.49 2.62
C THR G 87 -2.73 -15.39 3.02
N SER G 88 -1.51 -14.95 2.76
CA SER G 88 -0.33 -15.78 2.95
C SER G 88 0.90 -14.90 2.78
N VAL G 89 2.07 -15.52 2.92
CA VAL G 89 3.35 -14.89 2.61
C VAL G 89 3.89 -15.57 1.36
N TYR G 90 4.10 -14.78 0.32
CA TYR G 90 4.51 -15.30 -0.99
C TYR G 90 6.00 -15.11 -1.18
N PHE G 91 6.69 -16.18 -1.57
CA PHE G 91 8.12 -16.17 -1.80
C PHE G 91 8.42 -16.58 -3.23
N CYS G 92 9.15 -15.75 -3.94
CA CYS G 92 9.69 -16.07 -5.26
CA CYS G 92 9.67 -16.12 -5.24
C CYS G 92 11.13 -16.54 -5.10
N ALA G 93 11.51 -17.55 -5.87
CA ALA G 93 12.84 -18.11 -5.77
C ALA G 93 13.37 -18.41 -7.15
N SER G 94 14.68 -18.67 -7.23
CA SER G 94 15.31 -19.01 -8.50
C SER G 94 16.46 -19.97 -8.24
N SER G 95 16.80 -20.76 -9.26
CA SER G 95 17.95 -21.64 -9.25
C SER G 95 18.62 -21.59 -10.62
N VAL G 96 19.88 -21.99 -10.66
CA VAL G 96 20.64 -21.94 -11.90
C VAL G 96 19.96 -22.77 -12.98
N TRP G 97 19.64 -24.02 -12.66
CA TRP G 97 18.88 -24.89 -13.54
C TRP G 97 17.86 -25.65 -12.71
N THR G 98 17.11 -26.52 -13.36
CA THR G 98 16.24 -27.47 -12.70
C THR G 98 16.44 -28.84 -13.36
N GLY G 99 15.89 -29.87 -12.72
CA GLY G 99 16.20 -31.22 -13.13
C GLY G 99 17.56 -31.71 -12.68
N GLU G 100 18.15 -31.06 -11.69
CA GLU G 100 19.43 -31.48 -11.13
CA GLU G 100 19.44 -31.42 -11.13
C GLU G 100 19.26 -31.65 -9.63
N GLY G 101 20.15 -32.47 -9.04
CA GLY G 101 19.96 -32.84 -7.65
C GLY G 101 20.36 -31.74 -6.69
N SER G 102 21.59 -31.24 -6.81
CA SER G 102 22.19 -30.46 -5.74
C SER G 102 21.96 -28.96 -5.84
N GLY G 103 21.39 -28.46 -6.94
CA GLY G 103 21.21 -27.02 -7.10
C GLY G 103 20.23 -26.46 -6.07
N GLU G 104 20.66 -25.47 -5.31
CA GLU G 104 19.83 -24.90 -4.25
C GLU G 104 19.01 -23.72 -4.77
N LEU G 105 18.04 -23.30 -3.97
CA LEU G 105 17.16 -22.20 -4.30
C LEU G 105 17.64 -20.92 -3.64
N PHE G 106 17.46 -19.80 -4.33
CA PHE G 106 17.74 -18.46 -3.80
C PHE G 106 16.40 -17.74 -3.70
N PHE G 107 16.04 -17.31 -2.48
CA PHE G 107 14.73 -16.77 -2.20
C PHE G 107 14.74 -15.23 -2.18
N GLY G 108 13.62 -14.64 -2.62
CA GLY G 108 13.39 -13.23 -2.42
C GLY G 108 12.91 -12.93 -1.01
N GLU G 109 12.77 -11.63 -0.72
CA GLU G 109 12.46 -11.21 0.65
C GLU G 109 11.06 -11.60 1.08
N GLY G 110 10.14 -11.82 0.16
CA GLY G 110 8.81 -12.25 0.53
C GLY G 110 7.79 -11.13 0.44
N SER G 111 6.53 -11.49 0.22
CA SER G 111 5.42 -10.55 0.11
C SER G 111 4.28 -11.04 0.98
N ARG G 112 3.85 -10.22 1.93
CA ARG G 112 2.78 -10.57 2.86
C ARG G 112 1.48 -9.95 2.36
N LEU G 113 0.55 -10.80 1.92
CA LEU G 113 -0.74 -10.36 1.44
C LEU G 113 -1.83 -10.74 2.44
N THR G 114 -2.73 -9.80 2.72
CA THR G 114 -3.92 -10.04 3.52
C THR G 114 -5.13 -9.65 2.70
N VAL G 115 -6.02 -10.61 2.46
CA VAL G 115 -7.24 -10.39 1.69
C VAL G 115 -8.41 -10.37 2.66
N LEU G 116 -9.20 -9.28 2.61
CA LEU G 116 -10.30 -9.07 3.54
C LEU G 116 -11.61 -8.89 2.79
N GLU G 117 -12.69 -9.37 3.40
CA GLU G 117 -14.02 -9.15 2.83
C GLU G 117 -14.41 -7.68 2.88
N ASP G 118 -14.02 -6.98 3.95
CA ASP G 118 -14.34 -5.58 4.14
C ASP G 118 -13.12 -4.86 4.68
N LEU G 119 -12.80 -3.70 4.11
CA LEU G 119 -11.66 -2.92 4.57
C LEU G 119 -11.93 -2.17 5.88
N LYS G 120 -13.13 -2.28 6.44
CA LYS G 120 -13.43 -1.59 7.70
C LYS G 120 -12.75 -2.21 8.90
N ASN G 121 -12.05 -3.33 8.72
CA ASN G 121 -11.28 -3.95 9.79
C ASN G 121 -9.85 -3.42 9.88
N VAL G 122 -9.45 -2.55 8.96
CA VAL G 122 -8.07 -2.07 8.89
C VAL G 122 -7.91 -0.88 9.82
N PHE G 123 -6.90 -0.94 10.69
CA PHE G 123 -6.61 0.13 11.64
C PHE G 123 -5.11 0.39 11.66
N PRO G 124 -4.69 1.66 11.70
CA PRO G 124 -3.28 1.97 11.93
C PRO G 124 -2.92 1.74 13.38
N PRO G 125 -1.63 1.70 13.72
CA PRO G 125 -1.25 1.50 15.12
C PRO G 125 -1.31 2.79 15.92
N GLU G 126 -1.58 2.62 17.21
CA GLU G 126 -1.45 3.67 18.20
C GLU G 126 -0.10 3.47 18.89
N VAL G 127 0.72 4.51 18.91
CA VAL G 127 2.11 4.39 19.34
C VAL G 127 2.34 5.29 20.54
N ALA G 128 3.00 4.75 21.57
CA ALA G 128 3.33 5.50 22.78
C ALA G 128 4.64 4.98 23.35
N VAL G 129 5.43 5.89 23.91
CA VAL G 129 6.71 5.56 24.54
C VAL G 129 6.59 5.79 26.03
N PHE G 130 7.18 4.88 26.81
CA PHE G 130 7.14 4.96 28.27
C PHE G 130 8.56 5.00 28.80
N GLU G 131 8.85 5.98 29.64
CA GLU G 131 10.19 6.29 30.08
C GLU G 131 10.64 5.32 31.18
N PRO G 132 11.95 5.16 31.37
CA PRO G 132 12.45 4.11 32.26
C PRO G 132 12.04 4.30 33.71
N SER G 133 11.99 3.18 34.43
CA SER G 133 11.69 3.20 35.85
C SER G 133 12.88 3.74 36.64
N GLU G 134 12.60 4.64 37.59
CA GLU G 134 13.67 5.17 38.43
C GLU G 134 14.24 4.08 39.34
N ALA G 135 13.40 3.15 39.79
CA ALA G 135 13.90 2.04 40.59
C ALA G 135 14.85 1.15 39.78
N GLU G 136 14.57 0.98 38.48
CA GLU G 136 15.48 0.20 37.65
C GLU G 136 16.84 0.88 37.52
N ILE G 137 16.84 2.20 37.36
CA ILE G 137 18.09 2.94 37.20
C ILE G 137 18.98 2.78 38.43
N SER G 138 18.39 2.91 39.61
CA SER G 138 19.20 2.82 40.83
C SER G 138 19.55 1.38 41.18
N HIS G 139 18.75 0.40 40.74
CA HIS G 139 19.03 -0.98 41.09
C HIS G 139 20.01 -1.63 40.12
N THR G 140 19.96 -1.26 38.83
CA THR G 140 20.74 -1.94 37.81
C THR G 140 21.70 -1.03 37.05
N GLN G 141 21.63 0.30 37.25
CA GLN G 141 22.40 1.26 36.46
C GLN G 141 22.09 1.15 34.97
N LYS G 142 20.90 0.65 34.65
CA LYS G 142 20.44 0.56 33.27
C LYS G 142 19.04 1.16 33.20
N ALA G 143 18.63 1.54 31.98
CA ALA G 143 17.35 2.20 31.77
C ALA G 143 16.67 1.58 30.57
N THR G 144 15.46 1.06 30.77
CA THR G 144 14.69 0.41 29.71
C THR G 144 13.50 1.28 29.33
N LEU G 145 13.46 1.73 28.09
CA LEU G 145 12.28 2.35 27.52
C LEU G 145 11.45 1.30 26.81
N VAL G 146 10.14 1.51 26.80
CA VAL G 146 9.20 0.59 26.15
C VAL G 146 8.36 1.38 25.15
N CYS G 147 8.20 0.82 23.95
CA CYS G 147 7.33 1.35 22.92
C CYS G 147 6.20 0.36 22.69
N LEU G 148 4.97 0.85 22.74
CA LEU G 148 3.77 0.03 22.52
C LEU G 148 3.09 0.50 21.25
N ALA G 149 2.90 -0.42 20.30
CA ALA G 149 2.09 -0.20 19.11
C ALA G 149 0.86 -1.09 19.25
N THR G 150 -0.31 -0.48 19.38
CA THR G 150 -1.51 -1.22 19.74
C THR G 150 -2.66 -0.90 18.81
N GLY G 151 -3.58 -1.85 18.68
CA GLY G 151 -4.82 -1.65 17.96
C GLY G 151 -4.73 -1.66 16.45
N PHE G 152 -3.65 -2.17 15.88
CA PHE G 152 -3.47 -2.15 14.42
C PHE G 152 -3.91 -3.46 13.79
N TYR G 153 -4.30 -3.38 12.52
CA TYR G 153 -4.72 -4.53 11.73
C TYR G 153 -4.68 -4.14 10.26
N PRO G 154 -4.13 -5.00 9.38
CA PRO G 154 -3.52 -6.29 9.71
C PRO G 154 -2.10 -6.14 10.26
N ASP G 155 -1.39 -7.26 10.44
CA ASP G 155 -0.05 -7.24 11.00
C ASP G 155 0.96 -6.90 9.90
N HIS G 156 0.90 -5.64 9.46
CA HIS G 156 1.82 -5.10 8.46
C HIS G 156 2.50 -3.86 9.05
N VAL G 157 3.42 -4.08 9.98
CA VAL G 157 4.08 -2.99 10.69
C VAL G 157 5.58 -3.23 10.72
N GLU G 158 6.34 -2.14 10.76
CA GLU G 158 7.79 -2.15 10.94
C GLU G 158 8.13 -1.13 12.02
N LEU G 159 8.61 -1.61 13.16
CA LEU G 159 8.95 -0.75 14.29
C LEU G 159 10.46 -0.52 14.32
N SER G 160 10.85 0.71 14.62
CA SER G 160 12.27 1.05 14.71
C SER G 160 12.47 2.11 15.79
N TRP G 161 13.64 2.06 16.43
CA TRP G 161 14.04 3.04 17.43
C TRP G 161 15.02 4.02 16.81
N TRP G 162 14.92 5.29 17.21
CA TRP G 162 15.79 6.34 16.71
C TRP G 162 16.35 7.11 17.91
N VAL G 163 17.68 7.16 18.01
CA VAL G 163 18.36 7.83 19.11
C VAL G 163 19.20 8.95 18.52
N ASN G 164 18.85 10.20 18.87
CA ASN G 164 19.56 11.39 18.42
C ASN G 164 19.59 11.47 16.89
N GLY G 165 18.47 11.11 16.26
CA GLY G 165 18.34 11.21 14.83
C GLY G 165 18.88 10.03 14.04
N LYS G 166 19.41 9.01 14.70
CA LYS G 166 19.97 7.84 14.02
C LYS G 166 19.25 6.59 14.50
N GLU G 167 18.90 5.72 13.55
CA GLU G 167 18.29 4.45 13.89
C GLU G 167 19.29 3.56 14.60
N VAL G 168 18.82 2.86 15.64
CA VAL G 168 19.67 1.99 16.43
C VAL G 168 19.04 0.60 16.50
N HIS G 169 19.91 -0.40 16.67
CA HIS G 169 19.50 -1.80 16.82
CA HIS G 169 19.43 -1.76 16.89
C HIS G 169 20.09 -2.43 18.07
N SER G 170 21.26 -1.98 18.51
CA SER G 170 21.87 -2.51 19.72
C SER G 170 21.07 -2.10 20.94
N GLY G 171 20.81 -3.05 21.83
CA GLY G 171 19.97 -2.80 22.99
C GLY G 171 18.49 -2.83 22.71
N VAL G 172 18.08 -3.30 21.54
CA VAL G 172 16.68 -3.28 21.11
C VAL G 172 16.18 -4.72 21.00
N CYS G 173 14.99 -4.96 21.54
N CYS G 173 14.97 -4.95 21.47
CA CYS G 173 14.29 -6.24 21.36
CA CYS G 173 14.35 -6.25 21.28
C CYS G 173 12.83 -5.96 21.09
C CYS G 173 12.85 -6.03 21.11
N THR G 174 12.36 -6.36 19.91
CA THR G 174 10.96 -6.22 19.54
C THR G 174 10.33 -7.60 19.50
N ASP G 175 9.10 -7.71 19.98
CA ASP G 175 8.38 -8.98 19.96
C ASP G 175 8.42 -9.58 18.56
N PRO G 176 8.91 -10.82 18.40
CA PRO G 176 8.96 -11.41 17.06
C PRO G 176 7.59 -11.67 16.47
N GLN G 177 6.56 -11.83 17.30
CA GLN G 177 5.19 -12.02 16.84
C GLN G 177 4.29 -11.03 17.54
N PRO G 178 3.29 -10.49 16.83
CA PRO G 178 2.33 -9.59 17.48
C PRO G 178 1.44 -10.33 18.45
N LEU G 179 0.74 -9.57 19.28
CA LEU G 179 -0.16 -10.08 20.29
C LEU G 179 -1.59 -9.77 19.88
N LYS G 180 -2.43 -10.80 19.80
CA LYS G 180 -3.85 -10.58 19.53
C LYS G 180 -4.50 -9.95 20.75
N GLU G 181 -5.05 -8.74 20.57
CA GLU G 181 -5.70 -8.07 21.69
C GLU G 181 -6.94 -8.80 22.16
N GLN G 182 -7.64 -9.47 21.25
CA GLN G 182 -8.78 -10.33 21.57
C GLN G 182 -8.52 -11.69 20.94
N PRO G 183 -7.80 -12.56 21.64
CA PRO G 183 -7.34 -13.81 21.01
C PRO G 183 -8.45 -14.72 20.51
N ALA G 184 -9.69 -14.54 20.97
CA ALA G 184 -10.78 -15.40 20.51
C ALA G 184 -11.27 -15.02 19.11
N LEU G 185 -11.23 -13.74 18.77
CA LEU G 185 -11.76 -13.28 17.49
C LEU G 185 -10.78 -13.59 16.37
N ASN G 186 -11.34 -13.83 15.18
CA ASN G 186 -10.52 -14.21 14.03
C ASN G 186 -9.82 -13.00 13.40
N ASP G 187 -10.46 -11.84 13.42
CA ASP G 187 -9.92 -10.62 12.84
C ASP G 187 -9.46 -9.64 13.92
N SER G 188 -8.93 -10.18 15.01
CA SER G 188 -8.55 -9.35 16.15
C SER G 188 -7.45 -8.36 15.78
N ARG G 189 -7.55 -7.16 16.35
CA ARG G 189 -6.47 -6.18 16.19
C ARG G 189 -5.27 -6.60 17.02
N TYR G 190 -4.11 -6.07 16.65
CA TYR G 190 -2.84 -6.55 17.19
C TYR G 190 -2.19 -5.53 18.10
N ALA G 191 -1.25 -6.02 18.92
CA ALA G 191 -0.42 -5.20 19.77
C ALA G 191 1.02 -5.69 19.64
N LEU G 192 1.96 -4.74 19.68
CA LEU G 192 3.38 -5.04 19.53
C LEU G 192 4.16 -4.20 20.52
N SER G 193 5.08 -4.83 21.25
CA SER G 193 5.91 -4.13 22.22
C SER G 193 7.39 -4.25 21.83
N SER G 194 8.15 -3.22 22.18
CA SER G 194 9.59 -3.21 21.93
C SER G 194 10.27 -2.49 23.09
N ARG G 195 11.49 -2.93 23.40
CA ARG G 195 12.29 -2.33 24.46
C ARG G 195 13.59 -1.79 23.88
N LEU G 196 14.03 -0.66 24.43
CA LEU G 196 15.36 -0.12 24.18
C LEU G 196 16.03 0.08 25.53
N ARG G 197 17.10 -0.66 25.79
CA ARG G 197 17.79 -0.59 27.07
C ARG G 197 19.15 0.08 26.88
N VAL G 198 19.40 1.15 27.63
CA VAL G 198 20.65 1.89 27.58
C VAL G 198 21.21 1.98 28.99
N SER G 199 22.46 2.43 29.07
CA SER G 199 23.07 2.66 30.37
C SER G 199 22.37 3.85 31.07
N ALA G 200 22.46 3.86 32.39
CA ALA G 200 21.85 4.94 33.16
C ALA G 200 22.48 6.28 32.81
N THR G 201 23.79 6.32 32.59
CA THR G 201 24.45 7.57 32.23
C THR G 201 23.97 8.09 30.89
N PHE G 202 23.66 7.21 29.95
CA PHE G 202 23.15 7.66 28.65
C PHE G 202 21.75 8.22 28.77
N TRP G 203 20.90 7.58 29.58
CA TRP G 203 19.55 8.09 29.77
C TRP G 203 19.55 9.42 30.51
N GLN G 204 20.47 9.61 31.45
CA GLN G 204 20.49 10.81 32.28
C GLN G 204 21.13 12.01 31.58
N ASN G 205 21.51 11.87 30.31
CA ASN G 205 21.95 13.00 29.51
C ASN G 205 20.72 13.72 28.97
N PRO G 206 20.49 14.97 29.40
CA PRO G 206 19.25 15.65 28.99
C PRO G 206 19.18 15.98 27.50
N ARG G 207 20.30 15.92 26.79
N ARG G 207 20.30 15.92 26.78
CA ARG G 207 20.32 16.20 25.35
CA ARG G 207 20.28 16.21 25.35
C ARG G 207 19.98 14.99 24.50
C ARG G 207 20.00 14.98 24.50
N ASN G 208 20.00 13.79 25.08
CA ASN G 208 19.71 12.58 24.32
C ASN G 208 18.22 12.48 24.01
N HIS G 209 17.90 12.16 22.76
CA HIS G 209 16.53 12.12 22.27
C HIS G 209 16.21 10.72 21.77
N PHE G 210 15.05 10.19 22.17
CA PHE G 210 14.63 8.84 21.83
C PHE G 210 13.30 8.91 21.09
N ARG G 211 13.14 8.06 20.07
CA ARG G 211 11.91 8.00 19.31
CA ARG G 211 11.91 8.00 19.31
C ARG G 211 11.70 6.59 18.79
N CYS G 212 10.46 6.10 18.89
CA CYS G 212 10.06 4.84 18.32
CA CYS G 212 10.09 4.83 18.28
C CYS G 212 9.10 5.12 17.16
N GLN G 213 9.40 4.56 15.99
CA GLN G 213 8.65 4.80 14.76
C GLN G 213 8.05 3.49 14.27
N VAL G 214 6.78 3.51 13.92
CA VAL G 214 6.10 2.34 13.37
C VAL G 214 5.58 2.69 11.99
N GLN G 215 6.15 2.03 10.98
CA GLN G 215 5.64 2.14 9.62
C GLN G 215 4.49 1.17 9.45
N PHE G 216 3.33 1.68 9.06
CA PHE G 216 2.13 0.87 8.85
C PHE G 216 1.80 0.83 7.37
N TYR G 217 1.61 -0.37 6.84
CA TYR G 217 1.23 -0.57 5.45
C TYR G 217 -0.27 -0.86 5.41
N GLY G 218 -1.04 0.07 4.85
CA GLY G 218 -2.48 -0.06 4.84
C GLY G 218 -3.11 0.23 3.49
N LEU G 219 -4.09 1.12 3.47
CA LEU G 219 -4.83 1.39 2.25
C LEU G 219 -4.09 2.42 1.39
N SER G 220 -4.53 2.53 0.13
CA SER G 220 -3.98 3.49 -0.81
C SER G 220 -5.11 4.33 -1.39
N GLU G 221 -4.75 5.22 -2.32
CA GLU G 221 -5.72 6.17 -2.88
C GLU G 221 -6.90 5.46 -3.52
N ASN G 222 -6.66 4.40 -4.29
CA ASN G 222 -7.72 3.74 -5.03
C ASN G 222 -8.64 2.90 -4.15
N ASP G 223 -8.23 2.56 -2.93
CA ASP G 223 -9.11 1.83 -2.02
C ASP G 223 -10.29 2.70 -1.61
N GLU G 224 -11.49 2.16 -1.76
CA GLU G 224 -12.70 2.89 -1.39
C GLU G 224 -12.88 2.86 0.12
N TRP G 225 -13.21 4.01 0.70
CA TRP G 225 -13.43 4.13 2.14
C TRP G 225 -14.78 4.77 2.39
N THR G 226 -15.56 4.17 3.29
CA THR G 226 -16.90 4.64 3.61
C THR G 226 -17.17 4.77 5.10
N GLN G 227 -16.19 4.51 5.96
CA GLN G 227 -16.41 4.58 7.39
C GLN G 227 -16.34 6.03 7.90
N ASP G 228 -16.86 6.24 9.10
CA ASP G 228 -16.84 7.57 9.69
C ASP G 228 -15.44 7.98 10.13
N ARG G 229 -14.63 7.02 10.57
CA ARG G 229 -13.29 7.31 11.04
C ARG G 229 -12.36 7.60 9.87
N ALA G 230 -11.12 7.95 10.18
CA ALA G 230 -10.16 8.32 9.15
C ALA G 230 -9.72 7.10 8.35
N LYS G 231 -9.47 7.32 7.07
CA LYS G 231 -9.04 6.26 6.17
C LYS G 231 -7.67 5.73 6.61
N PRO G 232 -7.54 4.43 6.90
CA PRO G 232 -6.26 3.87 7.41
C PRO G 232 -5.25 3.62 6.31
N VAL G 233 -4.71 4.71 5.76
CA VAL G 233 -3.75 4.63 4.66
C VAL G 233 -2.37 4.27 5.21
N THR G 234 -1.45 3.90 4.31
CA THR G 234 -0.07 3.67 4.69
C THR G 234 0.52 4.94 5.30
N GLN G 235 1.13 4.81 6.47
CA GLN G 235 1.54 5.98 7.24
C GLN G 235 2.58 5.57 8.28
N ILE G 236 3.23 6.58 8.85
CA ILE G 236 4.19 6.41 9.94
C ILE G 236 3.61 7.05 11.19
N VAL G 237 3.55 6.28 12.27
CA VAL G 237 3.07 6.75 13.57
C VAL G 237 4.21 6.60 14.56
N SER G 238 4.51 7.66 15.31
CA SER G 238 5.66 7.64 16.20
C SER G 238 5.36 8.39 17.49
N ALA G 239 6.21 8.14 18.48
CA ALA G 239 6.22 8.87 19.74
C ALA G 239 7.65 9.00 20.21
N GLU G 240 7.91 9.97 21.06
CA GLU G 240 9.28 10.31 21.44
C GLU G 240 9.40 10.47 22.95
N ALA G 241 10.65 10.58 23.40
CA ALA G 241 10.98 10.88 24.77
C ALA G 241 12.39 11.46 24.82
N TRP G 242 12.62 12.34 25.78
CA TRP G 242 13.93 12.95 25.99
C TRP G 242 14.58 12.39 27.25
N GLY G 243 15.91 12.43 27.28
CA GLY G 243 16.63 12.03 28.48
C GLY G 243 16.28 12.91 29.66
N ARG G 244 16.35 12.32 30.85
CA ARG G 244 15.92 12.98 32.07
C ARG G 244 17.09 13.04 33.05
N ALA G 245 17.39 14.25 33.52
CA ALA G 245 18.48 14.45 34.48
C ALA G 245 17.96 14.96 35.81
N MET H 1 37.35 -33.20 -37.88
CA MET H 1 36.37 -34.08 -37.26
C MET H 1 36.30 -35.42 -38.00
N ILE H 2 35.87 -36.45 -37.28
CA ILE H 2 35.72 -37.79 -37.84
C ILE H 2 34.27 -37.98 -38.27
N GLN H 3 34.05 -38.13 -39.56
CA GLN H 3 32.74 -38.44 -40.12
C GLN H 3 32.74 -39.91 -40.54
N ARG H 4 31.69 -40.63 -40.15
CA ARG H 4 31.61 -42.07 -40.35
C ARG H 4 30.55 -42.39 -41.40
N THR H 5 30.93 -43.19 -42.39
CA THR H 5 30.03 -43.51 -43.49
C THR H 5 29.03 -44.58 -43.07
N PRO H 6 27.81 -44.54 -43.61
CA PRO H 6 26.78 -45.49 -43.18
C PRO H 6 27.01 -46.89 -43.76
N LYS H 7 26.72 -47.89 -42.93
CA LYS H 7 26.69 -49.27 -43.37
C LYS H 7 25.28 -49.63 -43.80
N ILE H 8 25.13 -50.18 -45.00
CA ILE H 8 23.85 -50.43 -45.62
C ILE H 8 23.66 -51.93 -45.80
N GLN H 9 22.54 -52.46 -45.29
CA GLN H 9 22.22 -53.87 -45.42
C GLN H 9 20.77 -54.01 -45.85
N VAL H 10 20.55 -54.70 -46.97
CA VAL H 10 19.22 -54.90 -47.54
C VAL H 10 18.85 -56.37 -47.37
N TYR H 11 17.65 -56.62 -46.85
CA TYR H 11 17.22 -57.98 -46.55
C TYR H 11 15.71 -57.99 -46.39
N SER H 12 15.14 -59.20 -46.46
CA SER H 12 13.71 -59.39 -46.27
C SER H 12 13.43 -59.79 -44.82
N ARG H 13 12.22 -59.46 -44.35
CA ARG H 13 11.83 -59.83 -43.00
C ARG H 13 11.82 -61.35 -42.82
N HIS H 14 11.16 -62.06 -43.74
CA HIS H 14 11.11 -63.50 -43.75
C HIS H 14 11.95 -64.05 -44.90
N PRO H 15 12.38 -65.31 -44.82
CA PRO H 15 12.99 -65.95 -46.00
C PRO H 15 12.07 -65.83 -47.22
N ALA H 16 12.57 -65.19 -48.27
CA ALA H 16 11.72 -64.81 -49.38
C ALA H 16 11.30 -66.01 -50.21
N GLU H 17 10.07 -65.97 -50.72
CA GLU H 17 9.57 -66.92 -51.71
C GLU H 17 8.76 -66.14 -52.73
N ASN H 18 8.97 -66.43 -54.01
CA ASN H 18 8.26 -65.73 -55.07
C ASN H 18 6.76 -65.97 -54.95
N GLY H 19 5.99 -64.87 -54.89
CA GLY H 19 4.56 -64.94 -54.74
C GLY H 19 4.04 -64.75 -53.34
N LYS H 20 4.91 -64.83 -52.33
CA LYS H 20 4.53 -64.69 -50.94
C LYS H 20 4.83 -63.27 -50.47
N SER H 21 3.84 -62.62 -49.87
CA SER H 21 4.02 -61.25 -49.41
C SER H 21 5.08 -61.19 -48.32
N ASN H 22 5.92 -60.17 -48.38
CA ASN H 22 7.06 -60.04 -47.47
C ASN H 22 7.31 -58.56 -47.22
N PHE H 23 8.37 -58.28 -46.46
CA PHE H 23 8.79 -56.91 -46.17
C PHE H 23 10.27 -56.76 -46.54
N LEU H 24 10.56 -55.73 -47.34
CA LEU H 24 11.93 -55.44 -47.74
C LEU H 24 12.51 -54.41 -46.77
N ASN H 25 13.60 -54.77 -46.10
CA ASN H 25 14.23 -53.93 -45.09
C ASN H 25 15.53 -53.33 -45.61
N CYS H 26 15.77 -52.07 -45.26
CA CYS H 26 17.07 -51.43 -45.50
C CYS H 26 17.54 -50.85 -44.16
N TYR H 27 18.50 -51.52 -43.54
CA TYR H 27 19.01 -51.13 -42.22
C TYR H 27 20.29 -50.34 -42.42
N VAL H 28 20.24 -49.05 -42.10
CA VAL H 28 21.36 -48.13 -42.26
C VAL H 28 21.89 -47.79 -40.88
N SER H 29 23.18 -48.01 -40.64
CA SER H 29 23.71 -47.91 -39.29
C SER H 29 25.15 -47.39 -39.32
N GLY H 30 25.63 -47.00 -38.14
CA GLY H 30 27.02 -46.65 -37.93
C GLY H 30 27.46 -45.32 -38.48
N PHE H 31 26.55 -44.44 -38.87
CA PHE H 31 26.93 -43.19 -39.52
C PHE H 31 26.93 -42.03 -38.52
N HIS H 32 27.65 -40.98 -38.90
CA HIS H 32 27.74 -39.75 -38.13
C HIS H 32 28.26 -38.65 -39.05
N PRO H 33 27.63 -37.46 -39.08
CA PRO H 33 26.48 -37.03 -38.27
C PRO H 33 25.14 -37.62 -38.71
N SER H 34 24.05 -37.05 -38.19
CA SER H 34 22.74 -37.72 -38.23
C SER H 34 21.97 -37.50 -39.53
N ASP H 35 22.23 -36.43 -40.28
CA ASP H 35 21.48 -36.18 -41.50
C ASP H 35 21.78 -37.26 -42.52
N ILE H 36 20.73 -37.85 -43.09
CA ILE H 36 20.88 -38.94 -44.05
C ILE H 36 19.60 -39.04 -44.87
N GLU H 37 19.73 -39.57 -46.08
CA GLU H 37 18.62 -39.71 -47.02
C GLU H 37 18.59 -41.13 -47.54
N VAL H 38 17.45 -41.80 -47.39
CA VAL H 38 17.32 -43.21 -47.76
C VAL H 38 16.10 -43.37 -48.66
N ASP H 39 16.25 -44.19 -49.70
CA ASP H 39 15.17 -44.51 -50.62
C ASP H 39 15.23 -45.98 -50.99
N LEU H 40 14.08 -46.63 -51.01
CA LEU H 40 13.96 -48.00 -51.51
C LEU H 40 13.61 -47.97 -52.99
N LEU H 41 14.29 -48.83 -53.75
CA LEU H 41 14.17 -48.84 -55.20
C LEU H 41 13.55 -50.15 -55.68
N LYS H 42 12.67 -50.04 -56.67
CA LYS H 42 12.10 -51.19 -57.38
C LYS H 42 12.41 -51.03 -58.85
N ASN H 43 13.29 -51.90 -59.36
CA ASN H 43 13.72 -51.86 -60.76
C ASN H 43 14.32 -50.49 -61.12
N GLY H 44 15.01 -49.89 -60.15
CA GLY H 44 15.63 -48.60 -60.34
C GLY H 44 14.74 -47.40 -60.07
N GLU H 45 13.49 -47.63 -59.69
CA GLU H 45 12.53 -46.56 -59.43
C GLU H 45 12.24 -46.46 -57.94
N ARG H 46 12.10 -45.22 -57.46
CA ARG H 46 11.84 -44.99 -56.05
C ARG H 46 10.44 -45.47 -55.67
N ILE H 47 10.35 -46.15 -54.53
CA ILE H 47 9.07 -46.63 -54.00
C ILE H 47 8.46 -45.53 -53.15
N GLU H 48 7.21 -45.18 -53.43
CA GLU H 48 6.59 -44.03 -52.78
C GLU H 48 6.24 -44.33 -51.32
N LYS H 49 5.49 -45.42 -51.09
CA LYS H 49 5.01 -45.74 -49.75
C LYS H 49 6.07 -46.55 -49.01
N VAL H 50 7.04 -45.84 -48.44
CA VAL H 50 8.13 -46.44 -47.68
C VAL H 50 8.12 -45.83 -46.28
N GLU H 51 8.10 -46.69 -45.27
CA GLU H 51 8.11 -46.28 -43.88
C GLU H 51 9.50 -46.45 -43.28
N HIS H 52 9.73 -45.75 -42.17
CA HIS H 52 11.00 -45.84 -41.48
C HIS H 52 10.81 -45.56 -40.00
N SER H 53 11.68 -46.14 -39.18
CA SER H 53 11.66 -45.90 -37.75
C SER H 53 12.26 -44.53 -37.44
N ASP H 54 12.11 -44.11 -36.19
CA ASP H 54 12.74 -42.88 -35.75
C ASP H 54 14.25 -43.06 -35.66
N LEU H 55 14.97 -41.95 -35.78
CA LEU H 55 16.42 -41.95 -35.61
C LEU H 55 16.79 -42.57 -34.28
N SER H 56 17.74 -43.51 -34.31
CA SER H 56 18.13 -44.26 -33.13
C SER H 56 19.60 -44.03 -32.84
N PHE H 57 19.96 -44.22 -31.56
CA PHE H 57 21.28 -43.87 -31.06
C PHE H 57 22.01 -45.13 -30.57
N SER H 58 23.27 -45.27 -30.96
CA SER H 58 24.11 -46.37 -30.51
C SER H 58 25.08 -45.90 -29.44
N LYS H 59 25.59 -46.87 -28.66
CA LYS H 59 26.47 -46.55 -27.55
C LYS H 59 27.77 -45.89 -28.02
N ASP H 60 28.21 -46.22 -29.23
CA ASP H 60 29.44 -45.64 -29.77
C ASP H 60 29.23 -44.28 -30.43
N TRP H 61 28.07 -43.66 -30.19
CA TRP H 61 27.65 -42.32 -30.61
C TRP H 61 27.20 -42.27 -32.05
N SER H 62 27.24 -43.37 -32.80
CA SER H 62 26.72 -43.37 -34.16
C SER H 62 25.20 -43.57 -34.13
N PHE H 63 24.58 -43.42 -35.30
CA PHE H 63 23.13 -43.51 -35.44
C PHE H 63 22.75 -44.67 -36.35
N TYR H 64 21.49 -45.09 -36.26
CA TYR H 64 21.00 -46.12 -37.16
C TYR H 64 19.51 -45.93 -37.40
N LEU H 65 19.05 -46.47 -38.53
CA LEU H 65 17.67 -46.36 -38.97
C LEU H 65 17.26 -47.66 -39.66
N LEU H 66 15.95 -47.87 -39.76
CA LEU H 66 15.40 -49.00 -40.48
C LEU H 66 14.32 -48.49 -41.43
N TYR H 67 14.56 -48.62 -42.73
CA TYR H 67 13.56 -48.34 -43.76
C TYR H 67 12.98 -49.65 -44.26
N TYR H 68 11.68 -49.65 -44.54
CA TYR H 68 11.01 -50.89 -44.92
C TYR H 68 9.75 -50.57 -45.72
N THR H 69 9.30 -51.56 -46.49
CA THR H 69 8.06 -51.48 -47.23
C THR H 69 7.54 -52.89 -47.48
N GLU H 70 6.23 -53.00 -47.67
CA GLU H 70 5.60 -54.28 -47.95
C GLU H 70 5.65 -54.55 -49.45
N PHE H 71 6.03 -55.77 -49.82
CA PHE H 71 6.21 -56.11 -51.22
C PHE H 71 5.98 -57.61 -51.42
N THR H 72 5.88 -58.00 -52.67
CA THR H 72 5.81 -59.41 -53.05
C THR H 72 6.94 -59.71 -54.02
N PRO H 73 7.94 -60.50 -53.63
CA PRO H 73 9.09 -60.71 -54.53
C PRO H 73 8.72 -61.58 -55.72
N THR H 74 9.24 -61.19 -56.88
CA THR H 74 9.10 -61.96 -58.11
C THR H 74 10.48 -62.14 -58.74
N GLU H 75 10.59 -63.14 -59.61
CA GLU H 75 11.87 -63.42 -60.26
C GLU H 75 12.32 -62.29 -61.16
N LYS H 76 11.39 -61.44 -61.62
CA LYS H 76 11.73 -60.37 -62.56
C LYS H 76 12.13 -59.07 -61.85
N ASP H 77 11.49 -58.77 -60.72
CA ASP H 77 11.71 -57.48 -60.06
C ASP H 77 13.02 -57.47 -59.30
N GLU H 78 13.81 -56.42 -59.51
CA GLU H 78 15.05 -56.20 -58.78
C GLU H 78 14.85 -55.06 -57.79
N TYR H 79 15.35 -55.26 -56.57
CA TYR H 79 15.16 -54.29 -55.49
C TYR H 79 16.51 -53.78 -54.98
N ALA H 80 16.51 -52.54 -54.51
CA ALA H 80 17.74 -51.91 -54.04
C ALA H 80 17.39 -50.83 -53.02
N CYS H 81 18.44 -50.35 -52.34
CA CYS H 81 18.31 -49.26 -51.38
C CYS H 81 19.37 -48.21 -51.68
N ARG H 82 18.94 -46.95 -51.76
CA ARG H 82 19.81 -45.84 -52.11
C ARG H 82 19.95 -44.91 -50.92
N VAL H 83 21.21 -44.64 -50.54
CA VAL H 83 21.52 -43.88 -49.33
C VAL H 83 22.46 -42.73 -49.68
N ASN H 84 22.19 -41.55 -49.11
CA ASN H 84 23.06 -40.39 -49.32
C ASN H 84 23.43 -39.78 -47.97
N HIS H 85 24.70 -39.42 -47.82
CA HIS H 85 25.27 -38.96 -46.57
C HIS H 85 26.44 -38.03 -46.90
N VAL H 86 26.76 -37.15 -45.95
CA VAL H 86 27.83 -36.18 -46.16
C VAL H 86 29.15 -36.88 -46.46
N THR H 87 29.30 -38.12 -46.03
CA THR H 87 30.51 -38.90 -46.27
C THR H 87 30.53 -39.55 -47.65
N LEU H 88 29.49 -39.34 -48.47
CA LEU H 88 29.37 -39.98 -49.77
C LEU H 88 29.38 -38.91 -50.85
N SER H 89 30.33 -39.02 -51.78
CA SER H 89 30.43 -38.05 -52.86
C SER H 89 29.23 -38.15 -53.79
N GLN H 90 28.66 -39.33 -53.93
CA GLN H 90 27.45 -39.57 -54.71
C GLN H 90 26.65 -40.66 -54.02
N PRO H 91 25.35 -40.75 -54.28
CA PRO H 91 24.53 -41.77 -53.63
C PRO H 91 25.07 -43.18 -53.88
N LYS H 92 24.94 -44.02 -52.85
CA LYS H 92 25.36 -45.41 -52.93
C LYS H 92 24.14 -46.31 -52.99
N ILE H 93 24.14 -47.25 -53.92
CA ILE H 93 23.01 -48.14 -54.15
C ILE H 93 23.42 -49.56 -53.77
N VAL H 94 22.65 -50.18 -52.88
CA VAL H 94 22.87 -51.55 -52.46
C VAL H 94 21.66 -52.38 -52.88
N LYS H 95 21.91 -53.42 -53.68
CA LYS H 95 20.84 -54.24 -54.23
C LYS H 95 20.50 -55.39 -53.28
N TRP H 96 19.22 -55.77 -53.28
CA TRP H 96 18.77 -56.91 -52.51
C TRP H 96 19.28 -58.20 -53.16
N ASP H 97 19.95 -59.03 -52.36
CA ASP H 97 20.55 -60.27 -52.84
C ASP H 97 19.93 -61.46 -52.13
N ARG H 98 19.75 -62.55 -52.86
CA ARG H 98 19.20 -63.78 -52.30
C ARG H 98 19.48 -64.97 -53.22
#